data_7SIN
#
_entry.id   7SIN
#
_cell.length_a   1.00
_cell.length_b   1.00
_cell.length_c   1.00
_cell.angle_alpha   90.00
_cell.angle_beta   90.00
_cell.angle_gamma   90.00
#
_symmetry.space_group_name_H-M   'P 1'
#
loop_
_entity.id
_entity.type
_entity.pdbx_description
1 polymer 'Isoform 1 of Extracellular calcium-sensing receptor'
2 non-polymer 2-chloro-6-[(2R)-2-hydroxy-3-{[2-methyl-1-(naphthalen-2-yl)propan-2-yl]amino}propoxy]benzonitrile
#
_entity_poly.entity_id   1
_entity_poly.type   'polypeptide(L)'
_entity_poly.pdbx_seq_one_letter_code
;MAFYSCCWVLLALTWHTSAYGPDQRAQKKGDIILGGLFPIHFGVAAKDQDLKSRPESVECIRYNFRGFRWLQAMIFAIEE
INSSPALLPNLTLGYRIFDTCNTVSKALEATLSFVAQNKIDSLNLDEFCNCSEHIPSTIAVVGATGSGVSTAVANLLGLF
YIPQVSYASSSRLLSNKNQFKSFLRTIPNDEHQATAMADIIEYFRWNWVGTIAADDDYGRPGIEKFREEAEERDICIDFS
ELISQYSDEEEIQHVVEVIQNSTAKVIVVFSSGPDLEPLIKEIVRRNITGKIWLASEAWASSSLIAMPQYFHVVGGTIGF
ALKAGQIPGFREFLKKVHPRKSVHNGFAKEFWEETFNCHLQEGAKGPLPVDTFLRGHEESGDRFSNSSTAFRPLCTGDEN
ISSVETPYIDYTHLRISYNVYLAVYSIAHALQDIYTCLPGRGLFTNGSCADIKKVEAWQVLKHLRHLNFTNNMGEQVTFD
ECGDLVGNYSIINWHLSPEDGSIVFKEVGYYNVYAKKGERLFINEEKILWSGFSREVPFSNCSRDCLAGTRKGIIEGEPT
CCFECVECPDGEYSDETDASACNKCPDDFWSNENHTSCIAKEIEFLSWTEPFGIALTLFAVLGIFLTAFVLGVFIKFRNT
PIVKATNRELSYLLLFSLLCCFSSSLFFIGEPQDWTCRLRQPAFGISFVLCISCILVKTNRVLLVFEAKIPTSFHRKWWG
LNLQFLLVFLCTFMQIVICVIWLYTAPPSSYRNQELEDEIIFITCHEGSLMALGFLIGYTCLLAAICFFFAFKSRKLPEN
FNEAKFITFSMLIFFIVWISFIPAYASTYGKFVSAVEVIAILAASFGLLACIFFNKIYIILFKPSRNTIEDYKDDDDK
;
_entity_poly.pdbx_strand_id   A,B
#
loop_
_chem_comp.id
_chem_comp.type
_chem_comp.name
_chem_comp.formula
YP1 non-polymer 2-chloro-6-[(2R)-2-hydroxy-3-{[2-methyl-1-(naphthalen-2-yl)propan-2-yl]amino}propoxy]benzonitrile 'C24 H25 Cl N2 O2'
#
# COMPACT_ATOMS: atom_id res chain seq x y z
N GLY A 21 -51.96 -13.33 21.43
CA GLY A 21 -50.57 -13.51 21.06
C GLY A 21 -49.78 -14.25 22.12
N PRO A 22 -48.67 -13.66 22.57
CA PRO A 22 -47.89 -14.27 23.65
C PRO A 22 -48.70 -14.42 24.92
N ASP A 23 -48.47 -15.52 25.65
CA ASP A 23 -49.24 -15.78 26.87
C ASP A 23 -48.99 -14.71 27.92
N GLN A 24 -47.74 -14.26 28.05
CA GLN A 24 -47.40 -13.20 28.98
C GLN A 24 -47.59 -11.84 28.32
N ARG A 25 -48.39 -10.99 28.95
CA ARG A 25 -48.68 -9.67 28.40
C ARG A 25 -49.12 -8.75 29.53
N ALA A 26 -49.03 -7.45 29.28
CA ALA A 26 -49.51 -6.43 30.21
C ALA A 26 -50.60 -5.65 29.48
N GLN A 27 -51.86 -5.92 29.84
CA GLN A 27 -52.98 -5.36 29.11
C GLN A 27 -53.89 -4.60 30.06
N LYS A 28 -54.24 -3.37 29.67
CA LYS A 28 -55.32 -2.62 30.29
C LYS A 28 -56.05 -1.86 29.20
N LYS A 29 -57.37 -1.92 29.23
CA LYS A 29 -58.20 -1.40 28.15
C LYS A 29 -58.90 -0.13 28.60
N GLY A 30 -58.65 0.96 27.89
CA GLY A 30 -59.31 2.23 28.07
C GLY A 30 -59.96 2.70 26.79
N ASP A 31 -59.70 3.97 26.45
CA ASP A 31 -60.19 4.53 25.20
C ASP A 31 -59.12 4.69 24.13
N ILE A 32 -57.86 4.83 24.52
CA ILE A 32 -56.75 4.95 23.59
C ILE A 32 -55.71 3.90 23.95
N ILE A 33 -55.20 3.19 22.94
CA ILE A 33 -54.29 2.08 23.13
C ILE A 33 -52.94 2.43 22.51
N LEU A 34 -51.88 2.20 23.27
CA LEU A 34 -50.52 2.41 22.80
C LEU A 34 -49.81 1.06 22.73
N GLY A 35 -49.07 0.84 21.64
CA GLY A 35 -48.30 -0.38 21.51
C GLY A 35 -47.19 -0.46 22.53
N GLY A 36 -46.95 -1.68 23.00
CA GLY A 36 -45.91 -1.89 23.99
C GLY A 36 -44.99 -3.05 23.66
N LEU A 37 -43.70 -2.75 23.49
CA LEU A 37 -42.70 -3.78 23.20
C LEU A 37 -41.41 -3.42 23.92
N PHE A 38 -41.09 -4.18 24.95
CA PHE A 38 -39.82 -4.10 25.66
C PHE A 38 -39.36 -5.50 25.99
N PRO A 39 -38.05 -5.73 26.04
CA PRO A 39 -37.58 -7.05 26.47
C PRO A 39 -37.63 -7.20 27.97
N ILE A 40 -38.60 -7.96 28.48
CA ILE A 40 -38.67 -8.25 29.90
C ILE A 40 -37.87 -9.49 30.27
N HIS A 41 -37.73 -10.43 29.34
CA HIS A 41 -36.90 -11.61 29.53
C HIS A 41 -35.53 -11.36 28.91
N PHE A 42 -34.48 -11.74 29.63
CA PHE A 42 -33.12 -11.39 29.20
C PHE A 42 -32.71 -12.16 27.95
N GLY A 43 -33.15 -13.42 27.81
CA GLY A 43 -32.70 -14.22 26.69
C GLY A 43 -33.68 -15.29 26.24
N VAL A 44 -33.79 -15.45 24.92
CA VAL A 44 -34.63 -16.51 24.37
C VAL A 44 -33.82 -17.79 24.26
N ALA A 45 -34.47 -18.91 24.57
CA ALA A 45 -33.84 -20.22 24.44
C ALA A 45 -33.81 -20.61 22.97
N ALA A 46 -32.61 -20.70 22.40
CA ALA A 46 -32.48 -21.06 21.00
C ALA A 46 -32.98 -22.48 20.76
N LYS A 47 -33.69 -22.68 19.66
CA LYS A 47 -34.28 -23.98 19.37
C LYS A 47 -34.54 -24.07 17.87
N ASP A 48 -34.28 -25.25 17.31
CA ASP A 48 -34.53 -25.54 15.90
C ASP A 48 -35.62 -26.60 15.82
N GLN A 49 -36.70 -26.27 15.12
CA GLN A 49 -37.83 -27.18 14.98
C GLN A 49 -37.48 -28.33 14.07
N ASP A 50 -37.87 -29.55 14.46
CA ASP A 50 -37.53 -30.72 13.67
C ASP A 50 -38.39 -30.80 12.41
N LEU A 51 -39.45 -30.01 12.34
CA LEU A 51 -40.39 -29.93 11.22
C LEU A 51 -41.22 -31.21 11.08
N LYS A 52 -41.00 -32.20 11.94
CA LYS A 52 -41.83 -33.39 11.96
C LYS A 52 -43.12 -33.18 12.75
N SER A 53 -43.25 -32.03 13.40
CA SER A 53 -44.45 -31.66 14.13
C SER A 53 -44.97 -30.31 13.66
N ARG A 54 -46.12 -29.92 14.21
CA ARG A 54 -46.71 -28.64 13.91
C ARG A 54 -45.86 -27.51 14.51
N PRO A 55 -46.00 -26.27 14.00
CA PRO A 55 -45.09 -25.19 14.40
C PRO A 55 -44.99 -24.99 15.90
N GLU A 56 -43.76 -24.81 16.39
CA GLU A 56 -43.49 -24.51 17.78
C GLU A 56 -42.76 -23.18 17.87
N SER A 57 -43.20 -22.33 18.80
CA SER A 57 -42.59 -21.02 18.98
C SER A 57 -41.54 -21.12 20.06
N VAL A 58 -40.33 -20.65 19.73
CA VAL A 58 -39.25 -20.61 20.72
C VAL A 58 -39.64 -19.68 21.85
N GLU A 59 -39.12 -19.95 23.04
CA GLU A 59 -39.51 -19.22 24.23
C GLU A 59 -38.28 -18.69 24.96
N CYS A 60 -38.42 -17.51 25.53
CA CYS A 60 -37.43 -16.96 26.45
C CYS A 60 -37.51 -17.71 27.77
N ILE A 61 -36.35 -17.94 28.39
CA ILE A 61 -36.26 -18.63 29.66
C ILE A 61 -35.54 -17.79 30.71
N ARG A 62 -35.21 -16.55 30.39
CA ARG A 62 -34.51 -15.65 31.30
C ARG A 62 -35.42 -14.48 31.67
N TYR A 63 -34.84 -13.51 32.39
CA TYR A 63 -35.59 -12.33 32.82
C TYR A 63 -34.65 -11.12 32.82
N ASN A 64 -35.17 -9.99 32.35
CA ASN A 64 -34.41 -8.75 32.30
C ASN A 64 -35.01 -7.76 33.29
N PHE A 65 -34.18 -7.26 34.21
CA PHE A 65 -34.67 -6.30 35.20
C PHE A 65 -34.88 -4.92 34.60
N ARG A 66 -33.96 -4.49 33.71
CA ARG A 66 -34.08 -3.16 33.15
C ARG A 66 -35.27 -3.06 32.20
N GLY A 67 -35.58 -4.14 31.50
CA GLY A 67 -36.78 -4.15 30.67
C GLY A 67 -38.05 -3.99 31.49
N PHE A 68 -38.13 -4.70 32.62
CA PHE A 68 -39.26 -4.50 33.54
C PHE A 68 -39.28 -3.07 34.07
N ARG A 69 -38.10 -2.51 34.36
CA ARG A 69 -38.03 -1.12 34.81
C ARG A 69 -38.60 -0.18 33.76
N TRP A 70 -38.27 -0.41 32.49
CA TRP A 70 -38.78 0.45 31.42
C TRP A 70 -40.28 0.28 31.24
N LEU A 71 -40.76 -0.96 31.39
CA LEU A 71 -42.20 -1.21 31.33
C LEU A 71 -42.92 -0.46 32.44
N GLN A 72 -42.39 -0.54 33.65
CA GLN A 72 -42.98 0.20 34.77
C GLN A 72 -42.92 1.70 34.52
N ALA A 73 -41.84 2.18 33.91
CA ALA A 73 -41.75 3.60 33.57
C ALA A 73 -42.85 3.99 32.60
N MET A 74 -43.11 3.15 31.59
CA MET A 74 -44.19 3.43 30.65
C MET A 74 -45.53 3.47 31.35
N ILE A 75 -45.78 2.49 32.24
CA ILE A 75 -47.05 2.43 32.95
C ILE A 75 -47.23 3.67 33.82
N PHE A 76 -46.18 4.06 34.55
CA PHE A 76 -46.26 5.22 35.41
C PHE A 76 -46.46 6.50 34.60
N ALA A 77 -45.80 6.61 33.44
CA ALA A 77 -46.00 7.77 32.60
C ALA A 77 -47.43 7.86 32.10
N ILE A 78 -48.00 6.73 31.69
CA ILE A 78 -49.39 6.71 31.24
C ILE A 78 -50.32 7.11 32.37
N GLU A 79 -50.10 6.56 33.57
CA GLU A 79 -50.95 6.88 34.70
C GLU A 79 -50.84 8.36 35.08
N GLU A 80 -49.64 8.91 34.98
CA GLU A 80 -49.43 10.32 35.34
C GLU A 80 -50.07 11.25 34.31
N ILE A 81 -50.02 10.88 33.03
CA ILE A 81 -50.75 11.65 32.03
C ILE A 81 -52.26 11.56 32.29
N ASN A 82 -52.73 10.38 32.72
CA ASN A 82 -54.14 10.23 33.06
C ASN A 82 -54.53 11.13 34.23
N SER A 83 -53.67 11.19 35.26
CA SER A 83 -54.00 11.96 36.45
C SER A 83 -53.90 13.46 36.21
N SER A 84 -53.02 13.87 35.31
CA SER A 84 -52.82 15.30 35.06
C SER A 84 -54.05 15.86 34.34
N PRO A 85 -54.72 16.87 34.91
CA PRO A 85 -55.92 17.40 34.26
C PRO A 85 -55.61 18.27 33.05
N ALA A 86 -54.45 18.92 32.99
CA ALA A 86 -54.14 19.81 31.87
C ALA A 86 -53.88 19.04 30.58
N LEU A 87 -53.20 17.90 30.66
CA LEU A 87 -52.84 17.12 29.50
C LEU A 87 -53.80 15.95 29.36
N LEU A 88 -54.56 15.94 28.25
CA LEU A 88 -55.49 14.87 27.93
C LEU A 88 -56.52 14.64 29.03
N PRO A 89 -57.44 15.56 29.24
CA PRO A 89 -58.51 15.34 30.21
C PRO A 89 -59.69 14.59 29.58
N ASN A 90 -60.52 14.02 30.45
CA ASN A 90 -61.71 13.26 30.07
C ASN A 90 -61.39 12.07 29.18
N LEU A 91 -60.21 11.46 29.35
CA LEU A 91 -59.79 10.36 28.50
C LEU A 91 -59.13 9.29 29.34
N THR A 92 -59.15 8.06 28.83
CA THR A 92 -58.46 6.93 29.44
C THR A 92 -57.51 6.31 28.43
N LEU A 93 -56.24 6.22 28.80
CA LEU A 93 -55.21 5.66 27.93
C LEU A 93 -54.93 4.22 28.36
N GLY A 94 -55.25 3.27 27.48
CA GLY A 94 -54.98 1.87 27.71
C GLY A 94 -53.67 1.46 27.05
N TYR A 95 -53.14 0.33 27.52
CA TYR A 95 -51.87 -0.16 27.03
C TYR A 95 -51.95 -1.65 26.75
N ARG A 96 -51.14 -2.08 25.79
CA ARG A 96 -50.96 -3.49 25.45
C ARG A 96 -49.47 -3.71 25.24
N ILE A 97 -48.80 -4.18 26.29
CA ILE A 97 -47.36 -4.39 26.27
C ILE A 97 -47.10 -5.87 26.09
N PHE A 98 -46.33 -6.22 25.07
CA PHE A 98 -45.91 -7.59 24.81
C PHE A 98 -44.39 -7.67 24.91
N ASP A 99 -43.91 -8.67 25.64
CA ASP A 99 -42.47 -8.84 25.80
C ASP A 99 -41.82 -9.06 24.45
N THR A 100 -40.69 -8.36 24.22
CA THR A 100 -39.97 -8.51 22.97
C THR A 100 -39.46 -9.94 22.80
N CYS A 101 -39.00 -10.56 23.89
CA CYS A 101 -38.36 -11.88 23.90
C CYS A 101 -37.10 -11.84 23.05
N ASN A 102 -36.61 -10.64 22.72
CA ASN A 102 -35.40 -10.45 21.91
C ASN A 102 -35.48 -11.22 20.59
N THR A 103 -36.68 -11.39 20.06
CA THR A 103 -36.91 -12.22 18.87
C THR A 103 -37.70 -11.42 17.86
N VAL A 104 -37.28 -11.51 16.59
CA VAL A 104 -38.00 -10.84 15.52
C VAL A 104 -39.42 -11.38 15.41
N SER A 105 -39.56 -12.71 15.47
CA SER A 105 -40.87 -13.33 15.28
C SER A 105 -41.85 -12.93 16.38
N LYS A 106 -41.39 -12.87 17.63
CA LYS A 106 -42.26 -12.46 18.72
C LYS A 106 -42.77 -11.04 18.51
N ALA A 107 -41.86 -10.14 18.13
CA ALA A 107 -42.27 -8.77 17.87
C ALA A 107 -43.23 -8.69 16.69
N LEU A 108 -43.00 -9.47 15.65
CA LEU A 108 -43.92 -9.48 14.51
C LEU A 108 -45.31 -9.94 14.93
N GLU A 109 -45.37 -10.98 15.76
CA GLU A 109 -46.66 -11.48 16.24
C GLU A 109 -47.36 -10.42 17.09
N ALA A 110 -46.61 -9.75 17.97
CA ALA A 110 -47.20 -8.71 18.79
C ALA A 110 -47.70 -7.55 17.93
N THR A 111 -46.94 -7.18 16.89
CA THR A 111 -47.36 -6.13 15.98
C THR A 111 -48.64 -6.51 15.25
N LEU A 112 -48.71 -7.77 14.81
CA LEU A 112 -49.95 -8.27 14.22
C LEU A 112 -51.11 -8.13 15.21
N SER A 113 -50.86 -8.46 16.48
CA SER A 113 -51.89 -8.30 17.50
C SER A 113 -52.37 -6.86 17.58
N PHE A 114 -51.47 -5.91 17.37
CA PHE A 114 -51.84 -4.50 17.47
C PHE A 114 -52.75 -4.07 16.33
N VAL A 115 -52.53 -4.62 15.14
CA VAL A 115 -53.12 -4.07 13.93
C VAL A 115 -54.39 -4.82 13.52
N ALA A 116 -55.02 -5.54 14.45
CA ALA A 116 -56.07 -6.48 14.08
C ALA A 116 -57.21 -5.81 13.32
N GLN A 117 -57.79 -4.75 13.91
CA GLN A 117 -59.00 -4.16 13.33
C GLN A 117 -58.71 -3.42 12.03
N ASN A 118 -57.67 -2.60 12.00
CA ASN A 118 -57.36 -1.87 10.78
C ASN A 118 -56.90 -2.81 9.67
N LYS A 119 -56.18 -3.88 10.03
CA LYS A 119 -55.84 -4.90 9.03
C LYS A 119 -57.08 -5.57 8.48
N ILE A 120 -58.03 -5.93 9.35
CA ILE A 120 -59.26 -6.57 8.90
C ILE A 120 -60.02 -5.63 7.96
N ASP A 121 -60.11 -4.35 8.34
CA ASP A 121 -60.81 -3.35 7.53
C ASP A 121 -60.12 -3.17 6.19
N SER A 122 -58.78 -3.17 6.18
CA SER A 122 -58.03 -2.85 4.98
C SER A 122 -57.76 -4.06 4.09
N LEU A 123 -58.08 -5.28 4.54
CA LEU A 123 -57.89 -6.48 3.74
C LEU A 123 -59.21 -6.98 3.19
N ASN A 124 -59.25 -7.19 1.88
CA ASN A 124 -60.43 -7.74 1.22
C ASN A 124 -60.64 -9.18 1.65
N LEU A 125 -61.90 -9.61 1.61
CA LEU A 125 -62.41 -10.93 1.97
C LEU A 125 -62.34 -11.17 3.48
N ASP A 126 -61.80 -10.24 4.25
CA ASP A 126 -61.82 -10.33 5.70
C ASP A 126 -62.93 -9.51 6.34
N GLU A 127 -63.52 -8.57 5.61
CA GLU A 127 -64.67 -7.83 6.10
C GLU A 127 -65.89 -8.72 6.29
N PHE A 128 -65.90 -9.90 5.65
CA PHE A 128 -67.02 -10.83 5.76
C PHE A 128 -67.15 -11.43 7.15
N CYS A 129 -66.14 -11.27 8.01
CA CYS A 129 -66.28 -11.70 9.40
C CYS A 129 -67.38 -10.93 10.11
N ASN A 130 -67.73 -9.74 9.61
CA ASN A 130 -68.68 -8.85 10.25
C ASN A 130 -68.23 -8.55 11.67
N CYS A 131 -66.97 -8.14 11.82
CA CYS A 131 -66.41 -7.90 13.14
C CYS A 131 -67.10 -6.74 13.82
N SER A 132 -67.22 -6.82 15.14
CA SER A 132 -67.79 -5.75 15.94
C SER A 132 -66.72 -4.91 16.62
N GLU A 133 -65.54 -4.82 16.02
CA GLU A 133 -64.43 -4.04 16.55
C GLU A 133 -64.08 -4.47 17.97
N HIS A 134 -63.66 -5.73 18.13
CA HIS A 134 -63.33 -6.23 19.46
C HIS A 134 -61.97 -5.74 19.96
N ILE A 135 -61.17 -5.09 19.13
CA ILE A 135 -59.86 -4.59 19.54
C ILE A 135 -59.85 -3.07 19.36
N PRO A 136 -59.56 -2.30 20.42
CA PRO A 136 -59.43 -0.86 20.25
C PRO A 136 -58.27 -0.51 19.33
N SER A 137 -58.42 0.55 18.54
CA SER A 137 -57.41 0.91 17.56
C SER A 137 -56.16 1.44 18.25
N THR A 138 -55.09 0.65 18.20
CA THR A 138 -53.80 1.10 18.72
C THR A 138 -53.26 2.23 17.85
N ILE A 139 -52.80 3.30 18.48
CA ILE A 139 -52.35 4.47 17.76
C ILE A 139 -50.86 4.43 17.44
N ALA A 140 -50.01 4.02 18.38
CA ALA A 140 -48.58 4.01 18.16
C ALA A 140 -47.95 2.95 19.06
N VAL A 141 -46.71 2.60 18.73
CA VAL A 141 -45.99 1.52 19.40
C VAL A 141 -44.71 2.07 19.99
N VAL A 142 -44.45 1.75 21.24
CA VAL A 142 -43.21 2.10 21.93
C VAL A 142 -42.30 0.89 21.88
N GLY A 143 -41.14 1.05 21.25
CA GLY A 143 -40.22 -0.05 21.03
C GLY A 143 -39.88 -0.17 19.56
N ALA A 144 -39.06 -1.16 19.25
CA ALA A 144 -38.47 -2.04 20.24
C ALA A 144 -36.97 -1.80 20.33
N THR A 145 -36.29 -2.61 21.15
CA THR A 145 -34.86 -2.48 21.36
C THR A 145 -34.04 -3.01 20.18
N GLY A 146 -34.38 -4.20 19.68
CA GLY A 146 -33.64 -4.77 18.57
C GLY A 146 -33.75 -3.91 17.32
N SER A 147 -32.60 -3.64 16.71
CA SER A 147 -32.57 -2.78 15.53
C SER A 147 -33.22 -3.46 14.33
N GLY A 148 -32.84 -4.70 14.04
CA GLY A 148 -33.50 -5.43 12.97
C GLY A 148 -34.96 -5.74 13.30
N VAL A 149 -35.22 -6.04 14.58
CA VAL A 149 -36.60 -6.17 15.05
C VAL A 149 -37.38 -4.91 14.73
N SER A 150 -36.81 -3.75 15.06
CA SER A 150 -37.47 -2.49 14.77
C SER A 150 -37.66 -2.31 13.26
N THR A 151 -36.67 -2.71 12.47
CA THR A 151 -36.79 -2.60 11.01
C THR A 151 -37.98 -3.40 10.50
N ALA A 152 -38.09 -4.65 10.95
CA ALA A 152 -39.20 -5.50 10.50
C ALA A 152 -40.54 -4.92 10.97
N VAL A 153 -40.60 -4.46 12.22
CA VAL A 153 -41.84 -3.92 12.75
C VAL A 153 -42.24 -2.68 11.96
N ALA A 154 -41.27 -1.83 11.62
CA ALA A 154 -41.57 -0.66 10.81
C ALA A 154 -42.02 -1.06 9.42
N ASN A 155 -41.42 -2.11 8.86
CA ASN A 155 -41.86 -2.61 7.57
C ASN A 155 -43.34 -2.98 7.61
N LEU A 156 -43.74 -3.70 8.64
CA LEU A 156 -45.13 -4.13 8.74
C LEU A 156 -46.06 -2.96 9.04
N LEU A 157 -45.64 -2.04 9.92
CA LEU A 157 -46.51 -0.96 10.37
C LEU A 157 -46.69 0.11 9.31
N GLY A 158 -45.64 0.43 8.55
CA GLY A 158 -45.75 1.44 7.52
C GLY A 158 -46.77 1.12 6.46
N LEU A 159 -47.14 -0.16 6.33
CA LEU A 159 -48.25 -0.51 5.46
C LEU A 159 -49.53 0.15 5.92
N PHE A 160 -49.75 0.21 7.24
CA PHE A 160 -50.95 0.83 7.80
C PHE A 160 -50.72 2.28 8.22
N TYR A 161 -49.53 2.82 8.01
CA TYR A 161 -49.20 4.19 8.40
C TYR A 161 -49.47 4.42 9.88
N ILE A 162 -49.14 3.43 10.71
CA ILE A 162 -49.27 3.55 12.16
C ILE A 162 -47.91 3.92 12.73
N PRO A 163 -47.79 5.04 13.43
CA PRO A 163 -46.46 5.49 13.87
C PRO A 163 -45.84 4.55 14.88
N GLN A 164 -44.51 4.44 14.83
CA GLN A 164 -43.73 3.66 15.76
C GLN A 164 -42.64 4.56 16.35
N VAL A 165 -42.73 4.84 17.64
CA VAL A 165 -41.77 5.68 18.34
C VAL A 165 -40.87 4.76 19.15
N SER A 166 -39.74 4.38 18.57
CA SER A 166 -38.78 3.52 19.23
C SER A 166 -38.01 4.28 20.30
N TYR A 167 -37.51 3.52 21.28
CA TYR A 167 -36.79 4.10 22.40
C TYR A 167 -35.36 3.60 22.54
N ALA A 168 -35.03 2.42 22.02
CA ALA A 168 -33.69 1.86 22.19
C ALA A 168 -33.03 1.43 20.89
N SER A 169 -33.72 1.44 19.75
CA SER A 169 -33.14 1.04 18.48
C SER A 169 -32.44 2.23 17.85
N SER A 170 -31.12 2.15 17.69
CA SER A 170 -30.33 3.20 17.09
C SER A 170 -29.40 2.61 16.05
N SER A 171 -29.55 3.07 14.81
CA SER A 171 -28.71 2.62 13.70
C SER A 171 -28.93 3.50 12.48
N ARG A 172 -27.86 3.75 11.72
CA ARG A 172 -28.01 4.49 10.48
C ARG A 172 -28.85 3.74 9.46
N LEU A 173 -28.90 2.41 9.55
CA LEU A 173 -29.78 1.63 8.70
C LEU A 173 -31.24 1.99 8.92
N LEU A 174 -31.61 2.36 10.14
CA LEU A 174 -32.95 2.83 10.45
C LEU A 174 -33.23 4.21 9.87
N SER A 175 -32.21 4.90 9.36
CA SER A 175 -32.39 6.19 8.72
C SER A 175 -32.88 6.08 7.28
N ASN A 176 -32.85 4.88 6.71
CA ASN A 176 -33.33 4.65 5.36
C ASN A 176 -34.86 4.61 5.39
N LYS A 177 -35.49 5.67 4.92
CA LYS A 177 -36.94 5.82 5.02
C LYS A 177 -37.60 5.68 3.66
N ASN A 178 -37.06 4.80 2.82
CA ASN A 178 -37.78 4.31 1.65
C ASN A 178 -38.52 3.01 1.95
N GLN A 179 -38.09 2.26 2.97
CA GLN A 179 -38.83 1.14 3.50
C GLN A 179 -39.70 1.50 4.69
N PHE A 180 -39.42 2.62 5.37
CA PHE A 180 -40.16 3.05 6.53
C PHE A 180 -40.96 4.30 6.19
N LYS A 181 -42.21 4.35 6.65
CA LYS A 181 -43.06 5.51 6.44
C LYS A 181 -43.66 6.05 7.73
N SER A 182 -43.38 5.40 8.87
CA SER A 182 -43.93 5.85 10.14
C SER A 182 -42.92 5.76 11.27
N PHE A 183 -41.63 5.72 10.94
CA PHE A 183 -40.60 5.48 11.94
C PHE A 183 -40.21 6.78 12.64
N LEU A 184 -40.14 6.73 13.97
CA LEU A 184 -39.63 7.82 14.78
C LEU A 184 -38.90 7.18 15.95
N ARG A 185 -37.99 7.93 16.57
CA ARG A 185 -37.20 7.36 17.65
C ARG A 185 -36.80 8.46 18.63
N THR A 186 -36.46 8.04 19.84
CA THR A 186 -36.12 8.95 20.93
C THR A 186 -34.78 8.54 21.53
N ILE A 187 -33.88 8.06 20.68
CA ILE A 187 -32.52 7.70 21.11
C ILE A 187 -31.55 8.29 20.10
N PRO A 188 -30.42 8.84 20.54
CA PRO A 188 -29.45 9.39 19.59
C PRO A 188 -28.93 8.32 18.63
N ASN A 189 -28.75 8.74 17.38
CA ASN A 189 -28.29 7.82 16.35
C ASN A 189 -26.82 7.48 16.53
N ASP A 190 -26.44 6.27 16.14
CA ASP A 190 -25.07 5.82 16.25
C ASP A 190 -24.09 6.65 15.44
N GLU A 191 -24.55 7.31 14.37
CA GLU A 191 -23.67 8.20 13.62
C GLU A 191 -23.13 9.30 14.53
N HIS A 192 -24.02 9.90 15.33
CA HIS A 192 -23.59 10.95 16.24
C HIS A 192 -22.63 10.40 17.30
N GLN A 193 -22.88 9.19 17.80
CA GLN A 193 -22.02 8.63 18.83
C GLN A 193 -20.61 8.36 18.28
N ALA A 194 -20.53 7.74 17.09
CA ALA A 194 -19.23 7.48 16.49
C ALA A 194 -18.50 8.78 16.16
N THR A 195 -19.21 9.77 15.61
CA THR A 195 -18.59 11.04 15.31
C THR A 195 -18.12 11.74 16.59
N ALA A 196 -18.87 11.61 17.68
CA ALA A 196 -18.44 12.20 18.94
C ALA A 196 -17.20 11.50 19.48
N MET A 197 -17.11 10.19 19.33
CA MET A 197 -15.90 9.48 19.71
C MET A 197 -14.70 9.97 18.89
N ALA A 198 -14.92 10.13 17.58
CA ALA A 198 -13.86 10.66 16.72
C ALA A 198 -13.46 12.07 17.16
N ASP A 199 -14.45 12.88 17.55
CA ASP A 199 -14.14 14.24 18.00
C ASP A 199 -13.37 14.22 19.31
N ILE A 200 -13.68 13.29 20.20
CA ILE A 200 -12.91 13.18 21.43
C ILE A 200 -11.47 12.80 21.13
N ILE A 201 -11.27 11.86 20.21
CA ILE A 201 -9.90 11.48 19.85
C ILE A 201 -9.17 12.67 19.21
N GLU A 202 -9.84 13.39 18.32
CA GLU A 202 -9.20 14.49 17.62
C GLU A 202 -8.88 15.65 18.55
N TYR A 203 -9.77 15.94 19.50
CA TYR A 203 -9.59 17.07 20.40
C TYR A 203 -8.32 16.94 21.21
N PHE A 204 -8.04 15.74 21.72
CA PHE A 204 -6.89 15.54 22.59
C PHE A 204 -5.62 15.25 21.82
N ARG A 205 -5.60 15.49 20.51
CA ARG A 205 -4.40 15.34 19.68
C ARG A 205 -3.84 13.93 19.79
N TRP A 206 -4.68 12.92 19.58
CA TRP A 206 -4.24 11.54 19.49
C TRP A 206 -4.52 11.00 18.09
N ASN A 207 -3.66 10.09 17.65
CA ASN A 207 -3.87 9.39 16.38
C ASN A 207 -3.72 7.89 16.48
N TRP A 208 -3.13 7.37 17.55
CA TRP A 208 -2.95 5.93 17.74
C TRP A 208 -3.88 5.49 18.87
N VAL A 209 -5.04 4.94 18.49
CA VAL A 209 -6.03 4.45 19.45
C VAL A 209 -6.53 3.10 18.98
N GLY A 210 -6.72 2.18 19.92
CA GLY A 210 -7.32 0.90 19.60
C GLY A 210 -8.85 1.00 19.58
N THR A 211 -9.48 0.08 18.85
CA THR A 211 -10.93 0.05 18.73
C THR A 211 -11.45 -1.35 19.01
N ILE A 212 -12.47 -1.45 19.86
CA ILE A 212 -13.17 -2.68 20.14
C ILE A 212 -14.65 -2.44 19.88
N ALA A 213 -15.29 -3.36 19.15
CA ALA A 213 -16.68 -3.21 18.77
C ALA A 213 -17.47 -4.47 19.14
N ALA A 214 -18.75 -4.27 19.41
CA ALA A 214 -19.64 -5.39 19.71
C ALA A 214 -20.00 -6.12 18.42
N ASP A 215 -20.12 -7.44 18.50
CA ASP A 215 -20.51 -8.26 17.36
C ASP A 215 -22.03 -8.28 17.25
N ASP A 216 -22.59 -7.14 16.84
CA ASP A 216 -24.02 -6.97 16.70
C ASP A 216 -24.29 -5.77 15.80
N ASP A 217 -25.56 -5.43 15.67
CA ASP A 217 -25.99 -4.30 14.84
C ASP A 217 -25.79 -2.96 15.54
N TYR A 218 -25.30 -2.97 16.78
CA TYR A 218 -25.01 -1.75 17.53
C TYR A 218 -23.53 -1.39 17.46
N GLY A 219 -22.65 -2.38 17.56
CA GLY A 219 -21.23 -2.08 17.59
C GLY A 219 -20.61 -2.01 16.20
N ARG A 220 -21.04 -2.90 15.31
CA ARG A 220 -20.44 -2.95 13.97
C ARG A 220 -20.69 -1.68 13.17
N PRO A 221 -21.94 -1.16 13.05
CA PRO A 221 -22.10 0.13 12.38
C PRO A 221 -21.36 1.26 13.06
N GLY A 222 -21.28 1.22 14.39
CA GLY A 222 -20.53 2.25 15.10
C GLY A 222 -19.06 2.27 14.75
N ILE A 223 -18.43 1.09 14.73
CA ILE A 223 -17.01 1.05 14.38
C ILE A 223 -16.80 1.37 12.91
N GLU A 224 -17.75 0.99 12.04
CA GLU A 224 -17.62 1.36 10.63
C GLU A 224 -17.66 2.88 10.45
N LYS A 225 -18.61 3.55 11.10
CA LYS A 225 -18.67 5.01 11.03
C LYS A 225 -17.44 5.63 11.68
N PHE A 226 -16.94 5.04 12.76
CA PHE A 226 -15.73 5.55 13.40
C PHE A 226 -14.55 5.49 12.45
N ARG A 227 -14.40 4.36 11.73
CA ARG A 227 -13.33 4.24 10.76
C ARG A 227 -13.49 5.25 9.63
N GLU A 228 -14.72 5.43 9.15
CA GLU A 228 -14.94 6.37 8.06
C GLU A 228 -14.61 7.80 8.48
N GLU A 229 -14.99 8.18 9.69
CA GLU A 229 -14.63 9.50 10.20
C GLU A 229 -13.13 9.63 10.44
N ALA A 230 -12.50 8.57 10.94
CA ALA A 230 -11.06 8.60 11.19
C ALA A 230 -10.28 8.76 9.89
N GLU A 231 -10.83 8.24 8.79
CA GLU A 231 -10.20 8.47 7.49
C GLU A 231 -10.13 9.96 7.17
N GLU A 232 -11.20 10.70 7.49
CA GLU A 232 -11.19 12.13 7.26
C GLU A 232 -10.26 12.86 8.22
N ARG A 233 -10.33 12.53 9.51
CA ARG A 233 -9.62 13.27 10.53
C ARG A 233 -8.23 12.73 10.80
N ASP A 234 -7.67 11.95 9.88
CA ASP A 234 -6.30 11.48 9.95
C ASP A 234 -6.03 10.73 11.26
N ILE A 235 -6.97 9.86 11.62
CA ILE A 235 -6.89 9.07 12.82
C ILE A 235 -6.70 7.61 12.42
N CYS A 236 -5.80 6.93 13.11
CA CYS A 236 -5.42 5.56 12.76
C CYS A 236 -6.04 4.58 13.73
N ILE A 237 -6.34 3.38 13.19
CA ILE A 237 -6.94 2.29 13.94
C ILE A 237 -5.96 1.13 14.00
N ASP A 238 -5.33 0.93 15.16
CA ASP A 238 -4.34 -0.12 15.31
C ASP A 238 -4.98 -1.50 15.14
N PHE A 239 -6.07 -1.74 15.87
CA PHE A 239 -6.73 -3.04 15.84
C PHE A 239 -8.24 -2.86 15.90
N SER A 240 -8.95 -3.78 15.25
CA SER A 240 -10.41 -3.80 15.22
C SER A 240 -10.88 -5.17 15.66
N GLU A 241 -11.04 -5.35 16.96
CA GLU A 241 -11.43 -6.63 17.54
C GLU A 241 -12.90 -6.61 17.91
N LEU A 242 -13.57 -7.73 17.63
CA LEU A 242 -14.97 -7.92 17.99
C LEU A 242 -15.07 -8.90 19.16
N ILE A 243 -15.77 -8.50 20.21
CA ILE A 243 -15.98 -9.35 21.38
C ILE A 243 -17.45 -9.38 21.73
N SER A 244 -17.83 -10.42 22.48
CA SER A 244 -19.20 -10.58 22.96
C SER A 244 -19.15 -11.41 24.23
N GLN A 245 -20.32 -11.79 24.72
CA GLN A 245 -20.40 -12.66 25.89
C GLN A 245 -20.27 -14.14 25.52
N TYR A 246 -20.35 -14.47 24.24
CA TYR A 246 -20.18 -15.85 23.76
C TYR A 246 -18.78 -16.11 23.22
N SER A 247 -17.90 -15.11 23.21
CA SER A 247 -16.53 -15.32 22.75
C SER A 247 -15.79 -16.23 23.71
N ASP A 248 -14.92 -17.06 23.17
CA ASP A 248 -14.15 -17.99 23.99
C ASP A 248 -13.17 -17.23 24.88
N GLU A 249 -12.86 -17.85 26.03
CA GLU A 249 -11.87 -17.25 26.93
C GLU A 249 -10.53 -17.11 26.24
N GLU A 250 -10.21 -18.03 25.32
CA GLU A 250 -9.00 -17.88 24.51
C GLU A 250 -9.06 -16.63 23.66
N GLU A 251 -10.23 -16.35 23.07
CA GLU A 251 -10.38 -15.13 22.28
C GLU A 251 -10.20 -13.89 23.15
N ILE A 252 -10.78 -13.89 24.35
CA ILE A 252 -10.65 -12.73 25.23
C ILE A 252 -9.20 -12.52 25.63
N GLN A 253 -8.49 -13.61 25.97
CA GLN A 253 -7.09 -13.48 26.33
C GLN A 253 -6.25 -13.03 25.15
N HIS A 254 -6.60 -13.46 23.93
CA HIS A 254 -5.93 -12.97 22.74
C HIS A 254 -6.14 -11.47 22.55
N VAL A 255 -7.36 -10.99 22.79
CA VAL A 255 -7.63 -9.56 22.73
C VAL A 255 -6.79 -8.82 23.76
N VAL A 256 -6.70 -9.36 24.98
CA VAL A 256 -5.88 -8.72 26.00
C VAL A 256 -4.42 -8.67 25.58
N GLU A 257 -3.93 -9.76 24.99
CA GLU A 257 -2.54 -9.79 24.53
C GLU A 257 -2.27 -8.76 23.45
N VAL A 258 -3.14 -8.67 22.43
CA VAL A 258 -2.91 -7.67 21.40
C VAL A 258 -3.09 -6.26 21.94
N ILE A 259 -3.90 -6.08 23.00
CA ILE A 259 -3.95 -4.79 23.67
C ILE A 259 -2.61 -4.47 24.31
N GLN A 260 -2.01 -5.45 24.99
CA GLN A 260 -0.69 -5.23 25.59
C GLN A 260 0.37 -5.00 24.51
N ASN A 261 0.27 -5.72 23.39
CA ASN A 261 1.19 -5.56 22.27
C ASN A 261 0.90 -4.30 21.46
N SER A 262 0.02 -3.42 21.96
CA SER A 262 -0.33 -2.19 21.27
C SER A 262 0.23 -0.99 21.99
N THR A 263 0.83 -0.08 21.22
CA THR A 263 1.34 1.17 21.75
C THR A 263 0.24 2.07 22.28
N ALA A 264 -0.91 2.08 21.63
CA ALA A 264 -2.02 2.96 22.01
C ALA A 264 -2.44 2.71 23.46
N LYS A 265 -2.60 3.79 24.21
CA LYS A 265 -3.16 3.69 25.55
C LYS A 265 -4.63 4.09 25.62
N VAL A 266 -5.23 4.43 24.49
CA VAL A 266 -6.62 4.86 24.43
C VAL A 266 -7.40 3.83 23.61
N ILE A 267 -8.41 3.22 24.23
CA ILE A 267 -9.19 2.16 23.61
C ILE A 267 -10.64 2.63 23.51
N VAL A 268 -11.12 2.80 22.29
CA VAL A 268 -12.50 3.16 22.02
C VAL A 268 -13.32 1.89 22.03
N VAL A 269 -14.18 1.75 23.04
CA VAL A 269 -15.03 0.57 23.20
C VAL A 269 -16.46 0.96 22.82
N PHE A 270 -16.99 0.30 21.79
CA PHE A 270 -18.36 0.53 21.33
C PHE A 270 -19.07 -0.82 21.45
N SER A 271 -19.58 -1.09 22.65
CA SER A 271 -20.20 -2.37 22.95
C SER A 271 -21.13 -2.27 24.14
N SER A 272 -21.59 -3.42 24.64
CA SER A 272 -22.46 -3.48 25.80
C SER A 272 -21.70 -4.03 26.99
N GLY A 273 -22.19 -3.72 28.18
CA GLY A 273 -21.56 -4.14 29.41
C GLY A 273 -21.41 -5.64 29.54
N PRO A 274 -22.48 -6.39 29.28
CA PRO A 274 -22.33 -7.86 29.25
C PRO A 274 -21.30 -8.33 28.22
N ASP A 275 -21.21 -7.65 27.07
CA ASP A 275 -20.22 -8.05 26.07
C ASP A 275 -18.80 -7.72 26.51
N LEU A 276 -18.64 -6.72 27.37
CA LEU A 276 -17.33 -6.27 27.81
C LEU A 276 -16.84 -6.93 29.09
N GLU A 277 -17.76 -7.47 29.90
CA GLU A 277 -17.37 -7.95 31.22
C GLU A 277 -16.31 -9.05 31.22
N PRO A 278 -16.36 -10.07 30.34
CA PRO A 278 -15.24 -11.04 30.34
C PRO A 278 -13.89 -10.40 30.05
N LEU A 279 -13.84 -9.45 29.12
CA LEU A 279 -12.58 -8.77 28.83
C LEU A 279 -12.12 -7.95 30.03
N ILE A 280 -13.06 -7.29 30.70
CA ILE A 280 -12.73 -6.52 31.91
C ILE A 280 -12.15 -7.44 32.97
N LYS A 281 -12.78 -8.61 33.17
CA LYS A 281 -12.28 -9.56 34.16
C LYS A 281 -10.87 -10.03 33.82
N GLU A 282 -10.65 -10.37 32.53
CA GLU A 282 -9.34 -10.85 32.12
C GLU A 282 -8.27 -9.78 32.30
N ILE A 283 -8.58 -8.53 31.98
CA ILE A 283 -7.62 -7.45 32.16
C ILE A 283 -7.35 -7.20 33.64
N VAL A 284 -8.40 -7.26 34.46
CA VAL A 284 -8.23 -7.10 35.91
C VAL A 284 -7.29 -8.17 36.44
N ARG A 285 -7.43 -9.40 35.95
CA ARG A 285 -6.52 -10.47 36.36
C ARG A 285 -5.08 -10.15 35.97
N ARG A 286 -4.88 -9.43 34.87
CA ARG A 286 -3.54 -9.15 34.36
C ARG A 286 -3.03 -7.76 34.74
N ASN A 287 -3.86 -6.94 35.38
CA ASN A 287 -3.44 -5.65 35.93
C ASN A 287 -2.81 -4.72 34.90
N ILE A 288 -3.57 -4.33 33.89
CA ILE A 288 -3.13 -3.32 32.93
C ILE A 288 -3.79 -2.00 33.33
N THR A 289 -3.01 -1.13 33.99
CA THR A 289 -3.54 0.12 34.55
C THR A 289 -3.11 1.35 33.77
N GLY A 290 -2.87 1.22 32.48
CA GLY A 290 -2.40 2.34 31.68
C GLY A 290 -3.26 2.64 30.47
N LYS A 291 -4.32 1.88 30.26
CA LYS A 291 -5.17 2.05 29.09
C LYS A 291 -6.30 3.02 29.41
N ILE A 292 -6.56 3.95 28.50
CA ILE A 292 -7.65 4.91 28.61
C ILE A 292 -8.84 4.34 27.87
N TRP A 293 -10.00 4.31 28.53
CA TRP A 293 -11.19 3.68 27.98
C TRP A 293 -12.16 4.75 27.49
N LEU A 294 -12.48 4.70 26.20
CA LEU A 294 -13.57 5.49 25.64
C LEU A 294 -14.84 4.64 25.69
N ALA A 295 -15.84 5.10 26.43
CA ALA A 295 -17.00 4.29 26.75
C ALA A 295 -18.19 4.71 25.90
N SER A 296 -18.82 3.73 25.26
CA SER A 296 -20.09 3.96 24.59
C SER A 296 -21.21 4.05 25.61
N GLU A 297 -22.34 4.59 25.18
CA GLU A 297 -23.47 4.81 26.08
C GLU A 297 -23.94 3.49 26.69
N ALA A 298 -23.81 2.40 25.95
CA ALA A 298 -24.32 1.12 26.43
C ALA A 298 -23.62 0.66 27.70
N TRP A 299 -22.30 0.82 27.77
CA TRP A 299 -21.56 0.36 28.93
C TRP A 299 -21.06 1.51 29.80
N ALA A 300 -21.45 2.74 29.50
CA ALA A 300 -21.17 3.88 30.36
C ALA A 300 -22.23 4.07 31.43
N SER A 301 -23.32 3.28 31.39
CA SER A 301 -24.36 3.36 32.40
C SER A 301 -24.69 1.96 32.91
N SER A 302 -23.67 1.15 33.14
CA SER A 302 -23.86 -0.22 33.59
C SER A 302 -23.13 -0.42 34.91
N SER A 303 -23.79 -1.13 35.83
CA SER A 303 -23.19 -1.46 37.11
C SER A 303 -22.46 -2.80 37.06
N LEU A 304 -22.53 -3.50 35.92
CA LEU A 304 -21.78 -4.72 35.72
C LEU A 304 -20.31 -4.47 35.44
N ILE A 305 -19.93 -3.27 35.01
CA ILE A 305 -18.54 -2.92 34.78
C ILE A 305 -18.01 -1.96 35.85
N ALA A 306 -18.86 -1.11 36.41
CA ALA A 306 -18.44 -0.12 37.41
C ALA A 306 -18.20 -0.84 38.73
N MET A 307 -16.98 -1.35 38.90
CA MET A 307 -16.57 -2.02 40.14
C MET A 307 -15.48 -1.18 40.78
N PRO A 308 -15.73 -0.58 41.95
CA PRO A 308 -14.67 0.23 42.59
C PRO A 308 -13.42 -0.57 42.91
N GLN A 309 -13.58 -1.85 43.27
CA GLN A 309 -12.42 -2.71 43.47
C GLN A 309 -11.59 -2.80 42.20
N TYR A 310 -12.24 -2.74 41.05
CA TYR A 310 -11.56 -2.76 39.75
C TYR A 310 -11.16 -1.38 39.28
N PHE A 311 -11.45 -0.33 40.05
CA PHE A 311 -11.26 1.04 39.59
C PHE A 311 -9.82 1.28 39.17
N HIS A 312 -8.86 0.93 40.02
CA HIS A 312 -7.45 1.20 39.71
C HIS A 312 -7.03 0.49 38.43
N VAL A 313 -7.72 -0.59 38.07
CA VAL A 313 -7.43 -1.28 36.81
C VAL A 313 -7.85 -0.42 35.63
N VAL A 314 -9.04 0.17 35.69
CA VAL A 314 -9.64 0.86 34.55
C VAL A 314 -10.03 2.29 34.89
N GLY A 315 -9.36 2.92 35.84
CA GLY A 315 -9.69 4.30 36.18
C GLY A 315 -9.40 5.25 35.04
N GLY A 316 -10.08 6.39 35.08
CA GLY A 316 -9.93 7.39 34.04
C GLY A 316 -10.76 7.15 32.79
N THR A 317 -11.75 6.25 32.86
CA THR A 317 -12.57 5.95 31.70
C THR A 317 -13.44 7.16 31.36
N ILE A 318 -13.54 7.47 30.06
CA ILE A 318 -14.36 8.56 29.56
C ILE A 318 -15.51 7.94 28.78
N GLY A 319 -16.73 8.42 29.03
CA GLY A 319 -17.90 7.83 28.42
C GLY A 319 -19.03 8.81 28.20
N PHE A 320 -19.92 8.43 27.29
CA PHE A 320 -21.14 9.17 27.02
C PHE A 320 -22.29 8.54 27.81
N ALA A 321 -23.04 9.38 28.52
CA ALA A 321 -24.21 8.89 29.25
C ALA A 321 -25.34 9.90 29.07
N LEU A 322 -26.56 9.37 29.04
CA LEU A 322 -27.73 10.24 28.94
C LEU A 322 -27.97 10.96 30.26
N LYS A 323 -28.29 12.24 30.16
CA LYS A 323 -28.55 13.07 31.33
C LYS A 323 -29.76 12.54 32.10
N ALA A 324 -29.70 12.66 33.41
CA ALA A 324 -30.82 12.20 34.25
C ALA A 324 -32.06 13.02 33.97
N GLY A 325 -33.20 12.34 33.87
CA GLY A 325 -34.48 12.98 33.62
C GLY A 325 -35.23 13.21 34.92
N GLN A 326 -36.37 13.88 34.82
CA GLN A 326 -37.20 14.18 35.98
C GLN A 326 -38.42 13.25 35.95
N ILE A 327 -38.37 12.20 36.76
CA ILE A 327 -39.50 11.28 36.92
C ILE A 327 -39.89 11.26 38.38
N PRO A 328 -40.83 12.11 38.81
CA PRO A 328 -41.19 12.16 40.24
C PRO A 328 -41.75 10.83 40.72
N GLY A 329 -41.41 10.47 41.95
CA GLY A 329 -41.96 9.29 42.60
C GLY A 329 -41.77 8.00 41.82
N PHE A 330 -40.64 7.88 41.10
CA PHE A 330 -40.39 6.65 40.36
C PHE A 330 -39.98 5.52 41.30
N ARG A 331 -39.12 5.80 42.28
CA ARG A 331 -38.70 4.77 43.22
C ARG A 331 -39.87 4.30 44.07
N GLU A 332 -40.74 5.23 44.48
CA GLU A 332 -41.94 4.85 45.23
C GLU A 332 -42.86 3.97 44.38
N PHE A 333 -43.03 4.32 43.10
CA PHE A 333 -43.82 3.49 42.20
C PHE A 333 -43.22 2.10 42.07
N LEU A 334 -41.88 2.02 41.99
CA LEU A 334 -41.23 0.71 41.95
C LEU A 334 -41.48 -0.07 43.22
N LYS A 335 -41.51 0.63 44.37
CA LYS A 335 -41.83 -0.04 45.63
C LYS A 335 -43.29 -0.46 45.70
N LYS A 336 -44.13 0.01 44.78
CA LYS A 336 -45.53 -0.38 44.77
C LYS A 336 -45.81 -1.61 43.91
N VAL A 337 -44.77 -2.29 43.43
CA VAL A 337 -44.99 -3.51 42.66
C VAL A 337 -45.57 -4.58 43.57
N HIS A 338 -46.66 -5.20 43.14
CA HIS A 338 -47.35 -6.20 43.92
C HIS A 338 -48.23 -7.02 42.99
N PRO A 339 -48.14 -8.35 43.06
CA PRO A 339 -49.02 -9.17 42.21
C PRO A 339 -50.49 -8.95 42.47
N ARG A 340 -50.87 -8.53 43.68
CA ARG A 340 -52.26 -8.24 43.98
C ARG A 340 -52.70 -6.91 43.38
N LYS A 341 -51.95 -5.84 43.64
CA LYS A 341 -52.30 -4.54 43.09
C LYS A 341 -52.18 -4.53 41.57
N SER A 342 -51.11 -5.12 41.04
CA SER A 342 -50.85 -5.12 39.59
C SER A 342 -51.57 -6.31 38.98
N VAL A 343 -52.73 -6.04 38.39
CA VAL A 343 -53.49 -7.07 37.69
C VAL A 343 -53.50 -6.85 36.18
N HIS A 344 -53.20 -5.64 35.70
CA HIS A 344 -53.12 -5.37 34.29
C HIS A 344 -51.75 -5.68 33.69
N ASN A 345 -50.78 -6.05 34.53
CA ASN A 345 -49.44 -6.42 34.09
C ASN A 345 -49.04 -7.70 34.81
N GLY A 346 -49.06 -8.82 34.10
CA GLY A 346 -48.75 -10.10 34.70
C GLY A 346 -47.27 -10.32 34.96
N PHE A 347 -46.42 -9.63 34.19
CA PHE A 347 -44.98 -9.84 34.29
C PHE A 347 -44.47 -9.68 35.71
N ALA A 348 -45.00 -8.70 36.46
CA ALA A 348 -44.57 -8.47 37.83
C ALA A 348 -44.63 -9.75 38.65
N LYS A 349 -45.68 -10.55 38.45
CA LYS A 349 -45.81 -11.80 39.20
C LYS A 349 -44.56 -12.65 39.05
N GLU A 350 -44.07 -12.80 37.82
CA GLU A 350 -42.84 -13.55 37.61
C GLU A 350 -41.70 -12.97 38.42
N PHE A 351 -41.53 -11.64 38.36
CA PHE A 351 -40.46 -10.99 39.11
C PHE A 351 -40.61 -11.27 40.60
N TRP A 352 -41.84 -11.47 41.07
CA TRP A 352 -42.03 -11.84 42.47
C TRP A 352 -41.38 -13.18 42.77
N GLU A 353 -41.69 -14.21 41.97
CA GLU A 353 -41.28 -15.55 42.33
C GLU A 353 -39.77 -15.69 42.38
N GLU A 354 -39.08 -15.14 41.39
CA GLU A 354 -37.63 -15.25 41.35
C GLU A 354 -36.98 -14.58 42.55
N THR A 355 -37.67 -13.63 43.18
CA THR A 355 -37.10 -12.98 44.35
C THR A 355 -37.12 -13.91 45.55
N PHE A 356 -38.14 -14.78 45.64
CA PHE A 356 -38.32 -15.60 46.83
C PHE A 356 -38.19 -17.09 46.56
N ASN A 357 -37.92 -17.49 45.31
CA ASN A 357 -37.71 -18.88 44.94
C ASN A 357 -38.92 -19.75 45.35
N CYS A 358 -40.11 -19.21 45.15
CA CYS A 358 -41.35 -19.90 45.47
C CYS A 358 -42.25 -19.92 44.23
N HIS A 359 -43.08 -20.94 44.15
CA HIS A 359 -44.03 -21.07 43.04
C HIS A 359 -45.40 -21.39 43.61
N LEU A 360 -46.36 -20.50 43.39
CA LEU A 360 -47.71 -20.69 43.88
C LEU A 360 -48.66 -21.03 42.74
N ARG A 392 -40.65 -26.12 44.44
CA ARG A 392 -40.64 -24.76 44.96
C ARG A 392 -41.79 -24.53 45.93
N PRO A 393 -41.54 -23.80 47.02
CA PRO A 393 -42.62 -23.49 47.97
C PRO A 393 -43.67 -22.57 47.38
N LEU A 394 -44.71 -22.27 48.15
CA LEU A 394 -45.79 -21.39 47.71
C LEU A 394 -45.56 -19.98 48.23
N CYS A 395 -45.80 -19.00 47.35
CA CYS A 395 -45.68 -17.60 47.71
C CYS A 395 -46.95 -17.10 48.38
N THR A 396 -46.78 -16.23 49.37
CA THR A 396 -47.89 -15.66 50.12
C THR A 396 -48.39 -14.34 49.54
N GLY A 397 -47.58 -13.65 48.73
CA GLY A 397 -47.99 -12.38 48.17
C GLY A 397 -47.86 -11.21 49.11
N ASP A 398 -47.38 -11.43 50.34
CA ASP A 398 -47.20 -10.35 51.31
C ASP A 398 -45.77 -10.21 51.80
N GLU A 399 -44.82 -10.95 51.22
CA GLU A 399 -43.44 -10.87 51.66
C GLU A 399 -42.87 -9.47 51.39
N ASN A 400 -42.07 -8.97 52.33
CA ASN A 400 -41.49 -7.64 52.20
C ASN A 400 -40.47 -7.62 51.07
N ILE A 401 -40.49 -6.55 50.28
CA ILE A 401 -39.58 -6.38 49.15
C ILE A 401 -38.67 -5.18 49.32
N SER A 402 -38.95 -4.30 50.28
CA SER A 402 -38.12 -3.11 50.46
C SER A 402 -36.72 -3.45 50.96
N SER A 403 -36.56 -4.63 51.57
CA SER A 403 -35.27 -5.03 52.13
C SER A 403 -34.45 -5.89 51.19
N VAL A 404 -34.90 -6.08 49.95
CA VAL A 404 -34.17 -6.86 48.95
C VAL A 404 -33.88 -5.94 47.78
N GLU A 405 -32.62 -5.90 47.34
CA GLU A 405 -32.19 -5.00 46.29
C GLU A 405 -31.89 -5.78 45.02
N THR A 406 -32.41 -5.30 43.89
CA THR A 406 -32.15 -5.83 42.57
C THR A 406 -31.69 -4.67 41.68
N PRO A 407 -30.97 -4.96 40.59
CA PRO A 407 -30.33 -3.87 39.83
C PRO A 407 -31.26 -2.77 39.38
N TYR A 408 -32.50 -3.08 38.99
CA TYR A 408 -33.37 -2.05 38.43
C TYR A 408 -33.90 -1.13 39.52
N ILE A 409 -34.01 -1.63 40.76
CA ILE A 409 -34.45 -0.78 41.86
C ILE A 409 -33.42 0.31 42.14
N ASP A 410 -32.14 -0.05 42.16
CA ASP A 410 -31.09 0.90 42.47
C ASP A 410 -30.68 1.68 41.23
N TYR A 411 -30.70 3.00 41.35
CA TYR A 411 -30.21 3.87 40.29
C TYR A 411 -29.82 5.21 40.89
N THR A 412 -28.99 5.94 40.16
CA THR A 412 -28.62 7.30 40.55
C THR A 412 -29.09 8.27 39.48
N HIS A 413 -29.21 7.79 38.25
CA HIS A 413 -29.70 8.59 37.14
C HIS A 413 -30.51 7.69 36.21
N LEU A 414 -31.43 8.29 35.47
CA LEU A 414 -32.30 7.57 34.54
C LEU A 414 -31.93 7.92 33.12
N ARG A 415 -31.63 6.89 32.31
CA ARG A 415 -31.16 7.09 30.95
C ARG A 415 -32.20 6.54 29.99
N ILE A 416 -32.59 5.26 30.10
CA ILE A 416 -33.51 4.69 29.13
C ILE A 416 -34.95 4.88 29.58
N SER A 417 -35.20 4.78 30.89
CA SER A 417 -36.53 5.10 31.40
C SER A 417 -36.93 6.51 31.03
N TYR A 418 -35.96 7.42 31.02
CA TYR A 418 -36.23 8.78 30.57
C TYR A 418 -36.64 8.80 29.10
N ASN A 419 -36.00 7.97 28.28
CA ASN A 419 -36.38 7.89 26.88
C ASN A 419 -37.81 7.37 26.71
N VAL A 420 -38.18 6.36 27.49
CA VAL A 420 -39.54 5.84 27.45
C VAL A 420 -40.52 6.93 27.86
N TYR A 421 -40.18 7.65 28.92
CA TYR A 421 -41.03 8.75 29.41
C TYR A 421 -41.22 9.81 28.33
N LEU A 422 -40.13 10.19 27.66
CA LEU A 422 -40.20 11.23 26.64
C LEU A 422 -41.00 10.76 25.43
N ALA A 423 -40.82 9.51 25.02
CA ALA A 423 -41.60 8.99 23.88
C ALA A 423 -43.08 8.95 24.21
N VAL A 424 -43.41 8.49 25.42
CA VAL A 424 -44.81 8.43 25.83
C VAL A 424 -45.41 9.83 25.86
N TYR A 425 -44.65 10.81 26.38
CA TYR A 425 -45.16 12.17 26.40
C TYR A 425 -45.25 12.78 25.01
N SER A 426 -44.37 12.40 24.08
CA SER A 426 -44.50 12.87 22.71
C SER A 426 -45.81 12.36 22.09
N ILE A 427 -46.10 11.07 22.30
CA ILE A 427 -47.36 10.53 21.82
C ILE A 427 -48.54 11.24 22.47
N ALA A 428 -48.46 11.47 23.79
CA ALA A 428 -49.54 12.12 24.51
C ALA A 428 -49.73 13.56 24.05
N HIS A 429 -48.65 14.23 23.66
CA HIS A 429 -48.76 15.61 23.20
C HIS A 429 -49.32 15.68 21.80
N ALA A 430 -49.01 14.70 20.94
CA ALA A 430 -49.71 14.61 19.66
C ALA A 430 -51.21 14.38 19.90
N LEU A 431 -51.53 13.52 20.87
CA LEU A 431 -52.93 13.29 21.22
C LEU A 431 -53.60 14.56 21.72
N GLN A 432 -52.88 15.38 22.50
CA GLN A 432 -53.44 16.63 22.99
C GLN A 432 -53.61 17.64 21.87
N ASP A 433 -52.69 17.68 20.90
CA ASP A 433 -52.87 18.52 19.73
C ASP A 433 -54.11 18.11 18.95
N ILE A 434 -54.36 16.81 18.86
CA ILE A 434 -55.63 16.34 18.31
C ILE A 434 -56.80 16.78 19.20
N TYR A 435 -56.58 16.80 20.52
CA TYR A 435 -57.64 17.14 21.47
C TYR A 435 -58.12 18.56 21.27
N THR A 436 -57.21 19.48 20.97
CA THR A 436 -57.55 20.88 20.74
C THR A 436 -57.72 21.20 19.26
N CYS A 437 -57.82 20.20 18.40
CA CYS A 437 -57.99 20.44 16.97
C CYS A 437 -59.33 21.14 16.70
N LEU A 438 -59.32 22.06 15.74
CA LEU A 438 -60.47 22.87 15.43
C LEU A 438 -60.73 22.86 13.92
N PRO A 439 -61.96 23.16 13.47
CA PRO A 439 -62.23 23.20 12.01
C PRO A 439 -61.56 24.41 11.36
N GLY A 440 -60.26 24.27 11.12
CA GLY A 440 -59.43 25.38 10.70
C GLY A 440 -58.08 25.29 11.38
N ARG A 441 -57.93 24.26 12.22
CA ARG A 441 -56.68 23.96 12.90
C ARG A 441 -56.27 22.53 12.57
N GLY A 442 -54.96 22.28 12.65
CA GLY A 442 -54.40 20.99 12.32
C GLY A 442 -53.45 21.07 11.15
N LEU A 443 -52.83 19.92 10.86
CA LEU A 443 -51.84 19.83 9.79
C LEU A 443 -52.40 19.27 8.49
N PHE A 444 -53.70 18.98 8.43
CA PHE A 444 -54.33 18.48 7.23
C PHE A 444 -55.10 19.60 6.54
N THR A 445 -55.25 19.50 5.22
CA THR A 445 -55.93 20.52 4.44
C THR A 445 -57.42 20.56 4.79
N ASN A 446 -58.07 21.66 4.42
CA ASN A 446 -59.50 21.87 4.62
C ASN A 446 -59.81 22.00 6.11
N GLY A 447 -58.77 22.04 6.94
CA GLY A 447 -58.97 22.13 8.38
C GLY A 447 -59.69 20.96 8.99
N SER A 448 -59.38 19.74 8.54
CA SER A 448 -60.09 18.56 9.01
C SER A 448 -59.44 17.99 10.26
N CYS A 449 -60.28 17.61 11.23
CA CYS A 449 -59.82 16.97 12.45
C CYS A 449 -60.58 15.67 12.68
N ALA A 450 -60.30 15.00 13.79
CA ALA A 450 -60.97 13.75 14.13
C ALA A 450 -61.33 13.75 15.60
N ASP A 451 -62.35 12.96 15.93
CA ASP A 451 -62.80 12.85 17.31
C ASP A 451 -61.69 12.34 18.21
N ILE A 452 -61.52 12.98 19.36
CA ILE A 452 -60.52 12.54 20.33
C ILE A 452 -60.87 11.19 20.95
N LYS A 453 -62.15 10.80 20.92
CA LYS A 453 -62.57 9.49 21.39
C LYS A 453 -62.44 8.42 20.32
N LYS A 454 -62.32 8.80 19.05
CA LYS A 454 -62.18 7.86 17.94
C LYS A 454 -60.97 8.25 17.10
N VAL A 455 -59.85 8.52 17.76
CA VAL A 455 -58.66 8.99 17.08
C VAL A 455 -58.04 7.85 16.28
N GLU A 456 -57.69 8.14 15.03
CA GLU A 456 -57.03 7.16 14.16
C GLU A 456 -55.54 7.48 14.04
N ALA A 457 -54.77 6.44 13.74
CA ALA A 457 -53.31 6.58 13.69
C ALA A 457 -52.83 7.36 12.47
N TRP A 458 -53.58 7.34 11.37
CA TRP A 458 -53.14 8.07 10.18
C TRP A 458 -53.18 9.57 10.38
N GLN A 459 -53.81 10.05 11.46
CA GLN A 459 -53.73 11.44 11.85
C GLN A 459 -52.66 11.67 12.92
N VAL A 460 -52.43 10.70 13.79
CA VAL A 460 -51.38 10.82 14.81
C VAL A 460 -50.00 10.87 14.15
N LEU A 461 -49.86 10.17 13.01
CA LEU A 461 -48.59 10.16 12.30
C LEU A 461 -48.17 11.56 11.89
N LYS A 462 -49.10 12.35 11.36
CA LYS A 462 -48.77 13.70 10.93
C LYS A 462 -48.46 14.60 12.13
N HIS A 463 -49.20 14.42 13.22
CA HIS A 463 -48.95 15.23 14.42
C HIS A 463 -47.57 14.96 15.00
N LEU A 464 -47.15 13.69 15.04
CA LEU A 464 -45.85 13.39 15.62
C LEU A 464 -44.68 13.87 14.76
N ARG A 465 -44.88 14.01 13.45
CA ARG A 465 -43.80 14.45 12.58
C ARG A 465 -43.47 15.92 12.73
N HIS A 466 -44.45 16.76 13.06
CA HIS A 466 -44.28 18.20 13.16
C HIS A 466 -44.48 18.68 14.60
N LEU A 467 -43.96 17.92 15.55
CA LEU A 467 -44.13 18.19 16.97
C LEU A 467 -42.95 18.97 17.52
N ASN A 468 -43.25 19.93 18.40
CA ASN A 468 -42.23 20.74 19.06
C ASN A 468 -42.76 21.26 20.39
N PHE A 469 -42.20 20.77 21.50
CA PHE A 469 -42.71 21.10 22.82
C PHE A 469 -41.57 21.22 23.81
N THR A 470 -41.94 21.36 25.08
CA THR A 470 -40.99 21.54 26.18
C THR A 470 -41.20 20.43 27.20
N ASN A 471 -40.08 19.95 27.76
CA ASN A 471 -40.12 18.85 28.71
C ASN A 471 -40.47 19.38 30.11
N ASN A 472 -40.67 18.46 31.05
CA ASN A 472 -40.93 18.86 32.43
C ASN A 472 -39.72 19.56 33.04
N MET A 473 -38.51 19.15 32.68
CA MET A 473 -37.31 19.86 33.12
C MET A 473 -37.16 21.18 32.38
N GLY A 474 -37.73 21.29 31.19
CA GLY A 474 -37.63 22.50 30.40
C GLY A 474 -36.92 22.28 29.08
N GLU A 475 -36.52 21.03 28.83
CA GLU A 475 -35.78 20.71 27.61
C GLU A 475 -36.69 20.78 26.39
N GLN A 476 -36.20 21.42 25.34
CA GLN A 476 -36.95 21.54 24.09
C GLN A 476 -36.81 20.25 23.29
N VAL A 477 -37.94 19.71 22.85
CA VAL A 477 -37.97 18.48 22.05
C VAL A 477 -38.66 18.79 20.73
N THR A 478 -37.99 18.45 19.63
CA THR A 478 -38.47 18.69 18.28
C THR A 478 -38.16 17.47 17.41
N PHE A 479 -38.79 17.44 16.24
CA PHE A 479 -38.57 16.38 15.26
C PHE A 479 -38.47 16.97 13.87
N ASP A 480 -37.80 16.24 12.99
CA ASP A 480 -37.60 16.69 11.61
C ASP A 480 -38.29 15.77 10.63
N GLU A 481 -37.99 15.94 9.34
CA GLU A 481 -38.51 15.02 8.33
C GLU A 481 -38.00 13.59 8.54
N CYS A 482 -36.82 13.43 9.13
CA CYS A 482 -36.32 12.12 9.50
C CYS A 482 -37.03 11.54 10.72
N GLY A 483 -37.73 12.37 11.49
CA GLY A 483 -38.40 11.90 12.68
C GLY A 483 -37.48 11.41 13.77
N ASP A 484 -36.25 11.92 13.82
CA ASP A 484 -35.24 11.45 14.75
C ASP A 484 -35.08 12.44 15.88
N LEU A 485 -34.96 11.94 17.11
CA LEU A 485 -34.69 12.75 18.29
C LEU A 485 -33.29 12.42 18.77
N VAL A 486 -32.41 13.43 18.75
CA VAL A 486 -31.04 13.29 19.22
C VAL A 486 -30.83 14.26 20.38
N GLY A 487 -30.41 13.72 21.52
CA GLY A 487 -30.20 14.53 22.71
C GLY A 487 -28.76 14.97 22.86
N ASN A 488 -28.48 15.54 24.03
CA ASN A 488 -27.14 16.00 24.38
C ASN A 488 -26.48 14.95 25.26
N TYR A 489 -25.47 14.26 24.71
CA TYR A 489 -24.72 13.28 25.47
C TYR A 489 -23.83 13.95 26.49
N SER A 490 -23.84 13.42 27.71
CA SER A 490 -22.99 13.96 28.76
C SER A 490 -21.72 13.11 28.90
N ILE A 491 -20.57 13.77 28.78
CA ILE A 491 -19.28 13.12 28.82
C ILE A 491 -18.81 13.10 30.27
N ILE A 492 -18.61 11.90 30.80
CA ILE A 492 -18.31 11.71 32.21
C ILE A 492 -17.03 10.88 32.35
N ASN A 493 -16.34 11.09 33.45
CA ASN A 493 -15.16 10.32 33.83
C ASN A 493 -15.43 9.65 35.17
N TRP A 494 -14.48 8.82 35.59
CA TRP A 494 -14.63 8.01 36.79
C TRP A 494 -13.76 8.57 37.91
N HIS A 495 -14.33 8.71 39.10
CA HIS A 495 -13.66 9.27 40.25
C HIS A 495 -13.98 8.42 41.48
N LEU A 496 -13.08 8.49 42.46
CA LEU A 496 -13.32 7.82 43.73
C LEU A 496 -14.10 8.72 44.67
N SER A 497 -14.59 8.13 45.76
CA SER A 497 -15.24 8.91 46.79
C SER A 497 -14.38 8.92 48.05
N PRO A 498 -14.16 10.10 48.64
CA PRO A 498 -13.34 10.19 49.85
C PRO A 498 -13.99 9.64 51.11
N GLU A 499 -15.16 9.00 50.99
CA GLU A 499 -15.85 8.40 52.12
C GLU A 499 -15.96 6.89 52.02
N ASP A 500 -16.26 6.34 50.85
CA ASP A 500 -16.32 4.90 50.67
C ASP A 500 -15.33 4.43 49.60
N GLY A 501 -15.20 5.22 48.54
CA GLY A 501 -14.35 4.83 47.43
C GLY A 501 -15.18 4.45 46.21
N SER A 502 -16.48 4.71 46.30
CA SER A 502 -17.39 4.36 45.22
C SER A 502 -17.09 5.19 43.98
N ILE A 503 -17.35 4.60 42.81
CA ILE A 503 -17.12 5.28 41.54
C ILE A 503 -18.16 6.38 41.38
N VAL A 504 -17.69 7.61 41.21
CA VAL A 504 -18.57 8.77 41.05
C VAL A 504 -18.43 9.30 39.63
N PHE A 505 -19.57 9.38 38.94
CA PHE A 505 -19.60 9.87 37.57
C PHE A 505 -19.64 11.40 37.59
N LYS A 506 -18.48 12.03 37.44
CA LYS A 506 -18.36 13.47 37.40
C LYS A 506 -18.48 13.94 35.96
N GLU A 507 -19.39 14.87 35.71
CA GLU A 507 -19.55 15.40 34.37
C GLU A 507 -18.30 16.18 33.97
N VAL A 508 -17.56 15.65 33.00
CA VAL A 508 -16.34 16.29 32.53
C VAL A 508 -16.53 17.03 31.22
N GLY A 509 -17.68 16.88 30.57
CA GLY A 509 -17.94 17.66 29.37
C GLY A 509 -19.32 17.38 28.82
N TYR A 510 -19.65 18.09 27.74
CA TYR A 510 -20.92 17.86 27.08
C TYR A 510 -20.73 17.90 25.57
N TYR A 511 -21.51 17.06 24.89
CA TYR A 511 -21.57 17.02 23.44
C TYR A 511 -22.94 17.53 23.01
N ASN A 512 -22.96 18.74 22.45
CA ASN A 512 -24.21 19.42 22.09
C ASN A 512 -24.45 19.22 20.60
N VAL A 513 -25.43 18.37 20.27
CA VAL A 513 -25.74 18.07 18.87
C VAL A 513 -26.42 19.22 18.15
N TYR A 514 -26.98 20.19 18.88
CA TYR A 514 -27.64 21.34 18.27
C TYR A 514 -26.65 22.40 17.81
N ALA A 515 -25.37 22.25 18.13
CA ALA A 515 -24.33 23.16 17.67
C ALA A 515 -23.70 22.64 16.38
N LYS A 516 -22.97 23.52 15.71
CA LYS A 516 -22.29 23.13 14.48
C LYS A 516 -21.12 22.20 14.77
N LYS A 517 -20.85 21.31 13.83
CA LYS A 517 -19.73 20.39 13.98
C LYS A 517 -18.42 21.15 14.06
N GLY A 518 -17.51 20.63 14.88
CA GLY A 518 -16.30 21.36 15.23
C GLY A 518 -16.43 22.17 16.51
N GLU A 519 -17.65 22.44 16.96
CA GLU A 519 -17.85 23.07 18.26
C GLU A 519 -18.81 22.27 19.13
N ARG A 520 -19.23 21.08 18.68
CA ARG A 520 -20.23 20.31 19.41
C ARG A 520 -19.66 19.79 20.73
N LEU A 521 -18.36 19.57 20.79
CA LEU A 521 -17.70 18.96 21.93
C LEU A 521 -17.15 20.03 22.86
N PHE A 522 -17.44 19.91 24.14
CA PHE A 522 -16.78 20.72 25.16
C PHE A 522 -16.28 19.78 26.25
N ILE A 523 -14.99 19.89 26.58
CA ILE A 523 -14.37 19.08 27.61
C ILE A 523 -13.49 19.96 28.46
N ASN A 524 -13.70 19.93 29.78
CA ASN A 524 -12.79 20.59 30.71
C ASN A 524 -11.72 19.59 31.11
N GLU A 525 -10.53 19.72 30.50
CA GLU A 525 -9.47 18.75 30.74
C GLU A 525 -8.96 18.76 32.17
N GLU A 526 -9.29 19.81 32.93
CA GLU A 526 -8.79 19.90 34.31
C GLU A 526 -9.36 18.80 35.19
N LYS A 527 -10.66 18.51 35.05
CA LYS A 527 -11.30 17.56 35.95
C LYS A 527 -10.89 16.12 35.66
N ILE A 528 -10.62 15.81 34.39
CA ILE A 528 -10.47 14.42 33.99
C ILE A 528 -9.22 13.81 34.60
N LEU A 529 -9.38 12.67 35.25
CA LEU A 529 -8.25 11.88 35.73
C LEU A 529 -7.70 11.05 34.59
N TRP A 530 -6.40 10.76 34.67
CA TRP A 530 -5.74 9.92 33.68
C TRP A 530 -4.94 8.85 34.41
N SER A 531 -4.93 7.64 33.86
CA SER A 531 -4.23 6.50 34.46
C SER A 531 -4.71 6.27 35.89
N GLY A 532 -6.02 6.32 36.08
CA GLY A 532 -6.61 6.13 37.38
C GLY A 532 -6.80 7.41 38.18
N PHE A 533 -5.71 8.03 38.61
CA PHE A 533 -5.81 9.22 39.44
C PHE A 533 -4.80 10.29 39.04
N SER A 534 -3.87 9.94 38.17
CA SER A 534 -2.83 10.90 37.78
C SER A 534 -3.43 12.03 36.96
N ARG A 535 -2.78 13.19 37.04
CA ARG A 535 -3.21 14.38 36.31
C ARG A 535 -2.19 14.70 35.24
N GLU A 536 -2.32 14.05 34.08
CA GLU A 536 -1.43 14.26 32.95
C GLU A 536 -2.01 13.60 31.71
N VAL A 537 -2.10 14.33 30.61
CA VAL A 537 -2.68 13.78 29.39
C VAL A 537 -1.76 12.67 28.87
N PRO A 538 -2.26 11.45 28.73
CA PRO A 538 -1.40 10.36 28.26
C PRO A 538 -1.00 10.58 26.81
N PHE A 539 0.17 10.05 26.47
CA PHE A 539 0.69 10.19 25.12
C PHE A 539 0.14 9.09 24.23
N SER A 540 -0.55 9.47 23.15
CA SER A 540 -1.09 8.52 22.19
C SER A 540 -0.69 8.93 20.77
N ASN A 541 0.50 8.49 20.35
CA ASN A 541 0.94 8.60 18.98
C ASN A 541 1.75 7.36 18.65
N CYS A 542 1.76 6.97 17.38
CA CYS A 542 2.52 5.78 17.00
C CYS A 542 4.02 6.01 17.19
N SER A 543 4.50 7.22 16.92
CA SER A 543 5.90 7.58 17.08
C SER A 543 5.98 9.00 17.61
N ARG A 544 7.11 9.29 18.27
CA ARG A 544 7.36 10.63 18.79
C ARG A 544 7.52 11.61 17.65
N ASP A 545 7.32 12.90 17.96
CA ASP A 545 7.55 13.93 16.96
C ASP A 545 9.05 14.11 16.73
N CYS A 546 9.49 13.94 15.49
CA CYS A 546 10.89 14.08 15.13
C CYS A 546 11.32 15.52 15.39
N LEU A 547 12.31 15.70 16.25
CA LEU A 547 12.81 17.01 16.60
C LEU A 547 13.70 17.53 15.47
N ALA A 548 14.04 18.83 15.56
CA ALA A 548 14.90 19.47 14.58
C ALA A 548 16.16 18.65 14.38
N GLY A 549 16.52 18.40 13.12
CA GLY A 549 17.59 17.49 12.79
C GLY A 549 17.12 16.09 12.47
N THR A 550 15.82 15.83 12.58
CA THR A 550 15.24 14.55 12.21
C THR A 550 13.96 14.78 11.41
N ARG A 551 13.85 14.07 10.29
CA ARG A 551 12.70 14.18 9.40
C ARG A 551 11.81 12.95 9.57
N LYS A 552 10.59 13.04 9.06
CA LYS A 552 9.67 11.92 9.05
C LYS A 552 9.74 11.27 7.68
N GLY A 553 10.04 9.97 7.64
CA GLY A 553 10.16 9.23 6.41
C GLY A 553 9.00 8.26 6.26
N ILE A 554 8.30 8.37 5.14
CA ILE A 554 7.18 7.48 4.88
C ILE A 554 7.69 6.05 4.78
N ILE A 555 7.09 5.15 5.56
CA ILE A 555 7.48 3.75 5.58
C ILE A 555 6.33 2.93 5.01
N GLU A 556 6.64 2.10 4.03
CA GLU A 556 5.64 1.25 3.38
C GLU A 556 5.14 0.19 4.36
N GLY A 557 3.86 -0.13 4.26
CA GLY A 557 3.25 -1.10 5.15
C GLY A 557 2.73 -0.55 6.45
N GLU A 558 2.78 0.76 6.66
CA GLU A 558 2.27 1.41 7.85
C GLU A 558 1.46 2.63 7.44
N PRO A 559 0.45 3.02 8.21
CA PRO A 559 -0.28 4.25 7.90
C PRO A 559 0.57 5.49 8.15
N THR A 560 0.16 6.58 7.54
CA THR A 560 0.93 7.83 7.55
C THR A 560 1.16 8.37 8.95
N CYS A 561 0.31 8.02 9.92
CA CYS A 561 0.48 8.49 11.28
C CYS A 561 1.71 7.91 11.96
N CYS A 562 2.20 6.77 11.51
CA CYS A 562 3.34 6.09 12.11
C CYS A 562 4.53 6.32 11.17
N PHE A 563 5.44 7.19 11.58
CA PHE A 563 6.55 7.62 10.76
C PHE A 563 7.88 7.32 11.46
N GLU A 564 8.91 7.11 10.66
CA GLU A 564 10.25 6.85 11.16
C GLU A 564 11.06 8.13 11.11
N CYS A 565 11.72 8.46 12.22
CA CYS A 565 12.56 9.64 12.28
C CYS A 565 13.94 9.32 11.71
N VAL A 566 14.38 10.14 10.75
CA VAL A 566 15.61 9.89 10.02
C VAL A 566 16.53 11.09 10.17
N GLU A 567 17.80 10.84 10.47
CA GLU A 567 18.75 11.93 10.61
C GLU A 567 19.04 12.57 9.26
N CYS A 568 19.00 13.89 9.23
CA CYS A 568 19.32 14.62 8.02
C CYS A 568 20.78 14.40 7.65
N PRO A 569 21.11 14.29 6.37
CA PRO A 569 22.52 14.25 5.97
C PRO A 569 23.21 15.53 6.35
N ASP A 570 24.50 15.42 6.67
CA ASP A 570 25.31 16.61 6.87
C ASP A 570 25.29 17.47 5.61
N GLY A 571 25.12 18.77 5.80
CA GLY A 571 24.88 19.67 4.70
C GLY A 571 23.42 19.92 4.38
N GLU A 572 22.51 19.19 5.03
CA GLU A 572 21.08 19.43 4.93
C GLU A 572 20.54 19.73 6.32
N TYR A 573 19.77 20.80 6.42
CA TYR A 573 19.37 21.34 7.71
C TYR A 573 17.88 21.14 7.93
N SER A 574 17.53 20.90 9.19
CA SER A 574 16.14 20.83 9.63
C SER A 574 16.00 21.76 10.83
N ASP A 575 15.75 23.04 10.57
CA ASP A 575 15.57 24.03 11.62
C ASP A 575 14.27 23.85 12.38
N GLU A 576 13.15 23.70 11.67
CA GLU A 576 11.87 23.54 12.34
C GLU A 576 11.61 22.06 12.65
N THR A 577 11.12 21.80 13.85
CA THR A 577 10.78 20.44 14.23
C THR A 577 9.64 19.92 13.38
N ASP A 578 9.61 18.61 13.17
CA ASP A 578 8.54 17.92 12.43
C ASP A 578 8.46 18.44 11.00
N ALA A 579 9.54 18.21 10.27
CA ALA A 579 9.63 18.53 8.85
C ALA A 579 9.64 17.25 8.04
N SER A 580 8.78 17.20 7.01
CA SER A 580 8.65 16.01 6.20
C SER A 580 9.96 15.59 5.54
N ALA A 581 10.82 16.55 5.20
CA ALA A 581 12.10 16.25 4.57
C ALA A 581 13.18 17.02 5.32
N CYS A 582 14.38 17.01 4.76
CA CYS A 582 15.50 17.77 5.30
C CYS A 582 15.96 18.77 4.25
N ASN A 583 15.86 20.05 4.58
CA ASN A 583 16.21 21.11 3.66
C ASN A 583 17.73 21.20 3.56
N LYS A 584 18.25 21.15 2.33
CA LYS A 584 19.70 21.15 2.14
C LYS A 584 20.24 22.56 2.23
N CYS A 585 21.36 22.71 2.91
CA CYS A 585 21.92 24.04 3.15
C CYS A 585 22.49 24.60 1.86
N PRO A 586 22.46 25.92 1.67
CA PRO A 586 23.12 26.52 0.51
C PRO A 586 24.62 26.27 0.53
N ASP A 587 25.19 26.20 -0.67
CA ASP A 587 26.59 25.82 -0.86
C ASP A 587 27.56 26.74 -0.16
N ASP A 588 27.16 27.97 0.17
CA ASP A 588 28.07 28.88 0.85
C ASP A 588 28.39 28.41 2.27
N PHE A 589 27.47 27.70 2.90
CA PHE A 589 27.60 27.29 4.29
C PHE A 589 27.52 25.77 4.39
N TRP A 590 27.49 25.27 5.62
CA TRP A 590 27.43 23.83 5.85
C TRP A 590 26.76 23.56 7.18
N SER A 591 26.26 22.33 7.35
CA SER A 591 25.40 22.00 8.47
C SER A 591 26.14 21.21 9.54
N ASN A 592 25.91 21.59 10.79
CA ASN A 592 26.39 20.84 11.93
C ASN A 592 25.56 19.56 12.08
N GLU A 593 26.06 18.65 12.91
CA GLU A 593 25.33 17.42 13.18
C GLU A 593 23.99 17.67 13.84
N ASN A 594 23.89 18.69 14.69
CA ASN A 594 22.61 19.07 15.26
C ASN A 594 21.65 19.59 14.20
N HIS A 595 22.17 19.90 13.02
CA HIS A 595 21.36 20.42 11.92
C HIS A 595 20.56 21.63 12.38
N THR A 596 21.12 22.40 13.30
CA THR A 596 20.48 23.59 13.81
C THR A 596 20.78 24.81 12.97
N SER A 597 20.11 24.95 11.82
CA SER A 597 20.23 26.16 11.02
C SER A 597 21.68 26.40 10.61
N CYS A 598 22.21 25.52 9.74
CA CYS A 598 23.58 25.60 9.26
C CYS A 598 24.08 27.04 9.17
N ILE A 599 25.20 27.30 9.83
CA ILE A 599 25.70 28.66 9.96
C ILE A 599 26.89 28.91 9.04
N ALA A 600 27.95 28.12 9.21
CA ALA A 600 29.22 28.48 8.58
C ALA A 600 29.85 27.34 7.79
N LYS A 601 31.07 27.58 7.30
CA LYS A 601 31.84 26.63 6.53
C LYS A 601 33.31 26.87 6.83
N GLU A 602 34.22 26.32 6.03
CA GLU A 602 35.64 26.51 6.31
C GLU A 602 36.42 26.93 5.07
N ILE A 603 36.70 28.23 4.96
CA ILE A 603 37.63 28.69 3.94
C ILE A 603 39.06 28.30 4.32
N GLU A 604 39.88 28.04 3.31
CA GLU A 604 41.22 27.57 3.57
C GLU A 604 42.19 28.13 2.54
N PHE A 605 43.19 28.86 3.03
CA PHE A 605 44.34 29.27 2.23
C PHE A 605 45.43 29.83 3.14
N LEU A 606 46.66 29.91 2.63
CA LEU A 606 47.79 30.42 3.40
C LEU A 606 47.51 31.85 3.86
N SER A 607 47.79 32.14 5.13
CA SER A 607 47.60 33.46 5.69
C SER A 607 48.90 33.91 6.34
N TRP A 608 49.02 35.23 6.52
CA TRP A 608 50.19 35.80 7.17
C TRP A 608 50.33 35.30 8.60
N THR A 609 49.20 35.11 9.28
CA THR A 609 49.19 34.71 10.68
C THR A 609 48.79 33.24 10.81
N GLU A 610 49.80 32.39 10.98
CA GLU A 610 49.67 30.97 11.28
C GLU A 610 51.09 30.42 11.48
N PRO A 611 51.26 29.32 12.20
CA PRO A 611 52.63 28.85 12.49
C PRO A 611 53.51 28.71 11.26
N PHE A 612 53.05 27.99 10.24
CA PHE A 612 53.81 27.89 9.00
C PHE A 612 53.93 29.26 8.34
N GLY A 613 52.87 30.06 8.42
CA GLY A 613 52.93 31.41 7.89
C GLY A 613 53.96 32.28 8.60
N ILE A 614 54.05 32.15 9.93
CA ILE A 614 55.06 32.89 10.68
C ILE A 614 56.46 32.45 10.28
N ALA A 615 56.68 31.13 10.16
CA ALA A 615 57.98 30.65 9.75
C ALA A 615 58.34 31.12 8.35
N LEU A 616 57.37 31.09 7.43
CA LEU A 616 57.62 31.56 6.06
C LEU A 616 57.91 33.05 6.03
N THR A 617 57.18 33.83 6.83
CA THR A 617 57.43 35.27 6.88
C THR A 617 58.83 35.56 7.43
N LEU A 618 59.25 34.84 8.47
CA LEU A 618 60.59 35.04 9.00
C LEU A 618 61.64 34.67 7.97
N PHE A 619 61.44 33.55 7.27
CA PHE A 619 62.41 33.14 6.27
C PHE A 619 62.48 34.15 5.12
N ALA A 620 61.33 34.67 4.70
CA ALA A 620 61.30 35.67 3.64
C ALA A 620 61.98 36.96 4.07
N VAL A 621 61.75 37.41 5.30
CA VAL A 621 62.38 38.65 5.75
C VAL A 621 63.89 38.45 5.90
N LEU A 622 64.33 37.26 6.32
CA LEU A 622 65.76 37.00 6.36
C LEU A 622 66.38 37.02 4.97
N GLY A 623 65.69 36.41 3.99
CA GLY A 623 66.19 36.44 2.62
C GLY A 623 66.26 37.86 2.06
N ILE A 624 65.23 38.66 2.33
CA ILE A 624 65.23 40.05 1.88
C ILE A 624 66.34 40.83 2.56
N PHE A 625 66.61 40.52 3.83
CA PHE A 625 67.70 41.18 4.55
C PHE A 625 69.05 40.86 3.92
N LEU A 626 69.28 39.59 3.58
CA LEU A 626 70.54 39.25 2.90
C LEU A 626 70.62 39.90 1.53
N THR A 627 69.50 39.96 0.81
CA THR A 627 69.51 40.62 -0.49
C THR A 627 69.86 42.10 -0.36
N ALA A 628 69.29 42.77 0.65
CA ALA A 628 69.59 44.18 0.87
C ALA A 628 71.03 44.38 1.31
N PHE A 629 71.57 43.43 2.09
CA PHE A 629 72.97 43.47 2.47
C PHE A 629 73.87 43.42 1.24
N VAL A 630 73.58 42.50 0.33
CA VAL A 630 74.35 42.39 -0.91
C VAL A 630 74.21 43.66 -1.74
N LEU A 631 72.99 44.19 -1.85
CA LEU A 631 72.77 45.40 -2.63
C LEU A 631 73.54 46.58 -2.05
N GLY A 632 73.56 46.72 -0.72
CA GLY A 632 74.30 47.80 -0.10
C GLY A 632 75.80 47.67 -0.29
N VAL A 633 76.32 46.44 -0.14
CA VAL A 633 77.74 46.22 -0.40
C VAL A 633 78.09 46.58 -1.83
N PHE A 634 77.21 46.23 -2.78
CA PHE A 634 77.44 46.60 -4.17
C PHE A 634 77.38 48.11 -4.36
N ILE A 635 76.45 48.78 -3.69
CA ILE A 635 76.32 50.23 -3.83
C ILE A 635 77.57 50.93 -3.35
N LYS A 636 78.09 50.52 -2.18
CA LYS A 636 79.25 51.19 -1.61
C LYS A 636 80.45 51.08 -2.53
N PHE A 637 80.91 49.86 -2.78
CA PHE A 637 82.09 49.66 -3.60
C PHE A 637 81.75 49.89 -5.07
N ARG A 638 82.64 50.61 -5.76
CA ARG A 638 82.38 50.95 -7.15
C ARG A 638 83.53 50.51 -8.05
N ASN A 639 84.76 50.64 -7.56
CA ASN A 639 85.95 50.24 -8.32
C ASN A 639 86.83 49.26 -7.55
N THR A 640 86.27 48.50 -6.61
CA THR A 640 87.04 47.48 -5.93
C THR A 640 87.40 46.37 -6.93
N PRO A 641 88.56 45.73 -6.73
CA PRO A 641 89.02 44.76 -7.75
C PRO A 641 88.06 43.62 -8.01
N ILE A 642 87.39 43.09 -7.00
CA ILE A 642 86.56 41.92 -7.20
C ILE A 642 85.33 42.27 -8.04
N VAL A 643 84.78 43.47 -7.85
CA VAL A 643 83.64 43.89 -8.67
C VAL A 643 84.10 44.15 -10.09
N LYS A 644 85.27 44.78 -10.27
CA LYS A 644 85.80 45.02 -11.59
C LYS A 644 86.10 43.71 -12.31
N ALA A 645 86.37 42.64 -11.56
CA ALA A 645 86.71 41.36 -12.16
C ALA A 645 85.56 40.84 -13.02
N THR A 646 84.35 40.78 -12.47
CA THR A 646 83.19 40.43 -13.26
C THR A 646 82.58 41.68 -13.88
N ASN A 647 81.69 41.48 -14.84
CA ASN A 647 81.04 42.62 -15.47
C ASN A 647 80.12 43.31 -14.48
N ARG A 648 80.33 44.62 -14.30
CA ARG A 648 79.58 45.36 -13.29
C ARG A 648 78.10 45.38 -13.62
N GLU A 649 77.76 45.68 -14.87
CA GLU A 649 76.35 45.69 -15.26
C GLU A 649 75.73 44.31 -15.11
N LEU A 650 76.46 43.27 -15.50
CA LEU A 650 75.91 41.92 -15.40
C LEU A 650 75.66 41.51 -13.96
N SER A 651 76.59 41.85 -13.06
CA SER A 651 76.39 41.52 -11.64
C SER A 651 75.22 42.31 -11.07
N TYR A 652 75.08 43.57 -11.48
CA TYR A 652 73.93 44.35 -11.02
C TYR A 652 72.62 43.74 -11.51
N LEU A 653 72.61 43.27 -12.76
CA LEU A 653 71.43 42.59 -13.28
C LEU A 653 71.13 41.31 -12.50
N LEU A 654 72.18 40.56 -12.14
CA LEU A 654 71.97 39.35 -11.36
C LEU A 654 71.36 39.67 -10.00
N LEU A 655 71.85 40.72 -9.35
CA LEU A 655 71.29 41.13 -8.08
C LEU A 655 69.82 41.55 -8.23
N PHE A 656 69.53 42.29 -9.32
CA PHE A 656 68.15 42.71 -9.58
C PHE A 656 67.24 41.50 -9.78
N SER A 657 67.72 40.51 -10.54
CA SER A 657 66.91 39.33 -10.78
C SER A 657 66.70 38.53 -9.51
N LEU A 658 67.72 38.48 -8.65
CA LEU A 658 67.53 37.80 -7.36
C LEU A 658 66.51 38.53 -6.50
N LEU A 659 66.54 39.86 -6.49
CA LEU A 659 65.54 40.62 -5.76
C LEU A 659 64.15 40.33 -6.29
N CYS A 660 63.99 40.34 -7.61
CA CYS A 660 62.69 40.06 -8.20
C CYS A 660 62.26 38.63 -7.92
N CYS A 661 63.22 37.70 -7.81
CA CYS A 661 62.89 36.33 -7.45
C CYS A 661 62.35 36.24 -6.03
N PHE A 662 63.05 36.85 -5.08
CA PHE A 662 62.54 36.88 -3.72
C PHE A 662 61.16 37.53 -3.66
N SER A 663 60.94 38.56 -4.48
CA SER A 663 59.61 39.17 -4.54
C SER A 663 58.57 38.21 -5.10
N SER A 664 58.91 37.48 -6.16
CA SER A 664 57.98 36.53 -6.75
C SER A 664 57.65 35.42 -5.78
N SER A 665 58.60 35.09 -4.89
CA SER A 665 58.29 34.15 -3.82
C SER A 665 57.19 34.70 -2.93
N LEU A 666 57.29 35.99 -2.58
CA LEU A 666 56.25 36.64 -1.80
C LEU A 666 54.97 36.83 -2.59
N PHE A 667 55.04 36.82 -3.92
CA PHE A 667 53.90 37.06 -4.78
C PHE A 667 52.81 36.00 -4.64
N PHE A 668 53.18 34.79 -4.22
CA PHE A 668 52.21 33.72 -3.97
C PHE A 668 51.85 33.65 -2.49
N ILE A 669 51.20 34.71 -2.02
CA ILE A 669 50.83 34.79 -0.61
C ILE A 669 49.41 35.34 -0.47
N GLY A 670 48.80 35.12 0.69
CA GLY A 670 47.48 35.67 0.99
C GLY A 670 46.35 35.05 0.20
N GLU A 671 45.15 35.59 0.37
CA GLU A 671 44.00 35.06 -0.33
C GLU A 671 44.18 35.26 -1.83
N PRO A 672 44.07 34.20 -2.62
CA PRO A 672 44.33 34.32 -4.06
C PRO A 672 43.31 35.21 -4.75
N GLN A 673 43.77 35.81 -5.86
CA GLN A 673 42.95 36.69 -6.67
C GLN A 673 43.14 36.29 -8.13
N ASP A 674 42.25 36.76 -9.00
CA ASP A 674 42.30 36.38 -10.41
C ASP A 674 43.64 36.77 -11.03
N TRP A 675 44.06 38.02 -10.86
CA TRP A 675 45.34 38.45 -11.41
C TRP A 675 46.51 37.79 -10.69
N THR A 676 46.39 37.55 -9.38
CA THR A 676 47.47 36.92 -8.64
C THR A 676 47.71 35.50 -9.11
N CYS A 677 46.64 34.71 -9.27
CA CYS A 677 46.77 33.38 -9.85
C CYS A 677 47.16 33.47 -11.31
N ARG A 678 46.83 34.58 -11.96
CA ARG A 678 47.16 34.76 -13.37
C ARG A 678 48.66 34.97 -13.56
N LEU A 679 49.37 35.42 -12.53
CA LEU A 679 50.75 35.87 -12.67
C LEU A 679 51.74 35.17 -11.74
N ARG A 680 51.29 34.37 -10.78
CA ARG A 680 52.23 33.80 -9.81
C ARG A 680 53.25 32.90 -10.49
N GLN A 681 52.84 32.10 -11.46
CA GLN A 681 53.79 31.30 -12.21
C GLN A 681 54.63 32.12 -13.19
N PRO A 682 54.05 33.02 -13.99
CA PRO A 682 54.92 33.85 -14.87
C PRO A 682 55.94 34.67 -14.11
N ALA A 683 55.60 35.15 -12.91
CA ALA A 683 56.57 35.91 -12.14
C ALA A 683 57.80 35.08 -11.81
N PHE A 684 57.59 33.90 -11.23
CA PHE A 684 58.68 32.96 -11.02
C PHE A 684 59.44 32.71 -12.31
N GLY A 685 58.73 32.35 -13.37
CA GLY A 685 59.37 32.03 -14.63
C GLY A 685 60.33 33.12 -15.05
N ILE A 686 59.80 34.32 -15.25
CA ILE A 686 60.60 35.42 -15.79
C ILE A 686 61.74 35.77 -14.85
N SER A 687 61.48 35.87 -13.55
CA SER A 687 62.52 36.31 -12.64
C SER A 687 63.65 35.30 -12.54
N PHE A 688 63.31 34.04 -12.27
CA PHE A 688 64.37 33.07 -12.08
C PHE A 688 65.06 32.73 -13.39
N VAL A 689 64.35 32.86 -14.52
CA VAL A 689 65.03 32.69 -15.80
C VAL A 689 66.01 33.82 -16.05
N LEU A 690 65.65 35.05 -15.65
CA LEU A 690 66.60 36.14 -15.80
C LEU A 690 67.85 35.88 -14.97
N CYS A 691 67.67 35.43 -13.72
CA CYS A 691 68.82 35.14 -12.88
C CYS A 691 69.67 34.00 -13.46
N ILE A 692 69.03 32.91 -13.86
CA ILE A 692 69.77 31.76 -14.36
C ILE A 692 70.47 32.10 -15.66
N SER A 693 69.86 32.95 -16.48
CA SER A 693 70.49 33.36 -17.74
C SER A 693 71.68 34.27 -17.48
N CYS A 694 71.60 35.10 -16.43
CA CYS A 694 72.75 35.93 -16.09
C CYS A 694 73.92 35.06 -15.63
N ILE A 695 73.65 34.06 -14.80
CA ILE A 695 74.71 33.15 -14.41
C ILE A 695 75.24 32.39 -15.62
N LEU A 696 74.34 32.02 -16.53
CA LEU A 696 74.74 31.29 -17.73
C LEU A 696 75.66 32.11 -18.60
N VAL A 697 75.36 33.40 -18.78
CA VAL A 697 76.22 34.23 -19.61
C VAL A 697 77.52 34.56 -18.89
N LYS A 698 77.52 34.54 -17.56
CA LYS A 698 78.81 34.54 -16.87
C LYS A 698 79.64 33.34 -17.29
N THR A 699 79.04 32.15 -17.24
CA THR A 699 79.79 30.93 -17.56
C THR A 699 80.21 30.90 -19.03
N ASN A 700 79.38 31.42 -19.93
CA ASN A 700 79.71 31.38 -21.36
C ASN A 700 80.96 32.18 -21.66
N ARG A 701 81.08 33.36 -21.06
CA ARG A 701 82.29 34.15 -21.25
C ARG A 701 83.46 33.54 -20.48
N VAL A 702 83.18 32.89 -19.34
CA VAL A 702 84.25 32.24 -18.59
C VAL A 702 84.89 31.14 -19.43
N LEU A 703 84.08 30.32 -20.10
CA LEU A 703 84.62 29.21 -20.87
C LEU A 703 85.45 29.69 -22.05
N LEU A 704 84.90 30.62 -22.83
CA LEU A 704 85.56 31.12 -24.04
C LEU A 704 85.99 29.98 -24.97
N ASN A 722 79.21 43.72 -26.54
CA ASN A 722 78.62 43.30 -25.28
C ASN A 722 77.58 42.20 -25.52
N LEU A 723 78.08 41.01 -25.83
CA LEU A 723 77.20 39.92 -26.25
C LEU A 723 76.42 39.31 -25.10
N GLN A 724 77.03 39.21 -23.91
CA GLN A 724 76.40 38.50 -22.80
C GLN A 724 75.13 39.19 -22.32
N PHE A 725 75.19 40.51 -22.16
CA PHE A 725 74.02 41.26 -21.70
C PHE A 725 72.89 41.16 -22.71
N LEU A 726 73.20 41.29 -24.00
CA LEU A 726 72.19 41.13 -25.04
C LEU A 726 71.66 39.71 -25.08
N LEU A 727 72.48 38.71 -24.76
CA LEU A 727 72.00 37.34 -24.73
C LEU A 727 71.00 37.13 -23.62
N VAL A 728 71.29 37.67 -22.42
CA VAL A 728 70.32 37.61 -21.33
C VAL A 728 69.02 38.32 -21.75
N PHE A 729 69.16 39.50 -22.35
CA PHE A 729 67.97 40.26 -22.74
C PHE A 729 67.16 39.50 -23.78
N LEU A 730 67.83 38.87 -24.74
CA LEU A 730 67.14 38.10 -25.78
C LEU A 730 66.42 36.90 -25.18
N CYS A 731 67.08 36.19 -24.27
CA CYS A 731 66.45 35.01 -23.66
C CYS A 731 65.21 35.41 -22.85
N THR A 732 65.36 36.42 -21.99
CA THR A 732 64.22 36.84 -21.19
C THR A 732 63.14 37.45 -22.06
N PHE A 733 63.50 38.11 -23.17
CA PHE A 733 62.51 38.65 -24.08
C PHE A 733 61.73 37.54 -24.77
N MET A 734 62.42 36.50 -25.23
CA MET A 734 61.72 35.39 -25.87
C MET A 734 60.76 34.73 -24.88
N GLN A 735 61.22 34.51 -23.64
CA GLN A 735 60.32 33.93 -22.64
C GLN A 735 59.14 34.85 -22.37
N ILE A 736 59.37 36.16 -22.28
CA ILE A 736 58.28 37.07 -21.92
C ILE A 736 57.28 37.19 -23.06
N VAL A 737 57.74 37.15 -24.32
CA VAL A 737 56.81 37.15 -25.45
C VAL A 737 55.98 35.87 -25.44
N ILE A 738 56.61 34.73 -25.21
CA ILE A 738 55.86 33.49 -25.10
C ILE A 738 54.83 33.59 -23.98
N CYS A 739 55.25 34.15 -22.85
CA CYS A 739 54.39 34.25 -21.68
C CYS A 739 53.18 35.13 -21.96
N VAL A 740 53.39 36.30 -22.57
CA VAL A 740 52.27 37.21 -22.81
C VAL A 740 51.35 36.65 -23.89
N ILE A 741 51.92 36.03 -24.93
CA ILE A 741 51.09 35.45 -25.99
C ILE A 741 50.19 34.35 -25.42
N TRP A 742 50.77 33.43 -24.64
CA TRP A 742 49.98 32.40 -23.98
C TRP A 742 49.05 32.95 -22.90
N LEU A 743 49.43 34.03 -22.23
CA LEU A 743 48.60 34.68 -21.24
C LEU A 743 47.33 35.27 -21.85
N TYR A 744 47.45 35.91 -23.00
CA TYR A 744 46.28 36.32 -23.78
C TYR A 744 45.53 35.14 -24.35
N THR A 745 46.24 34.04 -24.65
CA THR A 745 45.57 32.85 -25.15
C THR A 745 44.67 32.22 -24.09
N ALA A 746 45.18 32.06 -22.87
CA ALA A 746 44.43 31.39 -21.80
C ALA A 746 44.93 31.88 -20.45
N PRO A 747 44.27 32.87 -19.88
CA PRO A 747 44.72 33.43 -18.59
C PRO A 747 44.37 32.49 -17.44
N PRO A 748 45.29 32.30 -16.50
CA PRO A 748 44.95 31.57 -15.27
C PRO A 748 43.98 32.39 -14.41
N SER A 749 43.22 31.69 -13.59
CA SER A 749 42.24 32.33 -12.70
C SER A 749 42.22 31.58 -11.38
N SER A 750 41.28 31.96 -10.52
CA SER A 750 41.13 31.37 -9.20
C SER A 750 39.79 30.66 -9.10
N TYR A 751 39.81 29.42 -8.64
CA TYR A 751 38.62 28.59 -8.51
C TYR A 751 38.42 28.21 -7.05
N ARG A 752 37.19 28.36 -6.57
CA ARG A 752 36.84 28.01 -5.19
C ARG A 752 36.26 26.59 -5.19
N ASN A 753 37.16 25.62 -5.29
CA ASN A 753 36.80 24.22 -5.42
C ASN A 753 36.16 23.72 -4.12
N GLN A 754 34.84 23.57 -4.13
CA GLN A 754 34.17 22.96 -2.99
C GLN A 754 34.33 21.45 -3.00
N GLU A 755 34.33 20.85 -4.18
CA GLU A 755 34.33 19.39 -4.27
C GLU A 755 35.72 18.83 -4.01
N LEU A 756 36.24 19.09 -2.82
CA LEU A 756 37.45 18.45 -2.33
C LEU A 756 37.17 17.83 -0.98
N GLU A 757 36.34 18.52 -0.19
CA GLU A 757 35.88 18.04 1.10
C GLU A 757 34.70 18.92 1.50
N ASP A 758 33.60 18.29 1.94
CA ASP A 758 32.37 19.04 2.15
C ASP A 758 32.52 20.07 3.26
N GLU A 759 33.18 19.72 4.35
CA GLU A 759 33.30 20.64 5.48
C GLU A 759 34.14 21.86 5.15
N ILE A 760 35.25 21.68 4.45
CA ILE A 760 36.24 22.73 4.23
C ILE A 760 36.39 22.99 2.74
N ILE A 761 36.32 24.26 2.35
CA ILE A 761 36.41 24.67 0.95
C ILE A 761 37.76 25.32 0.72
N PHE A 762 38.38 25.01 -0.42
CA PHE A 762 39.69 25.54 -0.77
C PHE A 762 39.54 26.47 -1.98
N ILE A 763 40.14 27.66 -1.89
CA ILE A 763 40.19 28.59 -3.01
C ILE A 763 41.59 28.52 -3.61
N THR A 764 41.74 27.76 -4.69
CA THR A 764 43.02 27.54 -5.32
C THR A 764 43.06 28.28 -6.65
N CYS A 765 44.14 28.09 -7.39
CA CYS A 765 44.32 28.72 -8.69
C CYS A 765 44.47 27.64 -9.76
N HIS A 766 43.95 27.93 -10.94
CA HIS A 766 44.06 27.03 -12.07
C HIS A 766 44.58 27.80 -13.28
N GLU A 767 45.45 27.15 -14.04
CA GLU A 767 46.14 27.83 -15.13
C GLU A 767 45.32 27.75 -16.42
N GLY A 768 45.76 28.49 -17.42
CA GLY A 768 45.15 28.39 -18.74
C GLY A 768 45.43 27.05 -19.39
N SER A 769 46.64 26.53 -19.21
CA SER A 769 47.06 25.28 -19.82
C SER A 769 48.17 24.67 -18.98
N LEU A 770 47.96 23.43 -18.52
CA LEU A 770 48.95 22.77 -17.69
C LEU A 770 50.26 22.55 -18.45
N MET A 771 50.16 22.12 -19.71
CA MET A 771 51.36 21.84 -20.49
C MET A 771 52.15 23.12 -20.76
N ALA A 772 51.47 24.26 -20.85
CA ALA A 772 52.18 25.50 -21.11
C ALA A 772 52.96 25.97 -19.88
N LEU A 773 52.41 25.73 -18.68
CA LEU A 773 53.18 25.98 -17.47
C LEU A 773 54.34 25.00 -17.35
N GLY A 774 54.11 23.75 -17.79
CA GLY A 774 55.21 22.80 -17.89
C GLY A 774 56.30 23.30 -18.81
N PHE A 775 55.90 23.99 -19.88
CA PHE A 775 56.86 24.59 -20.80
C PHE A 775 57.79 25.56 -20.08
N LEU A 776 57.22 26.45 -19.24
CA LEU A 776 58.04 27.45 -18.58
C LEU A 776 58.91 26.83 -17.50
N ILE A 777 58.36 25.91 -16.70
CA ILE A 777 59.19 25.29 -15.67
C ILE A 777 60.31 24.47 -16.30
N GLY A 778 60.02 23.80 -17.42
CA GLY A 778 61.03 23.07 -18.16
C GLY A 778 62.07 23.98 -18.77
N TYR A 779 61.65 25.17 -19.21
CA TYR A 779 62.57 26.18 -19.73
C TYR A 779 63.57 26.58 -18.66
N THR A 780 63.05 26.88 -17.46
CA THR A 780 63.92 27.24 -16.35
C THR A 780 64.85 26.09 -15.99
N CYS A 781 64.31 24.87 -15.94
CA CYS A 781 65.14 23.71 -15.60
C CYS A 781 66.21 23.47 -16.65
N LEU A 782 65.88 23.65 -17.93
CA LEU A 782 66.85 23.45 -18.99
C LEU A 782 67.97 24.48 -18.92
N LEU A 783 67.62 25.75 -18.68
CA LEU A 783 68.66 26.76 -18.53
C LEU A 783 69.55 26.47 -17.33
N ALA A 784 68.95 26.03 -16.23
CA ALA A 784 69.73 25.62 -15.07
C ALA A 784 70.65 24.46 -15.40
N ALA A 785 70.16 23.49 -16.18
CA ALA A 785 70.98 22.35 -16.57
C ALA A 785 72.17 22.79 -17.43
N ILE A 786 71.93 23.70 -18.38
CA ILE A 786 73.02 24.20 -19.21
C ILE A 786 74.07 24.90 -18.35
N CYS A 787 73.61 25.74 -17.42
CA CYS A 787 74.56 26.44 -16.55
C CYS A 787 75.35 25.47 -15.70
N PHE A 788 74.68 24.47 -15.13
CA PHE A 788 75.37 23.50 -14.28
C PHE A 788 76.35 22.68 -15.10
N PHE A 789 76.00 22.32 -16.34
CA PHE A 789 76.89 21.54 -17.18
C PHE A 789 78.13 22.35 -17.53
N PHE A 790 77.96 23.63 -17.88
CA PHE A 790 79.11 24.47 -18.21
C PHE A 790 80.02 24.63 -16.99
N ALA A 791 79.43 24.87 -15.83
CA ALA A 791 80.23 24.97 -14.61
C ALA A 791 80.90 23.65 -14.28
N PHE A 792 80.24 22.53 -14.57
CA PHE A 792 80.82 21.22 -14.31
C PHE A 792 82.03 20.97 -15.19
N LYS A 793 81.97 21.41 -16.44
CA LYS A 793 83.18 21.41 -17.27
C LYS A 793 84.24 22.31 -16.68
N SER A 794 83.85 23.48 -16.19
CA SER A 794 84.80 24.45 -15.65
C SER A 794 85.03 24.30 -14.15
N ARG A 795 84.46 23.28 -13.51
CA ARG A 795 84.56 23.09 -12.06
C ARG A 795 86.00 23.12 -11.57
N LYS A 796 86.90 22.45 -12.28
CA LYS A 796 88.28 22.39 -11.84
C LYS A 796 89.00 23.72 -12.03
N LEU A 797 88.70 24.42 -13.13
CA LEU A 797 89.45 25.62 -13.48
C LEU A 797 89.08 26.78 -12.57
N PRO A 798 90.06 27.34 -11.84
CA PRO A 798 89.80 28.55 -11.06
C PRO A 798 89.95 29.83 -11.87
N GLU A 799 88.88 30.59 -11.99
CA GLU A 799 88.92 31.90 -12.62
C GLU A 799 87.94 32.81 -11.89
N ASN A 800 88.33 34.08 -11.73
CA ASN A 800 87.51 35.07 -11.04
C ASN A 800 87.19 34.60 -9.62
N PHE A 801 88.25 34.47 -8.82
CA PHE A 801 88.18 34.00 -7.44
C PHE A 801 87.51 32.64 -7.32
N ASN A 802 87.82 31.71 -8.23
CA ASN A 802 87.26 30.37 -8.25
C ASN A 802 85.73 30.42 -8.29
N GLU A 803 85.19 31.29 -9.14
CA GLU A 803 83.74 31.42 -9.23
C GLU A 803 83.08 30.14 -9.72
N ALA A 804 83.76 29.40 -10.59
CA ALA A 804 83.13 28.25 -11.26
C ALA A 804 82.71 27.19 -10.25
N LYS A 805 83.53 26.94 -9.23
CA LYS A 805 83.17 25.94 -8.23
C LYS A 805 81.90 26.33 -7.49
N PHE A 806 81.80 27.61 -7.11
CA PHE A 806 80.60 28.07 -6.44
C PHE A 806 79.39 28.06 -7.36
N ILE A 807 79.60 28.31 -8.66
CA ILE A 807 78.50 28.21 -9.61
C ILE A 807 77.97 26.77 -9.66
N THR A 808 78.89 25.81 -9.72
CA THR A 808 78.49 24.41 -9.72
C THR A 808 77.74 24.07 -8.43
N PHE A 809 78.25 24.54 -7.30
CA PHE A 809 77.62 24.23 -6.01
C PHE A 809 76.22 24.83 -5.92
N SER A 810 76.06 26.06 -6.42
CA SER A 810 74.75 26.72 -6.36
C SER A 810 73.75 26.07 -7.33
N MET A 811 74.18 25.75 -8.54
CA MET A 811 73.32 25.03 -9.45
C MET A 811 72.90 23.68 -8.90
N LEU A 812 73.80 23.00 -8.18
CA LEU A 812 73.43 21.80 -7.47
C LEU A 812 72.31 22.06 -6.47
N ILE A 813 72.38 23.15 -5.71
CA ILE A 813 71.35 23.46 -4.71
C ILE A 813 70.03 23.69 -5.42
N PHE A 814 70.05 24.48 -6.50
CA PHE A 814 68.80 24.73 -7.21
C PHE A 814 68.19 23.46 -7.78
N PHE A 815 69.02 22.62 -8.41
CA PHE A 815 68.48 21.42 -9.03
C PHE A 815 67.96 20.45 -7.97
N ILE A 816 68.66 20.36 -6.84
CA ILE A 816 68.20 19.52 -5.73
C ILE A 816 66.85 20.01 -5.22
N VAL A 817 66.69 21.33 -5.06
CA VAL A 817 65.40 21.86 -4.61
C VAL A 817 64.31 21.56 -5.62
N TRP A 818 64.62 21.70 -6.91
CA TRP A 818 63.60 21.47 -7.93
C TRP A 818 63.18 20.00 -7.96
N ILE A 819 64.11 19.09 -7.71
CA ILE A 819 63.72 17.69 -7.55
C ILE A 819 62.92 17.50 -6.26
N SER A 820 63.30 18.20 -5.19
CA SER A 820 62.80 17.87 -3.87
C SER A 820 61.38 18.38 -3.64
N PHE A 821 61.01 19.49 -4.28
CA PHE A 821 59.72 20.08 -3.93
C PHE A 821 58.57 19.26 -4.50
N ILE A 822 58.74 18.68 -5.69
CA ILE A 822 57.64 18.01 -6.37
C ILE A 822 57.09 16.82 -5.58
N PRO A 823 57.90 15.96 -4.95
CA PRO A 823 57.28 14.96 -4.05
C PRO A 823 56.52 15.58 -2.91
N ALA A 824 57.02 16.69 -2.36
CA ALA A 824 56.28 17.45 -1.37
C ALA A 824 55.13 18.23 -1.98
N TYR A 825 55.24 18.61 -3.25
CA TYR A 825 54.12 19.24 -3.93
C TYR A 825 52.96 18.26 -4.09
N ALA A 826 53.26 16.97 -4.24
CA ALA A 826 52.23 15.97 -4.49
C ALA A 826 51.69 15.34 -3.20
N SER A 827 52.60 14.81 -2.37
CA SER A 827 52.23 14.05 -1.18
C SER A 827 51.35 14.88 -0.24
N THR A 828 51.89 15.98 0.29
CA THR A 828 51.15 16.82 1.22
C THR A 828 50.38 17.90 0.48
N TYR A 829 49.60 17.50 -0.53
CA TYR A 829 48.81 18.40 -1.38
C TYR A 829 47.95 19.26 -0.46
N GLY A 830 46.93 18.72 0.20
CA GLY A 830 46.17 19.43 1.21
C GLY A 830 45.89 20.89 0.94
N LYS A 831 46.07 21.72 1.96
CA LYS A 831 46.06 23.17 1.82
C LYS A 831 47.46 23.69 1.50
N PHE A 832 48.48 22.98 1.98
CA PHE A 832 49.84 23.50 2.02
C PHE A 832 50.52 23.58 0.67
N VAL A 833 49.81 23.28 -0.42
CA VAL A 833 50.38 23.51 -1.74
C VAL A 833 50.89 24.94 -1.84
N SER A 834 49.99 25.91 -1.67
CA SER A 834 50.40 27.31 -1.68
C SER A 834 51.46 27.60 -0.63
N ALA A 835 51.54 26.78 0.42
CA ALA A 835 52.67 26.81 1.34
C ALA A 835 53.92 26.21 0.72
N VAL A 836 53.87 24.93 0.34
CA VAL A 836 55.09 24.22 -0.03
C VAL A 836 55.80 24.91 -1.18
N GLU A 837 55.05 25.27 -2.21
CA GLU A 837 55.66 25.94 -3.36
C GLU A 837 56.50 27.12 -2.91
N VAL A 838 55.96 27.95 -2.02
CA VAL A 838 56.73 29.10 -1.56
C VAL A 838 57.99 28.66 -0.85
N ILE A 839 57.86 27.70 0.09
CA ILE A 839 59.05 27.28 0.83
C ILE A 839 60.05 26.63 -0.11
N ALA A 840 59.60 26.29 -1.33
CA ALA A 840 60.56 25.90 -2.36
C ALA A 840 61.18 27.12 -3.02
N ILE A 841 60.35 27.97 -3.62
CA ILE A 841 60.89 29.05 -4.45
C ILE A 841 61.75 29.99 -3.63
N LEU A 842 61.39 30.19 -2.36
CA LEU A 842 62.24 31.00 -1.49
C LEU A 842 63.56 30.28 -1.24
N ALA A 843 63.49 29.01 -0.82
CA ALA A 843 64.70 28.30 -0.42
C ALA A 843 65.69 28.21 -1.58
N ALA A 844 65.21 27.86 -2.77
CA ALA A 844 66.07 27.86 -3.94
C ALA A 844 66.69 29.23 -4.15
N SER A 845 65.88 30.28 -4.04
CA SER A 845 66.42 31.63 -4.06
C SER A 845 67.45 31.79 -2.96
N PHE A 846 67.08 31.37 -1.74
CA PHE A 846 67.99 31.44 -0.59
C PHE A 846 69.28 30.70 -0.87
N GLY A 847 69.24 29.73 -1.77
CA GLY A 847 70.45 29.11 -2.24
C GLY A 847 71.27 30.06 -3.08
N LEU A 848 70.72 30.44 -4.24
CA LEU A 848 71.52 31.13 -5.25
C LEU A 848 72.15 32.39 -4.68
N LEU A 849 71.32 33.32 -4.22
CA LEU A 849 71.82 34.59 -3.73
C LEU A 849 72.87 34.39 -2.65
N ALA A 850 72.74 33.31 -1.88
CA ALA A 850 73.80 32.99 -0.94
C ALA A 850 75.07 32.65 -1.70
N CYS A 851 75.06 31.53 -2.42
CA CYS A 851 76.30 30.94 -2.92
C CYS A 851 77.06 31.92 -3.81
N ILE A 852 76.47 32.27 -4.95
CA ILE A 852 77.16 33.07 -5.95
C ILE A 852 77.63 34.38 -5.35
N PHE A 853 77.11 34.73 -4.16
CA PHE A 853 77.57 35.96 -3.54
C PHE A 853 78.35 35.72 -2.27
N PHE A 854 78.03 34.66 -1.52
CA PHE A 854 78.59 34.49 -0.19
C PHE A 854 80.11 34.52 -0.21
N ASN A 855 80.70 33.74 -1.12
CA ASN A 855 82.16 33.72 -1.24
C ASN A 855 82.71 35.12 -1.38
N LYS A 856 82.14 35.91 -2.30
CA LYS A 856 82.68 37.25 -2.55
C LYS A 856 82.55 38.13 -1.32
N ILE A 857 81.51 37.89 -0.51
CA ILE A 857 81.40 38.62 0.76
C ILE A 857 82.53 38.22 1.69
N TYR A 858 82.80 36.91 1.77
CA TYR A 858 83.66 36.37 2.83
C TYR A 858 85.02 37.04 2.88
N ILE A 859 85.53 37.49 1.74
CA ILE A 859 86.84 38.12 1.68
C ILE A 859 86.74 39.64 1.72
N ILE A 860 85.65 40.20 1.21
CA ILE A 860 85.53 41.65 1.06
C ILE A 860 84.60 42.27 2.08
N LEU A 861 83.76 41.47 2.76
CA LEU A 861 82.84 41.96 3.78
C LEU A 861 81.94 43.07 3.25
N PRO B 22 -53.83 -4.89 -4.03
CA PRO B 22 -54.47 -3.91 -4.90
C PRO B 22 -55.94 -4.26 -5.17
N ASP B 23 -56.65 -3.33 -5.82
CA ASP B 23 -58.05 -3.56 -6.18
C ASP B 23 -58.23 -4.64 -7.23
N GLN B 24 -57.16 -5.06 -7.88
CA GLN B 24 -57.20 -6.12 -8.89
C GLN B 24 -56.48 -7.34 -8.36
N ARG B 25 -57.10 -8.51 -8.54
CA ARG B 25 -56.58 -9.75 -8.01
C ARG B 25 -56.81 -10.86 -9.02
N ALA B 26 -55.97 -11.89 -8.94
CA ALA B 26 -56.12 -13.08 -9.78
C ALA B 26 -56.49 -14.25 -8.87
N GLN B 27 -57.77 -14.49 -8.69
CA GLN B 27 -58.25 -15.48 -7.74
C GLN B 27 -59.11 -16.52 -8.44
N LYS B 28 -58.79 -17.79 -8.15
CA LYS B 28 -59.70 -18.89 -8.45
C LYS B 28 -59.77 -19.77 -7.22
N LYS B 29 -60.97 -20.25 -6.91
CA LYS B 29 -61.24 -20.98 -5.67
C LYS B 29 -61.20 -22.48 -5.92
N GLY B 30 -60.58 -23.20 -4.99
CA GLY B 30 -60.50 -24.65 -5.05
C GLY B 30 -60.26 -25.23 -3.68
N ASP B 31 -60.04 -26.56 -3.61
CA ASP B 31 -59.79 -27.20 -2.33
C ASP B 31 -58.47 -26.74 -1.72
N ILE B 32 -57.46 -26.49 -2.55
CA ILE B 32 -56.15 -26.03 -2.09
C ILE B 32 -55.83 -24.73 -2.82
N ILE B 33 -55.37 -23.73 -2.05
CA ILE B 33 -55.08 -22.41 -2.57
C ILE B 33 -53.57 -22.19 -2.55
N LEU B 34 -53.04 -21.65 -3.64
CA LEU B 34 -51.62 -21.36 -3.78
C LEU B 34 -51.42 -19.85 -3.85
N GLY B 35 -50.38 -19.36 -3.18
CA GLY B 35 -50.12 -17.94 -3.16
C GLY B 35 -49.33 -17.49 -4.37
N GLY B 36 -49.72 -16.33 -4.90
CA GLY B 36 -49.06 -15.79 -6.07
C GLY B 36 -48.60 -14.36 -5.90
N LEU B 37 -47.32 -14.11 -6.15
CA LEU B 37 -46.76 -12.76 -6.09
C LEU B 37 -45.84 -12.58 -7.28
N PHE B 38 -46.31 -11.87 -8.30
CA PHE B 38 -45.53 -11.57 -9.49
C PHE B 38 -45.72 -10.10 -9.80
N PRO B 39 -44.69 -9.42 -10.31
CA PRO B 39 -44.86 -8.03 -10.70
C PRO B 39 -45.54 -7.90 -12.05
N ILE B 40 -46.82 -7.53 -12.05
CA ILE B 40 -47.51 -7.23 -13.30
C ILE B 40 -47.05 -5.92 -13.91
N HIS B 41 -46.70 -4.95 -13.08
CA HIS B 41 -46.14 -3.69 -13.54
C HIS B 41 -44.67 -3.63 -13.16
N PHE B 42 -43.87 -3.02 -14.03
CA PHE B 42 -42.44 -2.93 -13.84
C PHE B 42 -42.02 -1.70 -13.04
N GLY B 43 -42.78 -0.61 -13.13
CA GLY B 43 -42.44 0.63 -12.46
C GLY B 43 -43.09 0.74 -11.09
N VAL B 44 -42.98 1.95 -10.54
CA VAL B 44 -43.58 2.31 -9.25
C VAL B 44 -44.18 3.69 -9.43
N ALA B 45 -45.13 4.03 -8.56
CA ALA B 45 -45.71 5.38 -8.58
C ALA B 45 -44.63 6.44 -8.43
N ALA B 46 -44.71 7.46 -9.28
CA ALA B 46 -43.72 8.52 -9.33
C ALA B 46 -44.05 9.67 -8.38
N LYS B 47 -44.98 9.46 -7.44
CA LYS B 47 -45.33 10.51 -6.50
C LYS B 47 -45.55 9.91 -5.12
N ASP B 48 -44.85 10.47 -4.13
CA ASP B 48 -45.05 10.13 -2.73
C ASP B 48 -45.65 11.33 -2.01
N GLN B 49 -46.81 11.11 -1.38
CA GLN B 49 -47.59 12.22 -0.87
C GLN B 49 -46.89 12.92 0.29
N ASP B 50 -47.22 14.20 0.45
CA ASP B 50 -46.72 14.99 1.57
C ASP B 50 -47.50 14.72 2.86
N LEU B 51 -48.49 13.82 2.81
CA LEU B 51 -49.27 13.42 3.98
C LEU B 51 -50.08 14.57 4.55
N LYS B 52 -50.26 15.63 3.76
CA LYS B 52 -51.18 16.70 4.14
C LYS B 52 -52.63 16.29 3.94
N SER B 53 -52.87 15.27 3.13
CA SER B 53 -54.20 14.69 2.94
C SER B 53 -54.24 13.33 3.60
N ARG B 54 -55.35 12.62 3.41
CA ARG B 54 -55.48 11.27 3.96
C ARG B 54 -54.43 10.37 3.34
N PRO B 55 -53.63 9.67 4.14
CA PRO B 55 -52.58 8.82 3.57
C PRO B 55 -53.12 7.49 3.06
N GLU B 56 -52.74 7.13 1.84
CA GLU B 56 -53.21 5.89 1.24
C GLU B 56 -52.18 5.41 0.23
N SER B 57 -52.17 4.10 0.00
CA SER B 57 -51.23 3.52 -0.95
C SER B 57 -51.51 4.01 -2.36
N VAL B 58 -50.43 4.18 -3.13
CA VAL B 58 -50.49 4.66 -4.51
C VAL B 58 -50.05 3.53 -5.42
N GLU B 59 -50.42 3.64 -6.71
CA GLU B 59 -50.26 2.55 -7.66
C GLU B 59 -49.05 2.74 -8.56
N CYS B 60 -48.32 1.66 -8.77
CA CYS B 60 -47.25 1.61 -9.76
C CYS B 60 -47.81 1.92 -11.14
N ILE B 61 -47.03 2.62 -11.94
CA ILE B 61 -47.55 3.26 -13.15
C ILE B 61 -46.89 2.75 -14.42
N ARG B 62 -45.92 1.85 -14.32
CA ARG B 62 -45.26 1.33 -15.52
C ARG B 62 -45.44 -0.18 -15.59
N TYR B 63 -46.14 -0.62 -16.63
CA TYR B 63 -46.54 -2.01 -16.80
C TYR B 63 -45.36 -2.90 -17.12
N ASN B 64 -45.55 -4.22 -16.94
CA ASN B 64 -44.56 -5.23 -17.29
C ASN B 64 -45.28 -6.39 -17.96
N PHE B 65 -45.00 -6.59 -19.26
CA PHE B 65 -45.63 -7.68 -19.99
C PHE B 65 -45.10 -9.04 -19.54
N ARG B 66 -43.80 -9.12 -19.24
CA ARG B 66 -43.20 -10.40 -18.88
C ARG B 66 -43.71 -10.90 -17.53
N GLY B 67 -44.03 -9.99 -16.62
CA GLY B 67 -44.65 -10.40 -15.37
C GLY B 67 -46.01 -11.05 -15.56
N PHE B 68 -46.84 -10.46 -16.44
CA PHE B 68 -48.10 -11.09 -16.79
C PHE B 68 -47.86 -12.43 -17.48
N ARG B 69 -46.83 -12.51 -18.32
CA ARG B 69 -46.48 -13.77 -18.96
C ARG B 69 -46.14 -14.85 -17.93
N TRP B 70 -45.38 -14.47 -16.90
CA TRP B 70 -45.01 -15.40 -15.86
C TRP B 70 -46.22 -15.83 -15.04
N LEU B 71 -47.13 -14.89 -14.77
CA LEU B 71 -48.38 -15.23 -14.10
C LEU B 71 -49.19 -16.23 -14.93
N GLN B 72 -49.27 -15.99 -16.24
CA GLN B 72 -49.95 -16.92 -17.13
C GLN B 72 -49.27 -18.28 -17.13
N ALA B 73 -47.94 -18.30 -17.02
CA ALA B 73 -47.22 -19.57 -16.93
C ALA B 73 -47.61 -20.31 -15.65
N MET B 74 -47.75 -19.59 -14.55
CA MET B 74 -48.19 -20.20 -13.30
C MET B 74 -49.60 -20.79 -13.47
N ILE B 75 -50.49 -20.02 -14.10
CA ILE B 75 -51.85 -20.50 -14.30
C ILE B 75 -51.85 -21.73 -15.19
N PHE B 76 -51.00 -21.75 -16.22
CA PHE B 76 -50.91 -22.89 -17.11
C PHE B 76 -50.39 -24.11 -16.38
N ALA B 77 -49.41 -23.94 -15.50
CA ALA B 77 -48.92 -25.06 -14.71
C ALA B 77 -50.02 -25.61 -13.80
N ILE B 78 -50.79 -24.72 -13.19
CA ILE B 78 -51.90 -25.17 -12.35
C ILE B 78 -52.92 -25.95 -13.17
N GLU B 79 -53.26 -25.43 -14.36
CA GLU B 79 -54.21 -26.13 -15.22
C GLU B 79 -53.67 -27.48 -15.67
N GLU B 80 -52.37 -27.56 -15.94
CA GLU B 80 -51.76 -28.83 -16.32
C GLU B 80 -51.85 -29.83 -15.18
N ILE B 81 -51.63 -29.38 -13.94
CA ILE B 81 -51.78 -30.27 -12.80
C ILE B 81 -53.24 -30.73 -12.68
N ASN B 82 -54.18 -29.81 -12.91
CA ASN B 82 -55.60 -30.19 -12.84
C ASN B 82 -55.95 -31.24 -13.90
N SER B 83 -55.45 -31.05 -15.12
CA SER B 83 -55.81 -31.96 -16.20
C SER B 83 -55.17 -33.33 -16.03
N SER B 84 -53.97 -33.39 -15.43
CA SER B 84 -53.30 -34.66 -15.26
C SER B 84 -54.06 -35.52 -14.26
N PRO B 85 -54.42 -36.75 -14.62
CA PRO B 85 -55.19 -37.63 -13.73
C PRO B 85 -54.38 -38.39 -12.69
N ALA B 86 -53.06 -38.18 -12.63
CA ALA B 86 -52.21 -38.91 -11.70
C ALA B 86 -51.70 -38.06 -10.54
N LEU B 87 -51.70 -36.75 -10.68
CA LEU B 87 -51.22 -35.84 -9.63
C LEU B 87 -52.41 -35.05 -9.12
N LEU B 88 -52.79 -35.30 -7.87
CA LEU B 88 -53.91 -34.63 -7.21
C LEU B 88 -55.19 -34.81 -8.02
N PRO B 89 -55.75 -36.02 -8.08
CA PRO B 89 -56.98 -36.23 -8.85
C PRO B 89 -58.22 -35.73 -8.12
N ASN B 90 -59.14 -35.11 -8.86
CA ASN B 90 -60.40 -34.62 -8.33
C ASN B 90 -60.18 -33.58 -7.23
N LEU B 91 -59.03 -32.91 -7.26
CA LEU B 91 -58.70 -31.87 -6.28
C LEU B 91 -58.34 -30.61 -7.04
N THR B 92 -59.24 -29.62 -7.00
CA THR B 92 -59.00 -28.36 -7.68
C THR B 92 -58.01 -27.50 -6.91
N LEU B 93 -57.01 -27.01 -7.63
CA LEU B 93 -55.98 -26.14 -7.06
C LEU B 93 -56.37 -24.69 -7.29
N GLY B 94 -56.63 -23.96 -6.20
CA GLY B 94 -56.96 -22.56 -6.26
C GLY B 94 -55.72 -21.68 -6.16
N TYR B 95 -55.89 -20.44 -6.61
CA TYR B 95 -54.79 -19.50 -6.54
C TYR B 95 -55.31 -18.12 -6.13
N ARG B 96 -54.43 -17.37 -5.47
CA ARG B 96 -54.65 -15.98 -5.10
C ARG B 96 -53.37 -15.24 -5.45
N ILE B 97 -53.35 -14.57 -6.59
CA ILE B 97 -52.17 -13.89 -7.11
C ILE B 97 -52.40 -12.39 -7.03
N PHE B 98 -51.43 -11.68 -6.46
CA PHE B 98 -51.49 -10.24 -6.28
C PHE B 98 -50.39 -9.58 -7.10
N ASP B 99 -50.71 -8.45 -7.70
CA ASP B 99 -49.69 -7.65 -8.38
C ASP B 99 -48.73 -7.09 -7.35
N THR B 100 -47.44 -7.09 -7.68
CA THR B 100 -46.42 -6.70 -6.71
C THR B 100 -46.12 -5.21 -6.75
N CYS B 101 -46.01 -4.63 -7.95
CA CYS B 101 -45.49 -3.30 -8.22
C CYS B 101 -44.03 -3.20 -7.79
N ASN B 102 -43.35 -4.31 -7.53
CA ASN B 102 -42.01 -4.33 -6.95
C ASN B 102 -42.01 -3.58 -5.62
N THR B 103 -43.16 -3.60 -4.93
CA THR B 103 -43.36 -2.81 -3.74
C THR B 103 -43.31 -3.69 -2.50
N VAL B 104 -42.56 -3.23 -1.49
CA VAL B 104 -42.46 -3.99 -0.24
C VAL B 104 -43.81 -4.08 0.44
N SER B 105 -44.48 -2.93 0.62
CA SER B 105 -45.73 -2.91 1.37
C SER B 105 -46.82 -3.70 0.65
N LYS B 106 -46.89 -3.59 -0.68
CA LYS B 106 -47.91 -4.31 -1.42
C LYS B 106 -47.79 -5.81 -1.21
N ALA B 107 -46.56 -6.32 -1.30
CA ALA B 107 -46.34 -7.73 -1.01
C ALA B 107 -46.64 -8.05 0.45
N LEU B 108 -46.35 -7.12 1.36
CA LEU B 108 -46.70 -7.33 2.76
C LEU B 108 -48.21 -7.44 2.93
N GLU B 109 -48.96 -6.58 2.24
CA GLU B 109 -50.42 -6.66 2.32
C GLU B 109 -50.92 -7.98 1.76
N ALA B 110 -50.35 -8.42 0.64
CA ALA B 110 -50.76 -9.70 0.07
C ALA B 110 -50.43 -10.85 1.03
N THR B 111 -49.26 -10.81 1.66
CA THR B 111 -48.89 -11.82 2.64
C THR B 111 -49.87 -11.84 3.81
N LEU B 112 -50.27 -10.65 4.28
CA LEU B 112 -51.32 -10.57 5.27
C LEU B 112 -52.59 -11.25 4.79
N SER B 113 -52.98 -10.98 3.54
CA SER B 113 -54.15 -11.62 2.97
C SER B 113 -54.04 -13.13 2.99
N PHE B 114 -52.83 -13.65 2.73
CA PHE B 114 -52.63 -15.09 2.68
C PHE B 114 -52.80 -15.73 4.05
N VAL B 115 -52.41 -15.05 5.10
CA VAL B 115 -52.31 -15.64 6.43
C VAL B 115 -53.49 -15.27 7.32
N ALA B 116 -54.65 -14.97 6.72
CA ALA B 116 -55.76 -14.40 7.50
C ALA B 116 -56.26 -15.37 8.56
N GLN B 117 -56.63 -16.60 8.16
CA GLN B 117 -57.31 -17.48 9.10
C GLN B 117 -56.38 -18.00 10.19
N ASN B 118 -55.18 -18.43 9.81
CA ASN B 118 -54.24 -18.92 10.81
C ASN B 118 -53.88 -17.83 11.81
N LYS B 119 -53.67 -16.60 11.33
CA LYS B 119 -53.39 -15.49 12.23
C LYS B 119 -54.56 -15.20 13.16
N ILE B 120 -55.77 -15.12 12.61
CA ILE B 120 -56.94 -14.80 13.41
C ILE B 120 -57.15 -15.84 14.50
N ASP B 121 -57.02 -17.12 14.13
CA ASP B 121 -57.12 -18.19 15.13
C ASP B 121 -56.00 -18.08 16.16
N SER B 122 -54.80 -17.71 15.71
CA SER B 122 -53.68 -17.52 16.62
C SER B 122 -53.81 -16.25 17.45
N LEU B 123 -54.43 -15.20 16.92
CA LEU B 123 -54.58 -13.97 17.68
C LEU B 123 -55.57 -14.15 18.82
N ASN B 124 -55.24 -13.55 19.96
CA ASN B 124 -56.07 -13.60 21.16
C ASN B 124 -56.97 -12.37 21.21
N LEU B 125 -58.18 -12.56 21.74
CA LEU B 125 -59.20 -11.50 21.80
C LEU B 125 -59.52 -10.97 20.40
N ASP B 126 -59.34 -11.82 19.39
CA ASP B 126 -59.65 -11.45 18.02
C ASP B 126 -60.55 -12.50 17.39
N GLU B 127 -60.61 -13.68 18.02
CA GLU B 127 -61.49 -14.74 17.53
C GLU B 127 -62.97 -14.42 17.76
N PHE B 128 -63.27 -13.36 18.51
CA PHE B 128 -64.63 -12.92 18.72
C PHE B 128 -65.25 -12.31 17.47
N CYS B 129 -64.45 -12.10 16.43
CA CYS B 129 -65.01 -11.73 15.12
C CYS B 129 -65.97 -12.80 14.62
N ASN B 130 -65.80 -14.04 15.09
CA ASN B 130 -66.66 -15.16 14.73
C ASN B 130 -66.68 -15.37 13.21
N CYS B 131 -65.49 -15.33 12.61
CA CYS B 131 -65.37 -15.64 11.20
C CYS B 131 -65.71 -17.10 10.94
N SER B 132 -66.40 -17.34 9.83
CA SER B 132 -66.73 -18.68 9.38
C SER B 132 -65.61 -19.30 8.56
N GLU B 133 -64.42 -18.67 8.56
CA GLU B 133 -63.30 -19.09 7.73
C GLU B 133 -63.72 -19.21 6.27
N HIS B 134 -64.16 -18.07 5.72
CA HIS B 134 -64.71 -18.04 4.38
C HIS B 134 -63.67 -18.46 3.34
N ILE B 135 -62.45 -17.97 3.47
CA ILE B 135 -61.35 -18.28 2.56
C ILE B 135 -60.32 -19.08 3.33
N PRO B 136 -60.00 -20.31 2.92
CA PRO B 136 -59.03 -21.11 3.67
C PRO B 136 -57.62 -20.53 3.55
N SER B 137 -56.80 -20.86 4.55
CA SER B 137 -55.44 -20.37 4.59
C SER B 137 -54.63 -20.95 3.43
N THR B 138 -53.82 -20.09 2.82
CA THR B 138 -52.96 -20.52 1.72
C THR B 138 -51.79 -21.36 2.24
N ILE B 139 -51.45 -22.40 1.50
CA ILE B 139 -50.39 -23.30 1.93
C ILE B 139 -49.00 -22.80 1.57
N ALA B 140 -48.81 -22.25 0.38
CA ALA B 140 -47.49 -21.83 -0.07
C ALA B 140 -47.62 -20.63 -1.00
N VAL B 141 -46.53 -19.89 -1.14
CA VAL B 141 -46.50 -18.65 -1.90
C VAL B 141 -45.42 -18.75 -2.95
N VAL B 142 -45.74 -18.37 -4.19
CA VAL B 142 -44.79 -18.31 -5.29
C VAL B 142 -44.42 -16.85 -5.51
N GLY B 143 -43.12 -16.57 -5.49
CA GLY B 143 -42.64 -15.21 -5.60
C GLY B 143 -41.85 -14.79 -4.37
N ALA B 144 -41.36 -13.56 -4.34
CA ALA B 144 -41.52 -12.63 -5.46
C ALA B 144 -40.19 -12.33 -6.12
N THR B 145 -40.22 -11.42 -7.10
CA THR B 145 -39.03 -11.03 -7.84
C THR B 145 -38.08 -10.19 -6.99
N GLY B 146 -38.62 -9.20 -6.28
CA GLY B 146 -37.79 -8.33 -5.46
C GLY B 146 -37.19 -9.08 -4.28
N SER B 147 -35.86 -9.04 -4.21
CA SER B 147 -35.15 -9.76 -3.14
C SER B 147 -35.39 -9.10 -1.79
N GLY B 148 -35.25 -7.78 -1.72
CA GLY B 148 -35.54 -7.08 -0.47
C GLY B 148 -37.01 -7.22 -0.08
N VAL B 149 -37.90 -7.21 -1.07
CA VAL B 149 -39.30 -7.49 -0.80
C VAL B 149 -39.46 -8.88 -0.20
N SER B 150 -38.87 -9.89 -0.85
CA SER B 150 -38.99 -11.26 -0.37
C SER B 150 -38.42 -11.41 1.02
N THR B 151 -37.45 -10.57 1.38
CA THR B 151 -36.90 -10.60 2.73
C THR B 151 -38.01 -10.43 3.77
N ALA B 152 -38.69 -9.29 3.73
CA ALA B 152 -39.77 -9.05 4.68
C ALA B 152 -40.92 -10.03 4.49
N VAL B 153 -41.15 -10.46 3.24
CA VAL B 153 -42.22 -11.42 3.00
C VAL B 153 -41.96 -12.70 3.78
N ALA B 154 -40.73 -13.22 3.72
CA ALA B 154 -40.39 -14.42 4.48
C ALA B 154 -40.34 -14.12 5.97
N ASN B 155 -39.95 -12.90 6.33
CA ASN B 155 -39.95 -12.52 7.75
C ASN B 155 -41.34 -12.68 8.34
N LEU B 156 -42.35 -12.19 7.63
CA LEU B 156 -43.72 -12.34 8.09
C LEU B 156 -44.22 -13.77 7.98
N LEU B 157 -43.97 -14.43 6.84
CA LEU B 157 -44.39 -15.81 6.65
C LEU B 157 -43.69 -16.76 7.62
N GLY B 158 -42.40 -16.54 7.87
CA GLY B 158 -41.66 -17.38 8.79
C GLY B 158 -42.22 -17.38 10.20
N LEU B 159 -43.02 -16.38 10.56
CA LEU B 159 -43.70 -16.40 11.84
C LEU B 159 -44.64 -17.59 11.94
N PHE B 160 -45.39 -17.89 10.87
CA PHE B 160 -46.35 -18.98 10.88
C PHE B 160 -45.86 -20.22 10.15
N TYR B 161 -44.59 -20.23 9.72
CA TYR B 161 -44.00 -21.38 9.04
C TYR B 161 -44.83 -21.79 7.82
N ILE B 162 -45.09 -20.79 6.99
CA ILE B 162 -45.79 -20.97 5.73
C ILE B 162 -44.74 -20.96 4.61
N PRO B 163 -44.55 -22.05 3.88
CA PRO B 163 -43.47 -22.10 2.90
C PRO B 163 -43.66 -21.06 1.80
N GLN B 164 -42.54 -20.47 1.37
CA GLN B 164 -42.51 -19.51 0.28
C GLN B 164 -41.43 -19.93 -0.70
N VAL B 165 -41.83 -20.24 -1.93
CA VAL B 165 -40.92 -20.69 -2.97
C VAL B 165 -40.79 -19.56 -3.98
N SER B 166 -39.71 -18.79 -3.87
CA SER B 166 -39.44 -17.70 -4.79
C SER B 166 -38.93 -18.24 -6.12
N TYR B 167 -38.99 -17.39 -7.14
CA TYR B 167 -38.66 -17.79 -8.51
C TYR B 167 -37.68 -16.85 -9.19
N ALA B 168 -37.56 -15.61 -8.71
CA ALA B 168 -36.69 -14.64 -9.38
C ALA B 168 -35.80 -13.89 -8.39
N SER B 169 -35.93 -14.21 -7.10
CA SER B 169 -35.12 -13.59 -6.05
C SER B 169 -33.94 -14.51 -5.76
N SER B 170 -32.74 -14.05 -6.16
CA SER B 170 -31.52 -14.81 -5.94
C SER B 170 -30.48 -13.89 -5.32
N SER B 171 -30.17 -14.13 -4.04
CA SER B 171 -29.17 -13.33 -3.35
C SER B 171 -28.66 -14.11 -2.15
N ARG B 172 -27.35 -14.03 -1.92
CA ARG B 172 -26.75 -14.68 -0.76
C ARG B 172 -27.29 -14.11 0.55
N LEU B 173 -27.68 -12.83 0.55
CA LEU B 173 -28.29 -12.24 1.74
C LEU B 173 -29.59 -12.93 2.10
N LEU B 174 -30.27 -13.51 1.11
CA LEU B 174 -31.50 -14.26 1.34
C LEU B 174 -31.22 -15.68 1.84
N SER B 175 -29.96 -16.09 1.90
CA SER B 175 -29.59 -17.43 2.36
C SER B 175 -29.51 -17.51 3.88
N ASN B 176 -29.70 -16.41 4.59
CA ASN B 176 -29.70 -16.43 6.04
C ASN B 176 -30.85 -17.29 6.56
N LYS B 177 -30.57 -18.04 7.63
CA LYS B 177 -31.60 -18.91 8.19
C LYS B 177 -31.87 -18.62 9.67
N ASN B 178 -31.38 -17.51 10.20
CA ASN B 178 -31.77 -17.03 11.52
C ASN B 178 -33.07 -16.24 11.45
N GLN B 179 -33.50 -15.85 10.26
CA GLN B 179 -34.78 -15.17 10.06
C GLN B 179 -35.67 -15.85 9.02
N PHE B 180 -35.11 -16.44 7.96
CA PHE B 180 -35.88 -17.11 6.93
C PHE B 180 -36.04 -18.57 7.35
N LYS B 181 -37.26 -18.95 7.76
CA LYS B 181 -37.50 -20.27 8.32
C LYS B 181 -38.42 -21.09 7.41
N SER B 182 -38.83 -20.53 6.28
CA SER B 182 -39.66 -21.28 5.34
C SER B 182 -39.23 -20.99 3.92
N PHE B 183 -38.10 -20.30 3.76
CA PHE B 183 -37.70 -19.78 2.46
C PHE B 183 -37.15 -20.88 1.58
N LEU B 184 -37.61 -20.93 0.33
CA LEU B 184 -37.08 -21.81 -0.70
C LEU B 184 -37.10 -21.03 -2.00
N ARG B 185 -36.29 -21.46 -2.96
CA ARG B 185 -36.22 -20.71 -4.21
C ARG B 185 -35.93 -21.65 -5.36
N THR B 186 -36.31 -21.19 -6.56
CA THR B 186 -36.11 -21.96 -7.79
C THR B 186 -35.12 -21.28 -8.73
N ILE B 187 -34.33 -20.35 -8.22
CA ILE B 187 -33.27 -19.71 -9.01
C ILE B 187 -31.96 -19.89 -8.25
N PRO B 188 -30.88 -20.30 -8.91
CA PRO B 188 -29.64 -20.58 -8.19
C PRO B 188 -29.07 -19.33 -7.54
N ASN B 189 -28.33 -19.55 -6.44
CA ASN B 189 -27.76 -18.46 -5.68
C ASN B 189 -26.73 -17.68 -6.51
N ASP B 190 -26.64 -16.37 -6.23
CA ASP B 190 -25.66 -15.53 -6.90
C ASP B 190 -24.22 -15.89 -6.55
N GLU B 191 -24.00 -16.58 -5.43
CA GLU B 191 -22.67 -17.04 -5.10
C GLU B 191 -22.12 -17.96 -6.19
N HIS B 192 -22.96 -18.88 -6.66
CA HIS B 192 -22.55 -19.76 -7.76
C HIS B 192 -22.25 -18.95 -9.01
N GLN B 193 -23.06 -17.92 -9.29
CA GLN B 193 -22.84 -17.12 -10.50
C GLN B 193 -21.52 -16.36 -10.43
N ALA B 194 -21.23 -15.72 -9.30
CA ALA B 194 -19.97 -15.00 -9.16
C ALA B 194 -18.78 -15.95 -9.19
N THR B 195 -18.88 -17.09 -8.52
CA THR B 195 -17.80 -18.07 -8.54
C THR B 195 -17.58 -18.59 -9.95
N ALA B 196 -18.66 -18.78 -10.71
CA ALA B 196 -18.52 -19.25 -12.09
C ALA B 196 -17.89 -18.19 -12.98
N MET B 197 -18.20 -16.92 -12.74
CA MET B 197 -17.52 -15.85 -13.47
C MET B 197 -16.03 -15.85 -13.16
N ALA B 198 -15.68 -16.00 -11.88
CA ALA B 198 -14.28 -16.10 -11.50
C ALA B 198 -13.63 -17.31 -12.16
N ASP B 199 -14.37 -18.41 -12.28
CA ASP B 199 -13.84 -19.60 -12.93
C ASP B 199 -13.61 -19.37 -14.41
N ILE B 200 -14.49 -18.62 -15.06
CA ILE B 200 -14.28 -18.27 -16.46
C ILE B 200 -13.01 -17.45 -16.61
N ILE B 201 -12.82 -16.47 -15.73
CA ILE B 201 -11.61 -15.64 -15.81
C ILE B 201 -10.36 -16.49 -15.57
N GLU B 202 -10.41 -17.37 -14.58
CA GLU B 202 -9.25 -18.17 -14.23
C GLU B 202 -8.91 -19.19 -15.31
N TYR B 203 -9.93 -19.82 -15.90
CA TYR B 203 -9.71 -20.86 -16.89
C TYR B 203 -8.99 -20.32 -18.12
N PHE B 204 -9.40 -19.14 -18.58
CA PHE B 204 -8.80 -18.58 -19.79
C PHE B 204 -7.52 -17.82 -19.51
N ARG B 205 -7.00 -17.89 -18.28
CA ARG B 205 -5.70 -17.32 -17.92
C ARG B 205 -5.64 -15.82 -18.22
N TRP B 206 -6.57 -15.06 -17.65
CA TRP B 206 -6.48 -13.62 -17.64
C TRP B 206 -6.48 -13.13 -16.20
N ASN B 207 -5.83 -11.99 -15.98
CA ASN B 207 -5.73 -11.43 -14.65
C ASN B 207 -6.24 -9.99 -14.59
N TRP B 208 -6.32 -9.31 -15.72
CA TRP B 208 -6.74 -7.92 -15.76
C TRP B 208 -8.12 -7.84 -16.42
N VAL B 209 -9.14 -7.52 -15.62
CA VAL B 209 -10.51 -7.41 -16.09
C VAL B 209 -11.19 -6.25 -15.37
N GLY B 210 -12.04 -5.51 -16.08
CA GLY B 210 -12.81 -4.47 -15.46
C GLY B 210 -14.25 -4.87 -15.20
N THR B 211 -14.75 -4.49 -14.03
CA THR B 211 -16.04 -4.95 -13.55
C THR B 211 -17.03 -3.80 -13.52
N ILE B 212 -18.22 -4.02 -14.06
CA ILE B 212 -19.35 -3.09 -13.97
C ILE B 212 -20.49 -3.83 -13.31
N ALA B 213 -21.14 -3.19 -12.34
CA ALA B 213 -22.24 -3.78 -11.61
C ALA B 213 -23.42 -2.81 -11.55
N ALA B 214 -24.61 -3.38 -11.47
CA ALA B 214 -25.82 -2.57 -11.38
C ALA B 214 -25.98 -1.99 -9.98
N ASP B 215 -26.56 -0.79 -9.88
CA ASP B 215 -26.82 -0.16 -8.60
C ASP B 215 -28.17 -0.68 -8.11
N ASP B 216 -28.17 -1.93 -7.67
CA ASP B 216 -29.39 -2.57 -7.18
C ASP B 216 -29.00 -3.71 -6.23
N ASP B 217 -29.96 -4.55 -5.89
CA ASP B 217 -29.73 -5.71 -5.03
C ASP B 217 -29.21 -6.92 -5.80
N TYR B 218 -29.08 -6.81 -7.11
CA TYR B 218 -28.59 -7.92 -7.94
C TYR B 218 -27.12 -7.74 -8.30
N GLY B 219 -26.77 -6.60 -8.88
CA GLY B 219 -25.40 -6.39 -9.32
C GLY B 219 -24.42 -6.27 -8.16
N ARG B 220 -24.80 -5.55 -7.11
CA ARG B 220 -23.85 -5.27 -6.03
C ARG B 220 -23.43 -6.51 -5.25
N PRO B 221 -24.33 -7.35 -4.74
CA PRO B 221 -23.86 -8.58 -4.07
C PRO B 221 -23.08 -9.49 -5.00
N GLY B 222 -23.46 -9.56 -6.27
CA GLY B 222 -22.73 -10.39 -7.22
C GLY B 222 -21.31 -9.92 -7.41
N ILE B 223 -21.13 -8.61 -7.60
CA ILE B 223 -19.77 -8.10 -7.79
C ILE B 223 -18.96 -8.22 -6.49
N GLU B 224 -19.61 -8.07 -5.34
CA GLU B 224 -18.89 -8.25 -4.08
C GLU B 224 -18.40 -9.68 -3.92
N LYS B 225 -19.26 -10.65 -4.22
CA LYS B 225 -18.84 -12.05 -4.14
C LYS B 225 -17.76 -12.36 -5.18
N PHE B 226 -17.88 -11.77 -6.37
CA PHE B 226 -16.86 -11.97 -7.39
C PHE B 226 -15.52 -11.42 -6.95
N ARG B 227 -15.52 -10.23 -6.33
CA ARG B 227 -14.29 -9.67 -5.79
C ARG B 227 -13.72 -10.58 -4.70
N GLU B 228 -14.57 -11.10 -3.83
CA GLU B 228 -14.11 -11.99 -2.77
C GLU B 228 -13.45 -13.24 -3.35
N GLU B 229 -14.07 -13.82 -4.39
CA GLU B 229 -13.49 -15.01 -5.02
C GLU B 229 -12.23 -14.68 -5.82
N ALA B 230 -12.11 -13.43 -6.28
CA ALA B 230 -10.95 -13.06 -7.11
C ALA B 230 -9.65 -13.13 -6.31
N GLU B 231 -9.70 -12.75 -5.03
CA GLU B 231 -8.49 -12.76 -4.22
C GLU B 231 -7.92 -14.17 -4.09
N GLU B 232 -8.78 -15.16 -3.89
CA GLU B 232 -8.31 -16.54 -3.77
C GLU B 232 -7.65 -17.02 -5.05
N ARG B 233 -8.20 -16.64 -6.20
CA ARG B 233 -7.71 -17.11 -7.50
C ARG B 233 -6.81 -16.09 -8.18
N ASP B 234 -6.28 -15.12 -7.43
CA ASP B 234 -5.34 -14.12 -7.91
C ASP B 234 -5.88 -13.25 -9.03
N ILE B 235 -7.19 -13.29 -9.27
CA ILE B 235 -7.78 -12.41 -10.28
C ILE B 235 -7.74 -10.97 -9.79
N CYS B 236 -7.39 -10.06 -10.70
CA CYS B 236 -7.27 -8.65 -10.37
C CYS B 236 -8.37 -7.86 -11.08
N ILE B 237 -8.94 -6.91 -10.35
CA ILE B 237 -10.03 -6.09 -10.87
C ILE B 237 -9.54 -4.67 -11.05
N ASP B 238 -9.53 -4.20 -12.30
CA ASP B 238 -9.09 -2.83 -12.59
C ASP B 238 -10.01 -1.81 -11.95
N PHE B 239 -11.26 -1.78 -12.37
CA PHE B 239 -12.22 -0.76 -11.95
C PHE B 239 -13.55 -1.41 -11.58
N SER B 240 -14.17 -0.88 -10.53
CA SER B 240 -15.48 -1.35 -10.07
C SER B 240 -16.45 -0.17 -10.14
N GLU B 241 -17.22 -0.10 -11.21
CA GLU B 241 -18.14 1.01 -11.45
C GLU B 241 -19.59 0.55 -11.32
N LEU B 242 -20.42 1.43 -10.79
CA LEU B 242 -21.85 1.18 -10.62
C LEU B 242 -22.62 2.00 -11.63
N ILE B 243 -23.53 1.36 -12.36
CA ILE B 243 -24.37 2.04 -13.33
C ILE B 243 -25.83 1.70 -13.04
N SER B 244 -26.72 2.59 -13.47
CA SER B 244 -28.15 2.40 -13.29
C SER B 244 -28.88 3.24 -14.32
N GLN B 245 -30.19 3.04 -14.41
CA GLN B 245 -31.02 3.78 -15.36
C GLN B 245 -31.15 5.26 -15.00
N TYR B 246 -30.82 5.64 -13.77
CA TYR B 246 -30.91 7.03 -13.33
C TYR B 246 -29.57 7.75 -13.39
N SER B 247 -28.51 7.09 -13.86
CA SER B 247 -27.20 7.71 -13.97
C SER B 247 -27.19 8.68 -15.13
N ASP B 248 -26.54 9.82 -14.95
CA ASP B 248 -26.44 10.82 -16.00
C ASP B 248 -25.49 10.36 -17.08
N GLU B 249 -25.54 11.05 -18.23
CA GLU B 249 -24.67 10.69 -19.35
C GLU B 249 -23.21 10.90 -18.99
N GLU B 250 -22.92 11.82 -18.06
CA GLU B 250 -21.54 12.02 -17.63
C GLU B 250 -20.98 10.79 -16.93
N GLU B 251 -21.78 10.15 -16.08
CA GLU B 251 -21.33 8.93 -15.42
C GLU B 251 -21.06 7.82 -16.41
N ILE B 252 -21.97 7.64 -17.38
CA ILE B 252 -21.79 6.61 -18.39
C ILE B 252 -20.56 6.88 -19.25
N GLN B 253 -20.32 8.15 -19.56
CA GLN B 253 -19.14 8.52 -20.34
C GLN B 253 -17.86 8.29 -19.54
N HIS B 254 -17.91 8.55 -18.22
CA HIS B 254 -16.77 8.22 -17.37
C HIS B 254 -16.50 6.71 -17.37
N VAL B 255 -17.56 5.92 -17.32
CA VAL B 255 -17.40 4.46 -17.39
C VAL B 255 -16.78 4.06 -18.73
N VAL B 256 -17.25 4.67 -19.82
CA VAL B 256 -16.67 4.38 -21.13
C VAL B 256 -15.20 4.75 -21.17
N GLU B 257 -14.83 5.90 -20.61
CA GLU B 257 -13.43 6.31 -20.59
C GLU B 257 -12.58 5.32 -19.81
N VAL B 258 -13.01 4.95 -18.60
CA VAL B 258 -12.22 4.00 -17.81
C VAL B 258 -12.19 2.63 -18.48
N ILE B 259 -13.18 2.31 -19.31
CA ILE B 259 -13.10 1.11 -20.14
C ILE B 259 -12.00 1.26 -21.18
N GLN B 260 -11.96 2.41 -21.87
CA GLN B 260 -10.94 2.61 -22.89
C GLN B 260 -9.56 2.76 -22.29
N ASN B 261 -9.48 3.29 -21.07
CA ASN B 261 -8.20 3.55 -20.42
C ASN B 261 -7.60 2.31 -19.77
N SER B 262 -8.08 1.12 -20.13
CA SER B 262 -7.56 -0.13 -19.60
C SER B 262 -7.11 -1.02 -20.76
N THR B 263 -6.16 -1.91 -20.46
CA THR B 263 -5.69 -2.89 -21.42
C THR B 263 -6.57 -4.13 -21.45
N ALA B 264 -7.61 -4.16 -20.62
CA ALA B 264 -8.47 -5.33 -20.49
C ALA B 264 -9.57 -5.27 -21.53
N LYS B 265 -9.66 -6.31 -22.35
CA LYS B 265 -10.77 -6.47 -23.28
C LYS B 265 -11.89 -7.34 -22.72
N VAL B 266 -11.72 -7.87 -21.52
CA VAL B 266 -12.71 -8.74 -20.89
C VAL B 266 -13.42 -7.94 -19.81
N ILE B 267 -14.71 -7.70 -20.00
CA ILE B 267 -15.51 -6.85 -19.12
C ILE B 267 -16.50 -7.71 -18.38
N VAL B 268 -16.41 -7.72 -17.05
CA VAL B 268 -17.30 -8.49 -16.19
C VAL B 268 -18.52 -7.62 -15.91
N VAL B 269 -19.63 -7.91 -16.59
CA VAL B 269 -20.86 -7.14 -16.46
C VAL B 269 -21.84 -7.93 -15.61
N PHE B 270 -22.27 -7.33 -14.50
CA PHE B 270 -23.27 -7.92 -13.62
C PHE B 270 -24.35 -6.86 -13.39
N SER B 271 -25.32 -6.80 -14.31
CA SER B 271 -26.32 -5.74 -14.27
C SER B 271 -27.59 -6.20 -14.95
N SER B 272 -28.68 -5.50 -14.64
CA SER B 272 -29.94 -5.71 -15.32
C SER B 272 -29.96 -4.99 -16.67
N GLY B 273 -30.86 -5.43 -17.54
CA GLY B 273 -30.95 -4.90 -18.88
C GLY B 273 -31.24 -3.41 -18.94
N PRO B 274 -32.28 -2.94 -18.22
CA PRO B 274 -32.54 -1.51 -18.20
C PRO B 274 -31.37 -0.67 -17.68
N ASP B 275 -30.65 -1.17 -16.68
CA ASP B 275 -29.51 -0.42 -16.15
C ASP B 275 -28.34 -0.38 -17.12
N LEU B 276 -28.13 -1.46 -17.89
CA LEU B 276 -27.02 -1.55 -18.83
C LEU B 276 -27.31 -0.88 -20.16
N GLU B 277 -28.58 -0.74 -20.53
CA GLU B 277 -28.92 -0.25 -21.87
C GLU B 277 -28.35 1.12 -22.20
N PRO B 278 -28.42 2.14 -21.32
CA PRO B 278 -27.75 3.42 -21.66
C PRO B 278 -26.27 3.26 -21.94
N LEU B 279 -25.58 2.41 -21.17
CA LEU B 279 -24.16 2.18 -21.42
C LEU B 279 -23.96 1.52 -22.78
N ILE B 280 -24.83 0.57 -23.13
CA ILE B 280 -24.72 -0.10 -24.42
C ILE B 280 -24.91 0.90 -25.55
N LYS B 281 -25.91 1.78 -25.43
CA LYS B 281 -26.13 2.79 -26.46
C LYS B 281 -24.94 3.74 -26.57
N GLU B 282 -24.38 4.15 -25.42
CA GLU B 282 -23.22 5.05 -25.45
C GLU B 282 -22.02 4.38 -26.12
N ILE B 283 -21.77 3.11 -25.80
CA ILE B 283 -20.64 2.41 -26.41
C ILE B 283 -20.86 2.23 -27.91
N VAL B 284 -22.10 1.90 -28.31
CA VAL B 284 -22.42 1.80 -29.72
C VAL B 284 -22.17 3.14 -30.42
N ARG B 285 -22.51 4.23 -29.74
CA ARG B 285 -22.28 5.55 -30.30
C ARG B 285 -20.79 5.82 -30.52
N ARG B 286 -19.94 5.44 -29.56
CA ARG B 286 -18.52 5.72 -29.63
C ARG B 286 -17.74 4.68 -30.43
N ASN B 287 -18.39 3.60 -30.84
CA ASN B 287 -17.82 2.61 -31.76
C ASN B 287 -16.52 2.00 -31.22
N ILE B 288 -16.65 1.29 -30.11
CA ILE B 288 -15.56 0.46 -29.60
C ILE B 288 -15.78 -0.95 -30.14
N THR B 289 -15.06 -1.29 -31.21
CA THR B 289 -15.29 -2.52 -31.94
C THR B 289 -14.39 -3.62 -31.40
N GLY B 290 -14.99 -4.63 -30.78
CA GLY B 290 -14.25 -5.80 -30.33
C GLY B 290 -13.88 -5.77 -28.86
N LYS B 291 -14.61 -6.53 -28.05
CA LYS B 291 -14.40 -6.63 -26.61
C LYS B 291 -14.97 -7.95 -26.14
N ILE B 292 -14.60 -8.35 -24.93
CA ILE B 292 -15.15 -9.54 -24.28
C ILE B 292 -16.04 -9.09 -23.14
N TRP B 293 -17.30 -9.52 -23.16
CA TRP B 293 -18.26 -9.18 -22.13
C TRP B 293 -18.64 -10.44 -21.37
N LEU B 294 -18.56 -10.39 -20.05
CA LEU B 294 -19.14 -11.41 -19.20
C LEU B 294 -20.60 -11.05 -18.94
N ALA B 295 -21.51 -11.84 -19.50
CA ALA B 295 -22.93 -11.54 -19.46
C ALA B 295 -23.59 -12.29 -18.30
N SER B 296 -24.24 -11.55 -17.42
CA SER B 296 -24.99 -12.16 -16.33
C SER B 296 -26.30 -12.74 -16.86
N GLU B 297 -26.95 -13.53 -16.01
CA GLU B 297 -28.24 -14.12 -16.38
C GLU B 297 -29.27 -13.03 -16.67
N ALA B 298 -29.13 -11.87 -16.03
CA ALA B 298 -30.07 -10.79 -16.24
C ALA B 298 -30.08 -10.32 -17.69
N TRP B 299 -28.91 -10.19 -18.30
CA TRP B 299 -28.80 -9.79 -19.69
C TRP B 299 -28.19 -10.89 -20.57
N ALA B 300 -28.46 -12.15 -20.24
CA ALA B 300 -27.97 -13.25 -21.07
C ALA B 300 -28.53 -13.20 -22.48
N SER B 301 -29.84 -12.93 -22.62
CA SER B 301 -30.41 -12.83 -23.96
C SER B 301 -31.43 -11.70 -24.09
N SER B 302 -31.31 -10.62 -23.32
CA SER B 302 -32.29 -9.54 -23.37
C SER B 302 -32.30 -8.88 -24.74
N SER B 303 -33.51 -8.61 -25.23
CA SER B 303 -33.69 -7.92 -26.50
C SER B 303 -33.39 -6.43 -26.41
N LEU B 304 -33.29 -5.89 -25.20
CA LEU B 304 -32.89 -4.50 -24.99
C LEU B 304 -31.39 -4.31 -25.16
N ILE B 305 -30.63 -5.40 -25.27
CA ILE B 305 -29.18 -5.32 -25.41
C ILE B 305 -28.76 -6.04 -26.69
N ALA B 306 -29.16 -7.31 -26.80
CA ALA B 306 -28.77 -8.14 -27.94
C ALA B 306 -29.63 -7.79 -29.15
N MET B 307 -29.02 -7.18 -30.15
CA MET B 307 -29.70 -6.84 -31.39
C MET B 307 -28.77 -7.16 -32.55
N PRO B 308 -29.31 -7.67 -33.67
CA PRO B 308 -28.44 -8.00 -34.81
C PRO B 308 -27.72 -6.79 -35.39
N GLN B 309 -28.31 -5.59 -35.28
CA GLN B 309 -27.66 -4.40 -35.80
C GLN B 309 -26.43 -4.04 -34.99
N TYR B 310 -26.47 -4.28 -33.68
CA TYR B 310 -25.39 -3.92 -32.77
C TYR B 310 -24.37 -5.03 -32.58
N PHE B 311 -24.47 -6.12 -33.35
CA PHE B 311 -23.61 -7.27 -33.12
C PHE B 311 -22.13 -6.91 -33.30
N HIS B 312 -21.79 -6.23 -34.41
CA HIS B 312 -20.40 -5.94 -34.68
C HIS B 312 -19.78 -5.06 -33.61
N VAL B 313 -20.61 -4.28 -32.91
CA VAL B 313 -20.10 -3.42 -31.85
C VAL B 313 -19.67 -4.26 -30.65
N VAL B 314 -20.49 -5.24 -30.28
CA VAL B 314 -20.27 -6.03 -29.07
C VAL B 314 -20.18 -7.52 -29.34
N GLY B 315 -19.74 -7.90 -30.54
CA GLY B 315 -19.58 -9.31 -30.87
C GLY B 315 -18.55 -10.01 -30.02
N GLY B 316 -18.77 -11.30 -29.76
CA GLY B 316 -17.85 -12.08 -28.94
C GLY B 316 -18.23 -12.06 -27.48
N THR B 317 -19.53 -12.12 -27.19
CA THR B 317 -20.02 -12.06 -25.82
C THR B 317 -20.24 -13.46 -25.29
N ILE B 318 -19.84 -13.70 -24.04
CA ILE B 318 -20.05 -14.97 -23.36
C ILE B 318 -20.84 -14.69 -22.10
N GLY B 319 -21.87 -15.51 -21.84
CA GLY B 319 -22.76 -15.25 -20.74
C GLY B 319 -23.34 -16.52 -20.15
N PHE B 320 -23.93 -16.35 -18.97
CA PHE B 320 -24.57 -17.43 -18.23
C PHE B 320 -26.07 -17.36 -18.39
N ALA B 321 -26.69 -18.52 -18.60
CA ALA B 321 -28.14 -18.60 -18.74
C ALA B 321 -28.63 -19.85 -18.02
N LEU B 322 -29.93 -19.87 -17.75
CA LEU B 322 -30.56 -21.05 -17.19
C LEU B 322 -30.90 -22.04 -18.31
N LYS B 323 -31.01 -23.32 -17.93
CA LYS B 323 -31.30 -24.36 -18.90
C LYS B 323 -32.67 -24.12 -19.55
N ALA B 324 -32.76 -24.47 -20.82
CA ALA B 324 -34.01 -24.32 -21.55
C ALA B 324 -35.08 -25.22 -20.95
N GLY B 325 -36.28 -24.69 -20.81
CA GLY B 325 -37.39 -25.41 -20.19
C GLY B 325 -38.18 -26.20 -21.21
N GLN B 326 -39.07 -27.05 -20.72
CA GLN B 326 -39.94 -27.87 -21.56
C GLN B 326 -41.36 -27.74 -21.06
N ILE B 327 -42.10 -26.80 -21.64
CA ILE B 327 -43.50 -26.56 -21.28
C ILE B 327 -44.35 -26.57 -22.54
N PRO B 328 -44.86 -27.73 -22.97
CA PRO B 328 -45.68 -27.76 -24.19
C PRO B 328 -47.02 -27.09 -23.97
N GLY B 329 -47.55 -26.44 -25.01
CA GLY B 329 -48.81 -25.76 -24.94
C GLY B 329 -48.77 -24.40 -24.27
N PHE B 330 -47.60 -23.94 -23.84
CA PHE B 330 -47.50 -22.63 -23.19
C PHE B 330 -47.79 -21.50 -24.17
N ARG B 331 -47.26 -21.60 -25.40
CA ARG B 331 -47.54 -20.60 -26.42
C ARG B 331 -49.01 -20.58 -26.77
N GLU B 332 -49.64 -21.76 -26.85
CA GLU B 332 -51.08 -21.82 -27.13
C GLU B 332 -51.88 -21.15 -26.03
N PHE B 333 -51.52 -21.39 -24.78
CA PHE B 333 -52.21 -20.72 -23.68
C PHE B 333 -52.01 -19.22 -23.73
N LEU B 334 -50.81 -18.77 -24.10
CA LEU B 334 -50.58 -17.34 -24.27
C LEU B 334 -51.47 -16.78 -25.36
N LYS B 335 -51.65 -17.54 -26.45
CA LYS B 335 -52.54 -17.11 -27.52
C LYS B 335 -54.00 -17.20 -27.13
N LYS B 336 -54.31 -17.82 -25.98
CA LYS B 336 -55.69 -17.99 -25.53
C LYS B 336 -56.15 -16.90 -24.59
N VAL B 337 -55.35 -15.86 -24.35
CA VAL B 337 -55.75 -14.79 -23.45
C VAL B 337 -56.86 -13.97 -24.08
N HIS B 338 -57.83 -13.56 -23.26
CA HIS B 338 -58.95 -12.75 -23.72
C HIS B 338 -59.65 -12.11 -22.52
N PRO B 339 -59.90 -10.81 -22.56
CA PRO B 339 -60.56 -10.14 -21.43
C PRO B 339 -61.97 -10.65 -21.17
N ARG B 340 -62.67 -11.14 -22.19
CA ARG B 340 -63.99 -11.73 -22.02
C ARG B 340 -63.94 -13.21 -21.66
N LYS B 341 -62.85 -13.90 -21.95
CA LYS B 341 -62.69 -15.31 -21.61
C LYS B 341 -61.87 -15.51 -20.34
N SER B 342 -61.48 -14.43 -19.67
CA SER B 342 -60.72 -14.49 -18.43
C SER B 342 -61.62 -14.03 -17.29
N VAL B 343 -62.02 -14.97 -16.43
CA VAL B 343 -62.87 -14.67 -15.28
C VAL B 343 -62.15 -14.83 -13.96
N HIS B 344 -60.89 -15.29 -13.97
CA HIS B 344 -60.11 -15.47 -12.75
C HIS B 344 -58.82 -14.66 -12.79
N ASN B 345 -58.72 -13.72 -13.73
CA ASN B 345 -57.50 -12.93 -13.91
C ASN B 345 -57.90 -11.55 -14.39
N GLY B 346 -58.06 -10.61 -13.46
CA GLY B 346 -58.43 -9.25 -13.83
C GLY B 346 -57.34 -8.54 -14.61
N PHE B 347 -56.07 -8.79 -14.27
CA PHE B 347 -54.96 -8.10 -14.89
C PHE B 347 -54.93 -8.29 -16.40
N ALA B 348 -55.45 -9.41 -16.90
CA ALA B 348 -55.51 -9.64 -18.35
C ALA B 348 -56.23 -8.49 -19.05
N LYS B 349 -57.31 -7.98 -18.44
CA LYS B 349 -58.01 -6.84 -19.01
C LYS B 349 -57.05 -5.67 -19.21
N GLU B 350 -56.24 -5.36 -18.18
CA GLU B 350 -55.23 -4.32 -18.34
C GLU B 350 -54.26 -4.68 -19.45
N PHE B 351 -53.88 -5.96 -19.54
CA PHE B 351 -53.00 -6.40 -20.61
C PHE B 351 -53.62 -6.12 -21.97
N TRP B 352 -54.95 -6.17 -22.06
CA TRP B 352 -55.61 -5.88 -23.32
C TRP B 352 -55.66 -4.38 -23.59
N GLU B 353 -55.63 -3.57 -22.53
CA GLU B 353 -55.79 -2.13 -22.71
C GLU B 353 -54.49 -1.47 -23.15
N GLU B 354 -53.44 -1.61 -22.34
CA GLU B 354 -52.19 -0.87 -22.59
C GLU B 354 -51.60 -1.23 -23.95
N THR B 355 -51.80 -2.47 -24.39
CA THR B 355 -51.28 -2.86 -25.71
C THR B 355 -51.97 -2.10 -26.83
N PHE B 356 -53.29 -1.90 -26.70
CA PHE B 356 -54.07 -1.28 -27.77
C PHE B 356 -54.35 0.19 -27.54
N ASN B 357 -53.87 0.77 -26.43
CA ASN B 357 -54.02 2.20 -26.14
C ASN B 357 -55.49 2.63 -26.18
N CYS B 358 -56.35 1.78 -25.62
CA CYS B 358 -57.77 2.10 -25.54
C CYS B 358 -58.35 1.44 -24.29
N HIS B 359 -59.46 2.00 -23.82
CA HIS B 359 -60.12 1.54 -22.61
C HIS B 359 -61.36 0.73 -22.97
N LEU B 360 -61.61 -0.33 -22.21
CA LEU B 360 -62.75 -1.20 -22.45
C LEU B 360 -63.94 -0.80 -21.57
N ARG B 392 -59.38 9.49 -25.12
CA ARG B 392 -58.75 8.59 -26.07
C ARG B 392 -59.77 7.55 -26.55
N PRO B 393 -59.53 6.97 -27.74
CA PRO B 393 -60.51 6.04 -28.33
C PRO B 393 -60.82 4.84 -27.44
N LEU B 394 -61.99 4.24 -27.67
CA LEU B 394 -62.46 3.11 -26.89
C LEU B 394 -62.46 1.84 -27.75
N CYS B 395 -62.39 0.69 -27.07
CA CYS B 395 -62.40 -0.60 -27.74
C CYS B 395 -63.44 -1.50 -27.08
N THR B 396 -64.06 -2.35 -27.89
CA THR B 396 -65.01 -3.34 -27.37
C THR B 396 -64.27 -4.51 -26.71
N GLY B 397 -63.02 -4.75 -27.11
CA GLY B 397 -62.26 -5.86 -26.57
C GLY B 397 -62.34 -7.11 -27.43
N ASP B 398 -62.63 -6.92 -28.72
CA ASP B 398 -62.79 -8.03 -29.66
C ASP B 398 -61.59 -8.13 -30.61
N GLU B 399 -60.43 -7.65 -30.18
CA GLU B 399 -59.23 -7.71 -31.01
C GLU B 399 -58.56 -9.07 -30.90
N ASN B 400 -57.36 -9.20 -31.47
CA ASN B 400 -56.60 -10.44 -31.40
C ASN B 400 -55.13 -10.10 -31.29
N ILE B 401 -54.44 -10.78 -30.37
CA ILE B 401 -53.01 -10.54 -30.15
C ILE B 401 -52.12 -11.52 -30.90
N SER B 402 -52.70 -12.59 -31.46
CA SER B 402 -51.90 -13.57 -32.19
C SER B 402 -51.25 -12.95 -33.42
N SER B 403 -51.97 -12.08 -34.12
CA SER B 403 -51.49 -11.47 -35.35
C SER B 403 -50.74 -10.16 -35.12
N VAL B 404 -50.59 -9.75 -33.86
CA VAL B 404 -49.85 -8.53 -33.51
C VAL B 404 -48.63 -8.94 -32.71
N GLU B 405 -47.46 -8.49 -33.14
CA GLU B 405 -46.19 -8.89 -32.52
C GLU B 405 -45.90 -7.95 -31.36
N THR B 406 -45.79 -8.51 -30.16
CA THR B 406 -45.46 -7.77 -28.95
C THR B 406 -44.40 -8.56 -28.17
N PRO B 407 -43.67 -7.92 -27.25
CA PRO B 407 -42.71 -8.68 -26.43
C PRO B 407 -43.35 -9.81 -25.66
N TYR B 408 -44.62 -9.66 -25.26
CA TYR B 408 -45.32 -10.74 -24.58
C TYR B 408 -45.44 -11.98 -25.45
N ILE B 409 -45.81 -11.81 -26.72
CA ILE B 409 -45.99 -12.95 -27.61
C ILE B 409 -44.65 -13.58 -27.96
N ASP B 410 -43.66 -12.76 -28.30
CA ASP B 410 -42.38 -13.25 -28.79
C ASP B 410 -41.52 -13.80 -27.66
N TYR B 411 -40.96 -14.98 -27.88
CA TYR B 411 -39.97 -15.55 -26.98
C TYR B 411 -39.22 -16.65 -27.72
N THR B 412 -37.95 -16.83 -27.35
CA THR B 412 -37.14 -17.91 -27.89
C THR B 412 -36.65 -18.89 -26.85
N HIS B 413 -36.63 -18.52 -25.57
CA HIS B 413 -36.23 -19.40 -24.50
C HIS B 413 -37.16 -19.18 -23.31
N LEU B 414 -37.13 -20.12 -22.36
CA LEU B 414 -37.97 -20.08 -21.18
C LEU B 414 -37.10 -20.26 -19.95
N ARG B 415 -36.82 -19.16 -19.24
CA ARG B 415 -35.95 -19.20 -18.08
C ARG B 415 -36.79 -18.91 -16.85
N ILE B 416 -37.46 -17.76 -16.76
CA ILE B 416 -38.27 -17.47 -15.59
C ILE B 416 -39.51 -18.34 -15.56
N SER B 417 -40.13 -18.54 -16.74
CA SER B 417 -41.32 -19.37 -16.81
C SER B 417 -41.02 -20.79 -16.35
N TYR B 418 -39.85 -21.32 -16.72
CA TYR B 418 -39.47 -22.64 -16.26
C TYR B 418 -39.31 -22.67 -14.75
N ASN B 419 -38.77 -21.60 -14.17
CA ASN B 419 -38.67 -21.53 -12.71
C ASN B 419 -40.04 -21.55 -12.06
N VAL B 420 -40.99 -20.81 -12.62
CA VAL B 420 -42.35 -20.79 -12.08
C VAL B 420 -42.97 -22.17 -12.17
N TYR B 421 -42.81 -22.82 -13.32
CA TYR B 421 -43.32 -24.17 -13.53
C TYR B 421 -42.73 -25.14 -12.51
N LEU B 422 -41.41 -25.06 -12.30
CA LEU B 422 -40.75 -25.95 -11.35
C LEU B 422 -41.23 -25.69 -9.93
N ALA B 423 -41.40 -24.43 -9.53
CA ALA B 423 -41.91 -24.15 -8.19
C ALA B 423 -43.31 -24.71 -8.01
N VAL B 424 -44.18 -24.50 -9.01
CA VAL B 424 -45.55 -24.97 -8.91
C VAL B 424 -45.59 -26.49 -8.81
N TYR B 425 -44.79 -27.17 -9.63
CA TYR B 425 -44.75 -28.62 -9.57
C TYR B 425 -44.10 -29.12 -8.27
N SER B 426 -43.18 -28.36 -7.69
CA SER B 426 -42.62 -28.73 -6.40
C SER B 426 -43.70 -28.69 -5.32
N ILE B 427 -44.51 -27.63 -5.32
CA ILE B 427 -45.61 -27.56 -4.36
C ILE B 427 -46.59 -28.70 -4.59
N ALA B 428 -46.89 -28.99 -5.86
CA ALA B 428 -47.81 -30.08 -6.18
C ALA B 428 -47.26 -31.43 -5.71
N HIS B 429 -45.95 -31.64 -5.85
CA HIS B 429 -45.35 -32.89 -5.41
C HIS B 429 -45.33 -33.00 -3.90
N ALA B 430 -45.12 -31.90 -3.19
CA ALA B 430 -45.26 -31.93 -1.74
C ALA B 430 -46.69 -32.28 -1.33
N LEU B 431 -47.67 -31.74 -2.06
CA LEU B 431 -49.06 -32.08 -1.80
C LEU B 431 -49.32 -33.56 -2.06
N GLN B 432 -48.73 -34.11 -3.11
CA GLN B 432 -48.88 -35.53 -3.38
C GLN B 432 -48.20 -36.38 -2.31
N ASP B 433 -47.08 -35.90 -1.77
CA ASP B 433 -46.43 -36.58 -0.65
C ASP B 433 -47.34 -36.61 0.57
N ILE B 434 -48.04 -35.50 0.83
CA ILE B 434 -49.07 -35.50 1.87
C ILE B 434 -50.16 -36.51 1.51
N TYR B 435 -50.51 -36.59 0.23
CA TYR B 435 -51.57 -37.48 -0.23
C TYR B 435 -51.23 -38.94 0.06
N THR B 436 -49.98 -39.32 -0.16
CA THR B 436 -49.56 -40.70 0.07
C THR B 436 -49.26 -40.99 1.54
N CYS B 437 -49.29 -39.99 2.41
CA CYS B 437 -48.98 -40.19 3.82
C CYS B 437 -50.08 -40.99 4.50
N LEU B 438 -49.69 -41.80 5.50
CA LEU B 438 -50.54 -42.61 6.35
C LEU B 438 -50.49 -42.11 7.78
N PRO B 439 -51.55 -42.31 8.57
CA PRO B 439 -51.54 -41.87 9.97
C PRO B 439 -50.58 -42.63 10.87
N GLY B 440 -50.12 -43.81 10.47
CA GLY B 440 -49.16 -44.56 11.26
C GLY B 440 -47.80 -44.68 10.59
N ARG B 441 -47.68 -44.11 9.40
CA ARG B 441 -46.43 -44.19 8.64
C ARG B 441 -46.24 -42.86 7.93
N GLY B 442 -45.15 -42.17 8.23
CA GLY B 442 -44.87 -40.90 7.60
C GLY B 442 -43.53 -40.37 8.02
N LEU B 443 -43.22 -39.17 7.53
CA LEU B 443 -41.98 -38.48 7.88
C LEU B 443 -42.15 -37.54 9.07
N PHE B 444 -43.12 -37.84 9.94
CA PHE B 444 -43.51 -36.95 11.03
C PHE B 444 -43.45 -37.71 12.34
N THR B 445 -43.68 -37.00 13.44
CA THR B 445 -43.72 -37.62 14.75
C THR B 445 -44.89 -38.58 14.86
N ASN B 446 -44.60 -39.86 15.07
CA ASN B 446 -45.55 -40.98 15.15
C ASN B 446 -46.32 -41.15 13.85
N GLY B 447 -45.82 -40.63 12.73
CA GLY B 447 -46.53 -40.73 11.47
C GLY B 447 -47.76 -39.87 11.38
N SER B 448 -47.86 -38.81 12.18
CA SER B 448 -49.05 -37.99 12.23
C SER B 448 -49.09 -37.05 11.02
N CYS B 449 -50.12 -37.20 10.19
CA CYS B 449 -50.35 -36.30 9.07
C CYS B 449 -51.85 -36.23 8.82
N ALA B 450 -52.34 -35.01 8.64
CA ALA B 450 -53.78 -34.80 8.48
C ALA B 450 -54.23 -35.20 7.08
N ASP B 451 -55.55 -35.15 6.88
CA ASP B 451 -56.14 -35.51 5.60
C ASP B 451 -55.78 -34.49 4.54
N ILE B 452 -55.86 -34.90 3.28
CA ILE B 452 -55.60 -34.01 2.16
C ILE B 452 -56.59 -32.85 2.13
N LYS B 453 -57.83 -33.05 2.56
CA LYS B 453 -58.80 -31.97 2.64
C LYS B 453 -58.43 -30.94 3.71
N LYS B 454 -57.73 -31.36 4.76
CA LYS B 454 -57.32 -30.47 5.84
C LYS B 454 -55.84 -30.13 5.76
N VAL B 455 -55.32 -29.92 4.56
CA VAL B 455 -53.89 -29.68 4.35
C VAL B 455 -53.42 -28.46 5.13
N GLU B 456 -52.29 -28.59 5.81
CA GLU B 456 -51.67 -27.50 6.54
C GLU B 456 -50.31 -27.19 5.94
N ALA B 457 -49.90 -25.92 6.03
CA ALA B 457 -48.69 -25.47 5.35
C ALA B 457 -47.43 -26.09 5.95
N TRP B 458 -47.42 -26.32 7.27
CA TRP B 458 -46.22 -26.85 7.91
C TRP B 458 -45.94 -28.28 7.46
N GLN B 459 -46.98 -29.03 7.12
CA GLN B 459 -46.78 -30.33 6.51
C GLN B 459 -46.17 -30.19 5.12
N VAL B 460 -46.58 -29.16 4.38
CA VAL B 460 -46.04 -28.93 3.04
C VAL B 460 -44.55 -28.58 3.12
N LEU B 461 -44.18 -27.77 4.11
CA LEU B 461 -42.80 -27.32 4.23
C LEU B 461 -41.84 -28.49 4.43
N LYS B 462 -42.22 -29.44 5.29
CA LYS B 462 -41.35 -30.58 5.57
C LYS B 462 -41.12 -31.41 4.32
N HIS B 463 -42.18 -31.63 3.53
CA HIS B 463 -42.04 -32.38 2.28
C HIS B 463 -41.19 -31.61 1.27
N LEU B 464 -41.36 -30.29 1.19
CA LEU B 464 -40.56 -29.51 0.25
C LEU B 464 -39.08 -29.48 0.61
N ARG B 465 -38.74 -29.39 1.89
CA ARG B 465 -37.33 -29.35 2.28
C ARG B 465 -36.60 -30.65 1.96
N HIS B 466 -37.34 -31.76 1.79
CA HIS B 466 -36.75 -33.05 1.48
C HIS B 466 -37.28 -33.60 0.16
N LEU B 467 -37.33 -32.76 -0.88
CA LEU B 467 -37.84 -33.17 -2.17
C LEU B 467 -36.71 -33.62 -3.09
N ASN B 468 -36.96 -34.69 -3.84
CA ASN B 468 -35.99 -35.23 -4.80
C ASN B 468 -36.81 -35.91 -5.91
N PHE B 469 -37.00 -35.19 -7.02
CA PHE B 469 -37.88 -35.67 -8.07
C PHE B 469 -37.22 -35.48 -9.43
N THR B 470 -37.96 -35.84 -10.47
CA THR B 470 -37.50 -35.76 -11.85
C THR B 470 -38.44 -34.88 -12.65
N ASN B 471 -37.87 -34.13 -13.60
CA ASN B 471 -38.64 -33.22 -14.42
C ASN B 471 -39.30 -33.97 -15.57
N ASN B 472 -40.09 -33.23 -16.36
CA ASN B 472 -40.65 -33.82 -17.57
C ASN B 472 -39.55 -34.21 -18.55
N MET B 473 -38.43 -33.48 -18.54
CA MET B 473 -37.26 -33.87 -19.31
C MET B 473 -36.44 -34.96 -18.63
N GLY B 474 -36.76 -35.29 -17.38
CA GLY B 474 -36.06 -36.32 -16.64
C GLY B 474 -34.95 -35.82 -15.75
N GLU B 475 -34.69 -34.51 -15.73
CA GLU B 475 -33.60 -33.99 -14.91
C GLU B 475 -33.92 -34.11 -13.43
N GLN B 476 -32.90 -34.49 -12.65
CA GLN B 476 -33.02 -34.66 -11.22
C GLN B 476 -32.98 -33.31 -10.53
N VAL B 477 -34.01 -33.00 -9.74
CA VAL B 477 -34.09 -31.76 -8.99
C VAL B 477 -34.31 -32.10 -7.53
N THR B 478 -33.44 -31.58 -6.67
CA THR B 478 -33.51 -31.78 -5.23
C THR B 478 -33.23 -30.46 -4.51
N PHE B 479 -33.76 -30.34 -3.30
CA PHE B 479 -33.57 -29.16 -2.48
C PHE B 479 -32.75 -29.49 -1.23
N ASP B 480 -32.42 -28.46 -0.48
CA ASP B 480 -31.65 -28.61 0.75
C ASP B 480 -32.39 -27.89 1.88
N GLU B 481 -31.81 -27.90 3.07
CA GLU B 481 -32.34 -27.17 4.21
C GLU B 481 -31.92 -25.72 4.21
N CYS B 482 -31.07 -25.30 3.27
CA CYS B 482 -30.66 -23.91 3.13
C CYS B 482 -31.56 -23.11 2.21
N GLY B 483 -32.60 -23.72 1.65
CA GLY B 483 -33.44 -23.02 0.70
C GLY B 483 -32.82 -22.80 -0.66
N ASP B 484 -31.75 -23.52 -0.98
CA ASP B 484 -31.01 -23.33 -2.20
C ASP B 484 -31.27 -24.48 -3.17
N LEU B 485 -31.10 -24.20 -4.46
CA LEU B 485 -31.16 -25.22 -5.51
C LEU B 485 -29.76 -25.51 -6.03
N VAL B 486 -29.62 -26.61 -6.76
CA VAL B 486 -28.33 -27.05 -7.27
C VAL B 486 -28.36 -27.05 -8.79
N GLY B 487 -29.10 -26.12 -9.38
CA GLY B 487 -29.21 -26.06 -10.82
C GLY B 487 -27.90 -25.70 -11.50
N ASN B 488 -27.86 -25.93 -12.81
CA ASN B 488 -26.67 -25.75 -13.63
C ASN B 488 -26.85 -24.54 -14.54
N TYR B 489 -25.78 -23.77 -14.70
CA TYR B 489 -25.78 -22.62 -15.60
C TYR B 489 -25.12 -23.00 -16.92
N SER B 490 -25.86 -22.83 -18.02
CA SER B 490 -25.29 -23.01 -19.34
C SER B 490 -24.55 -21.74 -19.76
N ILE B 491 -23.61 -21.91 -20.69
CA ILE B 491 -22.77 -20.82 -21.15
C ILE B 491 -23.05 -20.60 -22.64
N ILE B 492 -23.37 -19.37 -23.00
CA ILE B 492 -23.81 -19.03 -24.34
C ILE B 492 -22.90 -17.97 -24.93
N ASN B 493 -22.57 -18.14 -26.21
CA ASN B 493 -21.79 -17.18 -26.97
C ASN B 493 -22.56 -16.81 -28.23
N TRP B 494 -22.36 -15.58 -28.68
CA TRP B 494 -23.17 -14.99 -29.75
C TRP B 494 -22.54 -15.30 -31.10
N HIS B 495 -23.34 -15.85 -32.00
CA HIS B 495 -22.91 -16.21 -33.34
C HIS B 495 -23.92 -15.69 -34.36
N LEU B 496 -23.42 -15.34 -35.53
CA LEU B 496 -24.30 -14.97 -36.63
C LEU B 496 -24.62 -16.19 -37.49
N SER B 497 -25.83 -16.19 -38.05
CA SER B 497 -26.29 -17.26 -38.92
C SER B 497 -26.32 -16.79 -40.35
N PRO B 498 -25.50 -17.34 -41.24
CA PRO B 498 -25.51 -16.91 -42.65
C PRO B 498 -26.79 -17.23 -43.39
N GLU B 499 -27.76 -17.87 -42.74
CA GLU B 499 -29.07 -18.10 -43.34
C GLU B 499 -29.99 -16.89 -43.20
N ASP B 500 -30.02 -16.25 -42.04
CA ASP B 500 -30.83 -15.05 -41.83
C ASP B 500 -29.94 -13.87 -41.47
N GLY B 501 -28.98 -14.07 -40.57
CA GLY B 501 -28.15 -12.99 -40.09
C GLY B 501 -28.43 -12.65 -38.64
N SER B 502 -29.37 -13.38 -38.05
CA SER B 502 -29.76 -13.17 -36.67
C SER B 502 -28.73 -13.76 -35.71
N ILE B 503 -28.79 -13.33 -34.46
CA ILE B 503 -27.88 -13.82 -33.43
C ILE B 503 -28.38 -15.16 -32.93
N VAL B 504 -27.51 -16.16 -32.96
CA VAL B 504 -27.83 -17.51 -32.50
C VAL B 504 -27.01 -17.81 -31.26
N PHE B 505 -27.68 -18.17 -30.17
CA PHE B 505 -27.03 -18.47 -28.90
C PHE B 505 -26.61 -19.93 -28.90
N LYS B 506 -25.31 -20.17 -29.03
CA LYS B 506 -24.75 -21.51 -29.05
C LYS B 506 -24.25 -21.88 -27.66
N GLU B 507 -24.72 -23.00 -27.12
CA GLU B 507 -24.29 -23.47 -25.82
C GLU B 507 -22.84 -23.96 -25.93
N VAL B 508 -21.92 -23.18 -25.37
CA VAL B 508 -20.49 -23.47 -25.47
C VAL B 508 -19.95 -24.20 -24.26
N GLY B 509 -20.75 -24.36 -23.20
CA GLY B 509 -20.28 -25.07 -22.03
C GLY B 509 -21.27 -24.99 -20.90
N TYR B 510 -20.84 -25.46 -19.74
CA TYR B 510 -21.71 -25.47 -18.57
C TYR B 510 -20.88 -25.37 -17.30
N TYR B 511 -21.47 -24.74 -16.29
CA TYR B 511 -20.89 -24.68 -14.94
C TYR B 511 -21.75 -25.57 -14.06
N ASN B 512 -21.25 -26.75 -13.72
CA ASN B 512 -22.00 -27.76 -12.99
C ASN B 512 -21.55 -27.77 -11.54
N VAL B 513 -22.52 -27.74 -10.63
CA VAL B 513 -22.24 -27.67 -9.20
C VAL B 513 -22.23 -29.05 -8.55
N TYR B 514 -22.30 -30.12 -9.34
CA TYR B 514 -22.17 -31.48 -8.83
C TYR B 514 -20.72 -31.96 -8.81
N ALA B 515 -19.77 -31.03 -8.96
CA ALA B 515 -18.35 -31.37 -8.94
C ALA B 515 -17.63 -30.37 -8.06
N LYS B 516 -16.46 -30.76 -7.56
CA LYS B 516 -15.68 -29.88 -6.71
C LYS B 516 -15.05 -28.76 -7.53
N LYS B 517 -14.50 -27.78 -6.80
CA LYS B 517 -13.88 -26.61 -7.42
C LYS B 517 -12.71 -27.03 -8.31
N GLY B 518 -12.44 -26.25 -9.35
CA GLY B 518 -11.41 -26.58 -10.31
C GLY B 518 -11.86 -27.50 -11.42
N GLU B 519 -13.03 -28.14 -11.29
CA GLU B 519 -13.58 -28.98 -12.35
C GLU B 519 -15.03 -28.67 -12.67
N ARG B 520 -15.65 -27.71 -11.98
CA ARG B 520 -17.07 -27.42 -12.22
C ARG B 520 -17.29 -26.88 -13.63
N LEU B 521 -16.41 -25.99 -14.09
CA LEU B 521 -16.56 -25.31 -15.36
C LEU B 521 -16.10 -26.21 -16.50
N PHE B 522 -16.87 -26.26 -17.58
CA PHE B 522 -16.49 -26.98 -18.78
C PHE B 522 -16.84 -26.12 -19.98
N ILE B 523 -15.83 -25.79 -20.79
CA ILE B 523 -16.01 -24.94 -21.97
C ILE B 523 -15.32 -25.59 -23.15
N ASN B 524 -16.04 -25.69 -24.27
CA ASN B 524 -15.44 -26.10 -25.54
C ASN B 524 -14.95 -24.83 -26.23
N GLU B 525 -13.70 -24.45 -25.97
CA GLU B 525 -13.16 -23.20 -26.49
C GLU B 525 -13.13 -23.17 -28.01
N GLU B 526 -13.19 -24.33 -28.66
CA GLU B 526 -13.13 -24.37 -30.12
C GLU B 526 -14.32 -23.64 -30.73
N LYS B 527 -15.51 -23.79 -30.13
CA LYS B 527 -16.71 -23.20 -30.72
C LYS B 527 -16.69 -21.67 -30.63
N ILE B 528 -16.09 -21.12 -29.57
CA ILE B 528 -16.29 -19.71 -29.25
C ILE B 528 -15.69 -18.83 -30.33
N LEU B 529 -16.48 -17.85 -30.78
CA LEU B 529 -15.99 -16.76 -31.62
C LEU B 529 -15.70 -15.57 -30.73
N TRP B 530 -14.46 -15.10 -30.76
CA TRP B 530 -14.06 -13.98 -29.91
C TRP B 530 -14.52 -12.66 -30.50
N SER B 531 -13.98 -11.55 -29.99
CA SER B 531 -14.33 -10.21 -30.46
C SER B 531 -14.32 -10.14 -31.98
N GLY B 532 -15.43 -9.75 -32.58
CA GLY B 532 -15.57 -9.81 -34.02
C GLY B 532 -15.65 -11.25 -34.50
N PHE B 533 -14.87 -11.57 -35.53
CA PHE B 533 -14.81 -12.92 -36.08
C PHE B 533 -13.53 -13.64 -35.68
N SER B 534 -12.79 -13.11 -34.72
CA SER B 534 -11.49 -13.67 -34.37
C SER B 534 -11.64 -15.03 -33.71
N ARG B 535 -10.77 -15.96 -34.12
CA ARG B 535 -10.70 -17.29 -33.52
C ARG B 535 -9.60 -17.38 -32.47
N GLU B 536 -8.86 -16.30 -32.24
CA GLU B 536 -7.74 -16.27 -31.31
C GLU B 536 -8.16 -15.66 -29.98
N VAL B 537 -7.69 -16.26 -28.90
CA VAL B 537 -8.02 -15.81 -27.55
C VAL B 537 -7.42 -14.43 -27.36
N PRO B 538 -8.21 -13.42 -27.01
CA PRO B 538 -7.65 -12.08 -26.79
C PRO B 538 -6.75 -12.05 -25.57
N PHE B 539 -5.79 -11.13 -25.59
CA PHE B 539 -4.85 -10.95 -24.49
C PHE B 539 -5.46 -10.07 -23.41
N SER B 540 -5.39 -10.53 -22.16
CA SER B 540 -5.99 -9.77 -21.07
C SER B 540 -5.17 -9.77 -19.78
N ASN B 541 -3.87 -10.02 -19.87
CA ASN B 541 -3.00 -9.82 -18.72
C ASN B 541 -2.71 -8.33 -18.56
N CYS B 542 -2.31 -7.95 -17.34
CA CYS B 542 -2.02 -6.55 -17.08
C CYS B 542 -0.87 -6.05 -17.95
N SER B 543 0.19 -6.86 -18.08
CA SER B 543 1.31 -6.54 -18.94
C SER B 543 1.93 -7.84 -19.43
N ARG B 544 2.65 -7.75 -20.55
CA ARG B 544 3.24 -8.92 -21.17
C ARG B 544 4.27 -9.56 -20.24
N ASP B 545 4.37 -10.89 -20.33
CA ASP B 545 5.32 -11.63 -19.51
C ASP B 545 6.74 -11.18 -19.84
N CYS B 546 7.51 -10.89 -18.80
CA CYS B 546 8.87 -10.40 -19.00
C CYS B 546 9.73 -11.51 -19.58
N LEU B 547 10.29 -11.27 -20.76
CA LEU B 547 11.04 -12.29 -21.48
C LEU B 547 12.29 -12.69 -20.71
N ALA B 548 12.66 -13.97 -20.83
CA ALA B 548 13.83 -14.50 -20.16
C ALA B 548 15.05 -13.68 -20.56
N GLY B 549 15.60 -12.93 -19.61
CA GLY B 549 16.63 -11.97 -19.89
C GLY B 549 16.36 -10.67 -19.17
N THR B 550 15.08 -10.42 -18.91
CA THR B 550 14.64 -9.29 -18.09
C THR B 550 13.72 -9.81 -17.00
N ARG B 551 13.83 -9.21 -15.81
CA ARG B 551 13.10 -9.67 -14.64
C ARG B 551 11.81 -8.90 -14.51
N LYS B 552 10.95 -9.39 -13.62
CA LYS B 552 9.72 -8.71 -13.24
C LYS B 552 9.88 -8.16 -11.83
N GLY B 553 9.70 -6.86 -11.68
CA GLY B 553 9.84 -6.18 -10.41
C GLY B 553 8.49 -5.65 -9.93
N ILE B 554 8.29 -5.72 -8.62
CA ILE B 554 7.03 -5.28 -8.03
C ILE B 554 6.98 -3.76 -8.02
N ILE B 555 5.79 -3.22 -8.27
CA ILE B 555 5.52 -1.80 -8.16
C ILE B 555 4.27 -1.61 -7.31
N GLU B 556 4.29 -0.58 -6.46
CA GLU B 556 3.16 -0.28 -5.60
C GLU B 556 2.39 0.90 -6.20
N GLY B 557 1.07 0.76 -6.28
CA GLY B 557 0.23 1.71 -6.97
C GLY B 557 -0.77 0.98 -7.84
N GLU B 558 -0.42 -0.25 -8.20
CA GLU B 558 -1.25 -1.19 -8.93
C GLU B 558 -1.19 -2.56 -8.25
N PRO B 559 -2.18 -3.42 -8.47
CA PRO B 559 -2.17 -4.74 -7.82
C PRO B 559 -0.92 -5.55 -8.13
N THR B 560 -0.50 -6.38 -7.17
CA THR B 560 0.75 -7.11 -7.29
C THR B 560 0.79 -8.04 -8.50
N CYS B 561 -0.37 -8.41 -9.05
CA CYS B 561 -0.40 -9.19 -10.28
C CYS B 561 0.23 -8.44 -11.45
N CYS B 562 0.24 -7.11 -11.39
CA CYS B 562 0.80 -6.28 -12.46
C CYS B 562 2.24 -5.96 -12.11
N PHE B 563 3.16 -6.26 -13.03
CA PHE B 563 4.59 -6.23 -12.78
C PHE B 563 5.28 -5.32 -13.79
N GLU B 564 6.48 -4.87 -13.45
CA GLU B 564 7.28 -4.04 -14.33
C GLU B 564 8.50 -4.81 -14.81
N CYS B 565 8.64 -4.96 -16.12
CA CYS B 565 9.82 -5.63 -16.67
C CYS B 565 11.02 -4.69 -16.64
N VAL B 566 12.10 -5.16 -16.03
CA VAL B 566 13.34 -4.39 -15.92
C VAL B 566 14.47 -5.27 -16.44
N GLU B 567 15.31 -4.70 -17.31
CA GLU B 567 16.42 -5.45 -17.87
C GLU B 567 17.39 -5.85 -16.77
N CYS B 568 17.81 -7.12 -16.81
CA CYS B 568 18.72 -7.61 -15.80
C CYS B 568 20.07 -6.89 -15.87
N PRO B 569 20.67 -6.62 -14.73
CA PRO B 569 22.00 -6.02 -14.72
C PRO B 569 23.04 -7.00 -15.26
N ASP B 570 24.10 -6.42 -15.83
CA ASP B 570 25.24 -7.23 -16.23
C ASP B 570 25.87 -7.88 -15.01
N GLY B 571 26.21 -9.17 -15.13
CA GLY B 571 26.70 -9.97 -14.03
C GLY B 571 25.63 -10.83 -13.39
N GLU B 572 24.36 -10.57 -13.65
CA GLU B 572 23.25 -11.39 -13.20
C GLU B 572 22.49 -11.90 -14.41
N TYR B 573 22.14 -13.18 -14.39
CA TYR B 573 21.54 -13.83 -15.53
C TYR B 573 20.09 -14.20 -15.22
N SER B 574 19.27 -14.19 -16.27
CA SER B 574 17.86 -14.54 -16.18
C SER B 574 17.64 -15.77 -17.06
N ASP B 575 17.80 -16.95 -16.49
CA ASP B 575 17.64 -18.19 -17.23
C ASP B 575 16.19 -18.65 -17.34
N GLU B 576 15.27 -18.00 -16.64
CA GLU B 576 13.86 -18.38 -16.68
C GLU B 576 13.01 -17.16 -16.95
N THR B 577 11.99 -17.32 -17.80
CA THR B 577 11.03 -16.25 -18.05
C THR B 577 10.22 -15.99 -16.79
N ASP B 578 9.88 -14.71 -16.56
CA ASP B 578 9.07 -14.30 -15.43
C ASP B 578 9.71 -14.65 -14.09
N ALA B 579 10.86 -14.04 -13.81
CA ALA B 579 11.52 -14.24 -12.52
C ALA B 579 11.55 -12.92 -11.79
N SER B 580 11.17 -12.94 -10.51
CA SER B 580 11.10 -11.73 -9.71
C SER B 580 12.46 -11.08 -9.49
N ALA B 581 13.55 -11.81 -9.75
CA ALA B 581 14.89 -11.26 -9.57
C ALA B 581 15.81 -11.91 -10.59
N CYS B 582 16.96 -11.29 -10.82
CA CYS B 582 17.95 -11.78 -11.75
C CYS B 582 18.99 -12.61 -11.00
N ASN B 583 19.19 -13.85 -11.46
CA ASN B 583 20.13 -14.75 -10.82
C ASN B 583 21.55 -14.31 -11.12
N LYS B 584 22.36 -14.12 -10.08
CA LYS B 584 23.72 -13.63 -10.26
C LYS B 584 24.66 -14.76 -10.69
N CYS B 585 25.47 -14.48 -11.70
CA CYS B 585 26.42 -15.50 -12.13
C CYS B 585 27.52 -15.70 -11.11
N PRO B 586 28.03 -16.93 -10.98
CA PRO B 586 29.28 -17.15 -10.25
C PRO B 586 30.43 -16.39 -10.89
N ASP B 587 31.41 -15.98 -10.09
CA ASP B 587 32.45 -15.07 -10.54
C ASP B 587 33.41 -15.71 -11.55
N ASP B 588 33.16 -16.95 -11.95
CA ASP B 588 33.95 -17.59 -13.00
C ASP B 588 33.50 -17.19 -14.40
N PHE B 589 32.32 -16.60 -14.53
CA PHE B 589 31.75 -16.28 -15.83
C PHE B 589 30.95 -15.00 -15.69
N TRP B 590 30.62 -14.38 -16.82
CA TRP B 590 29.92 -13.12 -16.79
C TRP B 590 28.83 -13.10 -17.85
N SER B 591 27.74 -12.38 -17.57
CA SER B 591 26.54 -12.46 -18.38
C SER B 591 26.72 -11.76 -19.72
N ASN B 592 26.12 -12.34 -20.75
CA ASN B 592 26.16 -11.79 -22.09
C ASN B 592 25.16 -10.64 -22.22
N GLU B 593 25.10 -10.07 -23.43
CA GLU B 593 24.23 -8.94 -23.67
C GLU B 593 22.77 -9.33 -23.52
N ASN B 594 22.38 -10.47 -24.09
CA ASN B 594 21.00 -10.92 -23.95
C ASN B 594 20.73 -11.41 -22.53
N HIS B 595 21.77 -11.51 -21.72
CA HIS B 595 21.66 -11.93 -20.33
C HIS B 595 21.01 -13.30 -20.22
N THR B 596 20.94 -14.01 -21.34
CA THR B 596 20.39 -15.35 -21.32
C THR B 596 21.20 -16.27 -20.43
N SER B 597 22.52 -16.15 -20.47
CA SER B 597 23.39 -16.98 -19.66
C SER B 597 24.78 -16.36 -19.58
N CYS B 598 25.60 -16.93 -18.73
CA CYS B 598 26.99 -16.53 -18.58
C CYS B 598 27.90 -17.73 -18.82
N ILE B 599 28.72 -17.65 -19.88
CA ILE B 599 29.44 -18.82 -20.36
C ILE B 599 30.95 -18.57 -20.42
N ALA B 600 31.35 -17.31 -20.56
CA ALA B 600 32.76 -16.97 -20.71
C ALA B 600 32.97 -15.54 -20.24
N LYS B 601 33.93 -15.34 -19.34
CA LYS B 601 34.17 -13.99 -18.85
C LYS B 601 35.26 -13.30 -19.65
N GLU B 602 36.53 -13.66 -19.40
CA GLU B 602 37.67 -13.42 -20.27
C GLU B 602 38.93 -13.95 -19.59
N ILE B 603 39.88 -14.50 -20.36
CA ILE B 603 41.18 -14.82 -19.77
C ILE B 603 42.26 -13.97 -20.41
N GLU B 604 43.05 -13.30 -19.56
CA GLU B 604 43.98 -12.29 -20.06
C GLU B 604 45.34 -12.45 -19.40
N PHE B 605 46.35 -12.73 -20.23
CA PHE B 605 47.76 -12.60 -19.87
C PHE B 605 48.62 -12.80 -21.11
N LEU B 606 49.87 -12.37 -21.06
CA LEU B 606 50.80 -12.48 -22.17
C LEU B 606 50.93 -13.93 -22.63
N SER B 607 50.84 -14.17 -23.93
CA SER B 607 50.94 -15.51 -24.48
C SER B 607 52.01 -15.51 -25.56
N TRP B 608 52.51 -16.71 -25.87
CA TRP B 608 53.51 -16.85 -26.93
C TRP B 608 52.94 -16.43 -28.27
N THR B 609 51.67 -16.72 -28.51
CA THR B 609 51.03 -16.42 -29.78
C THR B 609 50.12 -15.20 -29.65
N GLU B 610 50.65 -14.06 -30.08
CA GLU B 610 49.94 -12.79 -30.21
C GLU B 610 50.91 -11.80 -30.85
N PRO B 611 50.42 -10.72 -31.50
CA PRO B 611 51.35 -9.82 -32.21
C PRO B 611 52.50 -9.33 -31.36
N PHE B 612 52.21 -8.76 -30.19
CA PHE B 612 53.29 -8.33 -29.30
C PHE B 612 54.08 -9.54 -28.82
N GLY B 613 53.40 -10.67 -28.61
CA GLY B 613 54.11 -11.87 -28.22
C GLY B 613 55.04 -12.38 -29.30
N ILE B 614 54.62 -12.31 -30.57
CA ILE B 614 55.49 -12.71 -31.67
C ILE B 614 56.70 -11.78 -31.75
N ALA B 615 56.47 -10.46 -31.62
CA ALA B 615 57.58 -9.52 -31.66
C ALA B 615 58.56 -9.77 -30.51
N LEU B 616 58.02 -10.02 -29.30
CA LEU B 616 58.87 -10.29 -28.15
C LEU B 616 59.65 -11.59 -28.33
N THR B 617 59.02 -12.62 -28.87
CA THR B 617 59.71 -13.88 -29.12
C THR B 617 60.84 -13.70 -30.13
N LEU B 618 60.58 -12.94 -31.21
CA LEU B 618 61.63 -12.68 -32.18
C LEU B 618 62.78 -11.91 -31.57
N PHE B 619 62.47 -10.90 -30.75
CA PHE B 619 63.53 -10.10 -30.13
C PHE B 619 64.33 -10.95 -29.15
N ALA B 620 63.65 -11.82 -28.39
CA ALA B 620 64.34 -12.70 -27.46
C ALA B 620 65.24 -13.70 -28.18
N VAL B 621 64.75 -14.28 -29.28
CA VAL B 621 65.57 -15.25 -30.00
C VAL B 621 66.77 -14.55 -30.65
N LEU B 622 66.60 -13.31 -31.12
CA LEU B 622 67.74 -12.57 -31.66
C LEU B 622 68.77 -12.29 -30.56
N GLY B 623 68.30 -11.90 -29.37
CA GLY B 623 69.23 -11.67 -28.28
C GLY B 623 69.97 -12.93 -27.86
N ILE B 624 69.25 -14.06 -27.80
CA ILE B 624 69.89 -15.33 -27.46
C ILE B 624 70.89 -15.73 -28.54
N PHE B 625 70.56 -15.46 -29.80
CA PHE B 625 71.49 -15.74 -30.90
C PHE B 625 72.76 -14.94 -30.77
N LEU B 626 72.65 -13.64 -30.45
CA LEU B 626 73.84 -12.82 -30.24
C LEU B 626 74.64 -13.31 -29.05
N THR B 627 73.95 -13.70 -27.97
CA THR B 627 74.65 -14.23 -26.80
C THR B 627 75.42 -15.50 -27.15
N ALA B 628 74.80 -16.40 -27.91
CA ALA B 628 75.46 -17.63 -28.31
C ALA B 628 76.62 -17.35 -29.25
N PHE B 629 76.49 -16.34 -30.11
CA PHE B 629 77.60 -15.93 -30.97
C PHE B 629 78.79 -15.48 -30.14
N VAL B 630 78.53 -14.65 -29.12
CA VAL B 630 79.60 -14.21 -28.22
C VAL B 630 80.22 -15.39 -27.49
N LEU B 631 79.37 -16.30 -27.00
CA LEU B 631 79.86 -17.46 -26.28
C LEU B 631 80.74 -18.34 -27.16
N GLY B 632 80.34 -18.54 -28.42
CA GLY B 632 81.15 -19.35 -29.32
C GLY B 632 82.47 -18.69 -29.67
N VAL B 633 82.45 -17.38 -29.90
CA VAL B 633 83.70 -16.66 -30.14
C VAL B 633 84.62 -16.79 -28.94
N PHE B 634 84.06 -16.71 -27.73
CA PHE B 634 84.87 -16.90 -26.53
C PHE B 634 85.42 -18.31 -26.43
N ILE B 635 84.60 -19.30 -26.79
CA ILE B 635 85.02 -20.69 -26.72
C ILE B 635 86.21 -20.94 -27.65
N LYS B 636 86.11 -20.45 -28.89
CA LYS B 636 87.15 -20.71 -29.87
C LYS B 636 88.48 -20.11 -29.42
N PHE B 637 88.54 -18.80 -29.28
CA PHE B 637 89.77 -18.13 -28.89
C PHE B 637 90.07 -18.39 -27.42
N ARG B 638 91.33 -18.71 -27.14
CA ARG B 638 91.72 -19.03 -25.78
C ARG B 638 92.90 -18.17 -25.32
N ASN B 639 93.84 -17.92 -26.22
CA ASN B 639 95.01 -17.10 -25.92
C ASN B 639 95.17 -15.93 -26.89
N THR B 640 94.08 -15.46 -27.51
CA THR B 640 94.15 -14.29 -28.35
C THR B 640 94.46 -13.05 -27.49
N PRO B 641 95.16 -12.06 -28.04
CA PRO B 641 95.60 -10.93 -27.20
C PRO B 641 94.48 -10.19 -26.51
N ILE B 642 93.34 -9.98 -27.18
CA ILE B 642 92.30 -9.15 -26.57
C ILE B 642 91.65 -9.86 -25.39
N VAL B 643 91.48 -11.18 -25.48
CA VAL B 643 90.93 -11.92 -24.35
C VAL B 643 91.93 -11.96 -23.21
N LYS B 644 93.22 -12.13 -23.52
CA LYS B 644 94.24 -12.11 -22.49
C LYS B 644 94.33 -10.74 -21.82
N ALA B 645 93.95 -9.69 -22.54
CA ALA B 645 94.05 -8.34 -21.99
C ALA B 645 93.16 -8.17 -20.76
N THR B 646 91.89 -8.53 -20.89
CA THR B 646 91.01 -8.54 -19.72
C THR B 646 91.12 -9.88 -19.00
N ASN B 647 90.60 -9.93 -17.79
CA ASN B 647 90.64 -11.17 -17.04
C ASN B 647 89.72 -12.20 -17.68
N ARG B 648 90.28 -13.35 -18.03
CA ARG B 648 89.52 -14.36 -18.76
C ARG B 648 88.36 -14.87 -17.94
N GLU B 649 88.59 -15.19 -16.67
CA GLU B 649 87.52 -15.66 -15.81
C GLU B 649 86.45 -14.60 -15.63
N LEU B 650 86.86 -13.34 -15.45
CA LEU B 650 85.89 -12.27 -15.25
C LEU B 650 85.01 -12.07 -16.49
N SER B 651 85.61 -12.12 -17.68
CA SER B 651 84.82 -11.97 -18.89
C SER B 651 83.88 -13.14 -19.07
N TYR B 652 84.34 -14.35 -18.74
CA TYR B 652 83.45 -15.51 -18.80
C TYR B 652 82.28 -15.34 -17.85
N LEU B 653 82.54 -14.84 -16.64
CA LEU B 653 81.47 -14.58 -15.69
C LEU B 653 80.49 -13.54 -16.24
N LEU B 654 81.01 -12.51 -16.89
CA LEU B 654 80.13 -11.49 -17.47
C LEU B 654 79.24 -12.09 -18.53
N LEU B 655 79.80 -12.94 -19.39
CA LEU B 655 78.99 -13.61 -20.40
C LEU B 655 77.93 -14.49 -19.75
N PHE B 656 78.30 -15.21 -18.70
CA PHE B 656 77.34 -16.06 -17.99
C PHE B 656 76.21 -15.22 -17.40
N SER B 657 76.55 -14.08 -16.81
CA SER B 657 75.53 -13.23 -16.21
C SER B 657 74.61 -12.65 -17.27
N LEU B 658 75.16 -12.29 -18.43
CA LEU B 658 74.32 -11.81 -19.51
C LEU B 658 73.38 -12.89 -20.02
N LEU B 659 73.87 -14.13 -20.12
CA LEU B 659 73.00 -15.24 -20.50
C LEU B 659 71.87 -15.41 -19.49
N CYS B 660 72.21 -15.38 -18.20
CA CYS B 660 71.19 -15.53 -17.17
C CYS B 660 70.23 -14.35 -17.20
N CYS B 661 70.70 -13.17 -17.60
CA CYS B 661 69.81 -12.02 -17.73
C CYS B 661 68.81 -12.21 -18.85
N PHE B 662 69.29 -12.61 -20.03
CA PHE B 662 68.36 -12.90 -21.12
C PHE B 662 67.37 -13.99 -20.72
N SER B 663 67.84 -14.96 -19.94
CA SER B 663 66.92 -16.00 -19.43
C SER B 663 65.88 -15.41 -18.49
N SER B 664 66.30 -14.52 -17.59
CA SER B 664 65.37 -13.89 -16.67
C SER B 664 64.35 -13.05 -17.41
N SER B 665 64.75 -12.47 -18.55
CA SER B 665 63.78 -11.81 -19.41
C SER B 665 62.72 -12.80 -19.88
N LEU B 666 63.15 -13.98 -20.30
CA LEU B 666 62.23 -15.04 -20.69
C LEU B 666 61.43 -15.58 -19.51
N PHE B 667 61.96 -15.45 -18.29
CA PHE B 667 61.32 -16.00 -17.09
C PHE B 667 59.98 -15.36 -16.79
N PHE B 668 59.76 -14.13 -17.24
CA PHE B 668 58.47 -13.46 -17.08
C PHE B 668 57.61 -13.61 -18.33
N ILE B 669 57.21 -14.85 -18.60
CA ILE B 669 56.41 -15.14 -19.79
C ILE B 669 55.30 -16.13 -19.43
N GLY B 670 54.29 -16.21 -20.29
CA GLY B 670 53.21 -17.18 -20.13
C GLY B 670 52.30 -16.93 -18.96
N GLU B 671 51.36 -17.84 -18.74
CA GLU B 671 50.44 -17.70 -17.63
C GLU B 671 51.19 -17.74 -16.31
N PRO B 672 51.01 -16.77 -15.44
CA PRO B 672 51.78 -16.71 -14.19
C PRO B 672 51.46 -17.88 -13.27
N GLN B 673 52.44 -18.19 -12.43
CA GLN B 673 52.31 -19.25 -11.43
C GLN B 673 52.86 -18.73 -10.11
N ASP B 674 52.55 -19.43 -9.02
CA ASP B 674 52.97 -18.98 -7.69
C ASP B 674 54.48 -18.86 -7.60
N TRP B 675 55.20 -19.91 -8.00
CA TRP B 675 56.65 -19.86 -7.97
C TRP B 675 57.19 -18.88 -9.01
N THR B 676 56.53 -18.78 -10.16
CA THR B 676 56.99 -17.87 -11.21
C THR B 676 56.91 -16.42 -10.75
N CYS B 677 55.78 -16.03 -10.18
CA CYS B 677 55.66 -14.70 -9.60
C CYS B 677 56.54 -14.55 -8.37
N ARG B 678 56.85 -15.67 -7.72
CA ARG B 678 57.71 -15.63 -6.54
C ARG B 678 59.15 -15.29 -6.90
N LEU B 679 59.55 -15.53 -8.15
CA LEU B 679 60.95 -15.43 -8.53
C LEU B 679 61.23 -14.49 -9.70
N ARG B 680 60.20 -14.01 -10.41
CA ARG B 680 60.45 -13.20 -11.59
C ARG B 680 61.21 -11.92 -11.25
N GLN B 681 60.94 -11.33 -10.09
CA GLN B 681 61.69 -10.16 -9.68
C GLN B 681 63.07 -10.51 -9.13
N PRO B 682 63.23 -11.51 -8.24
CA PRO B 682 64.59 -11.87 -7.82
C PRO B 682 65.49 -12.30 -8.96
N ALA B 683 64.94 -12.94 -9.99
CA ALA B 683 65.77 -13.38 -11.11
C ALA B 683 66.46 -12.19 -11.78
N PHE B 684 65.68 -11.19 -12.15
CA PHE B 684 66.27 -9.95 -12.68
C PHE B 684 67.31 -9.40 -11.74
N GLY B 685 66.96 -9.23 -10.48
CA GLY B 685 67.86 -8.65 -9.51
C GLY B 685 69.20 -9.35 -9.52
N ILE B 686 69.19 -10.66 -9.25
CA ILE B 686 70.42 -11.41 -9.09
C ILE B 686 71.22 -11.40 -10.38
N SER B 687 70.58 -11.65 -11.53
CA SER B 687 71.33 -11.78 -12.77
C SER B 687 71.94 -10.43 -13.19
N PHE B 688 71.11 -9.39 -13.24
CA PHE B 688 71.64 -8.13 -13.72
C PHE B 688 72.58 -7.49 -12.72
N VAL B 689 72.41 -7.78 -11.42
CA VAL B 689 73.38 -7.30 -10.45
C VAL B 689 74.71 -8.03 -10.63
N LEU B 690 74.68 -9.33 -10.95
CA LEU B 690 75.92 -10.03 -11.22
C LEU B 690 76.64 -9.41 -12.41
N CYS B 691 75.89 -9.13 -13.48
CA CYS B 691 76.51 -8.51 -14.65
C CYS B 691 77.06 -7.12 -14.34
N ILE B 692 76.27 -6.29 -13.66
CA ILE B 692 76.69 -4.92 -13.38
C ILE B 692 77.88 -4.93 -12.44
N SER B 693 77.93 -5.90 -11.51
CA SER B 693 79.06 -5.99 -10.60
C SER B 693 80.32 -6.44 -11.34
N CYS B 694 80.17 -7.32 -12.33
CA CYS B 694 81.34 -7.68 -13.11
C CYS B 694 81.89 -6.50 -13.89
N ILE B 695 81.00 -5.71 -14.50
CA ILE B 695 81.47 -4.51 -15.18
C ILE B 695 82.10 -3.55 -14.19
N LEU B 696 81.53 -3.46 -12.99
CA LEU B 696 82.05 -2.55 -11.97
C LEU B 696 83.44 -2.96 -11.52
N VAL B 697 83.69 -4.27 -11.38
CA VAL B 697 85.01 -4.68 -10.94
C VAL B 697 86.01 -4.57 -12.09
N LYS B 698 85.53 -4.63 -13.33
CA LYS B 698 86.39 -4.23 -14.43
C LYS B 698 86.84 -2.78 -14.25
N THR B 699 85.88 -1.88 -14.02
CA THR B 699 86.21 -0.46 -13.91
C THR B 699 87.08 -0.17 -12.69
N ASN B 700 86.84 -0.87 -11.58
CA ASN B 700 87.59 -0.60 -10.35
C ASN B 700 89.07 -0.92 -10.53
N ARG B 701 89.37 -2.05 -11.20
CA ARG B 701 90.76 -2.37 -11.48
C ARG B 701 91.32 -1.45 -12.56
N VAL B 702 90.48 -1.01 -13.49
CA VAL B 702 90.94 -0.08 -14.51
C VAL B 702 91.41 1.23 -13.89
N LEU B 703 90.63 1.76 -12.93
CA LEU B 703 90.97 3.05 -12.33
C LEU B 703 92.28 2.96 -11.55
N LEU B 704 92.43 1.93 -10.72
CA LEU B 704 93.61 1.77 -9.85
C LEU B 704 93.89 3.02 -9.03
N ASN B 722 93.36 -12.20 -6.25
CA ASN B 722 92.24 -12.09 -7.16
C ASN B 722 91.06 -11.42 -6.47
N LEU B 723 91.20 -10.10 -6.25
CA LEU B 723 90.21 -9.37 -5.46
C LEU B 723 88.92 -9.13 -6.22
N GLN B 724 88.98 -8.88 -7.53
CA GLN B 724 87.80 -8.47 -8.28
C GLN B 724 86.75 -9.59 -8.34
N PHE B 725 87.19 -10.81 -8.62
CA PHE B 725 86.27 -11.94 -8.68
C PHE B 725 85.61 -12.19 -7.33
N LEU B 726 86.40 -12.14 -6.25
CA LEU B 726 85.85 -12.27 -4.91
C LEU B 726 84.89 -11.14 -4.58
N LEU B 727 85.16 -9.93 -5.08
CA LEU B 727 84.25 -8.81 -4.82
C LEU B 727 82.92 -9.02 -5.51
N VAL B 728 82.94 -9.50 -6.76
CA VAL B 728 81.69 -9.84 -7.44
C VAL B 728 80.95 -10.91 -6.66
N PHE B 729 81.68 -11.95 -6.23
CA PHE B 729 81.04 -13.03 -5.50
C PHE B 729 80.43 -12.55 -4.20
N LEU B 730 81.15 -11.67 -3.49
CA LEU B 730 80.65 -11.13 -2.23
C LEU B 730 79.40 -10.29 -2.44
N CYS B 731 79.41 -9.44 -3.47
CA CYS B 731 78.24 -8.59 -3.73
C CYS B 731 77.03 -9.43 -4.09
N THR B 732 77.18 -10.37 -5.01
CA THR B 732 76.05 -11.20 -5.40
C THR B 732 75.62 -12.10 -4.24
N PHE B 733 76.56 -12.52 -3.39
CA PHE B 733 76.20 -13.33 -2.23
C PHE B 733 75.38 -12.52 -1.23
N MET B 734 75.78 -11.28 -0.97
CA MET B 734 75.02 -10.44 -0.05
C MET B 734 73.61 -10.22 -0.59
N GLN B 735 73.51 -9.92 -1.89
CA GLN B 735 72.19 -9.74 -2.48
C GLN B 735 71.37 -11.02 -2.38
N ILE B 736 71.97 -12.18 -2.64
CA ILE B 736 71.21 -13.42 -2.65
C ILE B 736 70.78 -13.81 -1.24
N VAL B 737 71.61 -13.55 -0.23
CA VAL B 737 71.20 -13.80 1.15
C VAL B 737 70.03 -12.89 1.53
N ILE B 738 70.11 -11.60 1.16
CA ILE B 738 68.99 -10.69 1.41
C ILE B 738 67.74 -11.23 0.72
N CYS B 739 67.89 -11.66 -0.52
CA CYS B 739 66.77 -12.14 -1.32
C CYS B 739 66.11 -13.36 -0.69
N VAL B 740 66.91 -14.34 -0.27
CA VAL B 740 66.34 -15.56 0.29
C VAL B 740 65.72 -15.30 1.66
N ILE B 741 66.38 -14.46 2.47
CA ILE B 741 65.84 -14.13 3.78
C ILE B 741 64.48 -13.45 3.65
N TRP B 742 64.38 -12.44 2.79
CA TRP B 742 63.09 -11.80 2.53
C TRP B 742 62.10 -12.70 1.82
N LEU B 743 62.56 -13.61 0.96
CA LEU B 743 61.71 -14.57 0.28
C LEU B 743 61.04 -15.53 1.26
N TYR B 744 61.77 -16.01 2.25
CA TYR B 744 61.17 -16.76 3.35
C TYR B 744 60.32 -15.87 4.24
N THR B 745 60.66 -14.58 4.35
CA THR B 745 59.84 -13.67 5.13
C THR B 745 58.47 -13.45 4.50
N ALA B 746 58.43 -13.19 3.20
CA ALA B 746 57.17 -12.89 2.51
C ALA B 746 57.29 -13.26 1.04
N PRO B 747 56.84 -14.46 0.67
CA PRO B 747 56.96 -14.91 -0.72
C PRO B 747 55.94 -14.22 -1.60
N PRO B 748 56.33 -13.77 -2.80
CA PRO B 748 55.35 -13.28 -3.77
C PRO B 748 54.49 -14.41 -4.28
N SER B 749 53.29 -14.07 -4.75
CA SER B 749 52.35 -15.06 -5.27
C SER B 749 51.62 -14.44 -6.45
N SER B 750 50.62 -15.16 -6.96
CA SER B 750 49.82 -14.73 -8.10
C SER B 750 48.38 -14.55 -7.67
N TYR B 751 47.80 -13.41 -8.02
CA TYR B 751 46.43 -13.06 -7.68
C TYR B 751 45.61 -12.85 -8.94
N ARG B 752 44.42 -13.45 -8.98
CA ARG B 752 43.52 -13.32 -10.13
C ARG B 752 42.54 -12.19 -9.83
N ASN B 753 43.03 -10.96 -9.98
CA ASN B 753 42.28 -9.77 -9.64
C ASN B 753 41.08 -9.62 -10.55
N GLN B 754 39.88 -9.85 -10.01
CA GLN B 754 38.66 -9.59 -10.77
C GLN B 754 38.30 -8.11 -10.75
N GLU B 755 38.55 -7.44 -9.63
CA GLU B 755 38.09 -6.06 -9.46
C GLU B 755 39.02 -5.09 -10.17
N LEU B 756 39.13 -5.25 -11.50
CA LEU B 756 39.81 -4.27 -12.33
C LEU B 756 38.88 -3.87 -13.46
N GLU B 757 38.09 -4.82 -13.94
CA GLU B 757 37.07 -4.60 -14.96
C GLU B 757 36.16 -5.81 -14.96
N ASP B 758 34.85 -5.57 -14.99
CA ASP B 758 33.90 -6.66 -14.79
C ASP B 758 33.99 -7.70 -15.90
N GLU B 759 34.12 -7.25 -17.15
CA GLU B 759 34.13 -8.20 -18.27
C GLU B 759 35.39 -9.06 -18.26
N ILE B 760 36.54 -8.49 -17.95
CA ILE B 760 37.83 -9.15 -18.14
C ILE B 760 38.54 -9.26 -16.81
N ILE B 761 39.03 -10.46 -16.49
CA ILE B 761 39.78 -10.71 -15.27
C ILE B 761 41.25 -10.90 -15.62
N PHE B 762 42.13 -10.29 -14.81
CA PHE B 762 43.56 -10.36 -15.02
C PHE B 762 44.20 -11.18 -13.91
N ILE B 763 45.08 -12.11 -14.28
CA ILE B 763 45.85 -12.88 -13.31
C ILE B 763 47.25 -12.29 -13.26
N THR B 764 47.51 -11.44 -12.27
CA THR B 764 48.79 -10.77 -12.13
C THR B 764 49.54 -11.38 -10.96
N CYS B 765 50.69 -10.77 -10.63
CA CYS B 765 51.51 -11.21 -9.52
C CYS B 765 51.63 -10.08 -8.51
N HIS B 766 51.70 -10.45 -7.23
CA HIS B 766 51.88 -9.51 -6.15
C HIS B 766 53.02 -9.98 -5.27
N GLU B 767 53.83 -9.01 -4.81
CA GLU B 767 55.03 -9.33 -4.07
C GLU B 767 54.74 -9.40 -2.57
N GLY B 768 55.71 -9.93 -1.83
CA GLY B 768 55.58 -9.96 -0.38
C GLY B 768 55.63 -8.57 0.23
N SER B 769 56.46 -7.69 -0.33
CA SER B 769 56.62 -6.33 0.16
C SER B 769 57.08 -5.44 -0.97
N LEU B 770 56.30 -4.40 -1.25
CA LEU B 770 56.64 -3.48 -2.34
C LEU B 770 57.97 -2.78 -2.06
N MET B 771 58.18 -2.34 -0.83
CA MET B 771 59.42 -1.65 -0.49
C MET B 771 60.62 -2.58 -0.62
N ALA B 772 60.42 -3.88 -0.39
CA ALA B 772 61.54 -4.81 -0.52
C ALA B 772 61.94 -5.01 -1.98
N LEU B 773 60.98 -5.07 -2.89
CA LEU B 773 61.31 -5.08 -4.31
C LEU B 773 61.94 -3.76 -4.73
N GLY B 774 61.48 -2.66 -4.14
CA GLY B 774 62.15 -1.39 -4.33
C GLY B 774 63.61 -1.45 -3.90
N PHE B 775 63.89 -2.16 -2.81
CA PHE B 775 65.26 -2.35 -2.36
C PHE B 775 66.13 -2.99 -3.44
N LEU B 776 65.62 -4.05 -4.07
CA LEU B 776 66.42 -4.76 -5.07
C LEU B 776 66.61 -3.92 -6.34
N ILE B 777 65.54 -3.27 -6.79
CA ILE B 777 65.69 -2.46 -8.01
C ILE B 777 66.59 -1.27 -7.74
N GLY B 778 66.51 -0.70 -6.55
CA GLY B 778 67.40 0.39 -6.15
C GLY B 778 68.83 -0.06 -6.01
N TYR B 779 69.05 -1.29 -5.55
CA TYR B 779 70.38 -1.87 -5.47
C TYR B 779 70.98 -1.97 -6.86
N THR B 780 70.20 -2.51 -7.80
CA THR B 780 70.68 -2.60 -9.18
C THR B 780 70.97 -1.23 -9.76
N CYS B 781 70.07 -0.28 -9.55
CA CYS B 781 70.26 1.07 -10.08
C CYS B 781 71.48 1.74 -9.45
N LEU B 782 71.70 1.53 -8.15
CA LEU B 782 72.84 2.13 -7.47
C LEU B 782 74.14 1.56 -8.00
N LEU B 783 74.21 0.25 -8.19
CA LEU B 783 75.43 -0.34 -8.75
C LEU B 783 75.67 0.15 -10.17
N ALA B 784 74.60 0.29 -10.95
CA ALA B 784 74.74 0.87 -12.28
C ALA B 784 75.26 2.30 -12.23
N ALA B 785 74.78 3.08 -11.27
CA ALA B 785 75.25 4.46 -11.12
C ALA B 785 76.72 4.48 -10.73
N ILE B 786 77.15 3.58 -9.84
CA ILE B 786 78.55 3.53 -9.46
C ILE B 786 79.41 3.19 -10.68
N CYS B 787 78.96 2.22 -11.48
CA CYS B 787 79.73 1.86 -12.67
C CYS B 787 79.80 3.02 -13.66
N PHE B 788 78.67 3.70 -13.87
CA PHE B 788 78.65 4.83 -14.80
C PHE B 788 79.55 5.95 -14.31
N PHE B 789 79.59 6.18 -13.00
CA PHE B 789 80.47 7.19 -12.44
C PHE B 789 81.94 6.81 -12.62
N PHE B 790 82.28 5.56 -12.31
CA PHE B 790 83.66 5.11 -12.41
C PHE B 790 84.15 5.17 -13.86
N ALA B 791 83.23 4.99 -14.82
CA ALA B 791 83.59 5.12 -16.22
C ALA B 791 83.30 6.51 -16.78
N PHE B 792 82.79 7.43 -15.96
CA PHE B 792 82.33 8.72 -16.49
C PHE B 792 83.49 9.68 -16.67
N LYS B 793 84.19 10.00 -15.58
CA LYS B 793 85.38 10.85 -15.68
C LYS B 793 86.49 10.15 -16.45
N SER B 794 86.51 8.81 -16.40
CA SER B 794 87.55 8.05 -17.09
C SER B 794 87.21 7.78 -18.56
N ARG B 795 86.13 8.40 -19.08
CA ARG B 795 85.74 8.27 -20.48
C ARG B 795 86.91 8.57 -21.41
N LYS B 796 87.68 9.60 -21.08
CA LYS B 796 88.80 10.03 -21.91
C LYS B 796 89.90 8.99 -21.98
N LEU B 797 90.24 8.34 -20.86
CA LEU B 797 91.42 7.49 -20.81
C LEU B 797 91.20 6.20 -21.60
N PRO B 798 92.02 5.95 -22.62
CA PRO B 798 91.95 4.66 -23.33
C PRO B 798 92.78 3.58 -22.67
N GLU B 799 92.13 2.51 -22.23
CA GLU B 799 92.81 1.33 -21.71
C GLU B 799 92.02 0.10 -22.12
N ASN B 800 92.72 -0.97 -22.46
CA ASN B 800 92.09 -2.22 -22.90
C ASN B 800 91.18 -1.97 -24.09
N PHE B 801 91.79 -1.55 -25.20
CA PHE B 801 91.10 -1.22 -26.45
C PHE B 801 90.00 -0.17 -26.25
N ASN B 802 90.26 0.85 -25.44
CA ASN B 802 89.31 1.91 -25.14
C ASN B 802 88.01 1.35 -24.59
N GLU B 803 88.12 0.42 -23.64
CA GLU B 803 86.92 -0.20 -23.07
C GLU B 803 86.07 0.82 -22.31
N ALA B 804 86.70 1.78 -21.65
CA ALA B 804 85.99 2.66 -20.74
C ALA B 804 84.91 3.47 -21.47
N LYS B 805 85.21 3.91 -22.69
CA LYS B 805 84.21 4.67 -23.45
C LYS B 805 82.96 3.83 -23.71
N PHE B 806 83.14 2.59 -24.12
CA PHE B 806 82.00 1.71 -24.35
C PHE B 806 81.29 1.37 -23.05
N ILE B 807 82.03 1.29 -21.94
CA ILE B 807 81.40 1.05 -20.65
C ILE B 807 80.46 2.20 -20.31
N THR B 808 80.93 3.43 -20.48
CA THR B 808 80.10 4.60 -20.23
C THR B 808 78.89 4.60 -21.15
N PHE B 809 79.11 4.28 -22.44
CA PHE B 809 78.01 4.27 -23.39
C PHE B 809 76.96 3.24 -23.02
N SER B 810 77.39 2.04 -22.59
CA SER B 810 76.45 0.99 -22.23
C SER B 810 75.70 1.31 -20.95
N MET B 811 76.39 1.87 -19.95
CA MET B 811 75.70 2.30 -18.75
C MET B 811 74.67 3.38 -19.04
N LEU B 812 74.98 4.29 -19.95
CA LEU B 812 73.98 5.24 -20.43
C LEU B 812 72.77 4.55 -21.02
N ILE B 813 72.96 3.51 -21.82
CA ILE B 813 71.85 2.79 -22.43
C ILE B 813 70.99 2.18 -21.34
N PHE B 814 71.64 1.53 -20.37
CA PHE B 814 70.87 0.92 -19.29
C PHE B 814 70.06 1.95 -18.51
N PHE B 815 70.68 3.06 -18.13
CA PHE B 815 69.98 4.05 -17.33
C PHE B 815 68.84 4.68 -18.13
N ILE B 816 69.06 4.93 -19.42
CA ILE B 816 68.02 5.45 -20.29
C ILE B 816 66.85 4.48 -20.35
N VAL B 817 67.14 3.19 -20.50
CA VAL B 817 66.06 2.20 -20.57
C VAL B 817 65.27 2.17 -19.27
N TRP B 818 65.95 2.33 -18.13
CA TRP B 818 65.23 2.30 -16.86
C TRP B 818 64.30 3.50 -16.74
N ILE B 819 64.83 4.71 -16.97
CA ILE B 819 63.99 5.91 -16.93
C ILE B 819 62.94 5.88 -18.04
N SER B 820 63.15 5.03 -19.05
CA SER B 820 62.21 4.99 -20.17
C SER B 820 61.05 4.06 -19.88
N PHE B 821 61.30 2.93 -19.20
CA PHE B 821 60.20 2.00 -19.02
C PHE B 821 59.40 2.36 -17.78
N ILE B 822 60.00 3.07 -16.81
CA ILE B 822 59.21 3.40 -15.63
C ILE B 822 57.97 4.22 -15.99
N PRO B 823 58.02 5.23 -16.87
CA PRO B 823 56.76 5.87 -17.28
C PRO B 823 55.90 4.97 -18.15
N ALA B 824 56.53 4.13 -18.98
CA ALA B 824 55.81 3.12 -19.73
C ALA B 824 55.17 2.09 -18.83
N TYR B 825 55.85 1.68 -17.76
CA TYR B 825 55.22 0.79 -16.79
C TYR B 825 54.03 1.47 -16.12
N ALA B 826 54.14 2.78 -15.86
CA ALA B 826 53.05 3.48 -15.20
C ALA B 826 51.84 3.68 -16.11
N SER B 827 52.02 4.39 -17.23
CA SER B 827 50.91 4.85 -18.06
C SER B 827 50.10 3.70 -18.65
N THR B 828 50.72 2.89 -19.51
CA THR B 828 49.99 1.83 -20.19
C THR B 828 49.91 0.55 -19.35
N TYR B 829 49.43 0.69 -18.11
CA TYR B 829 49.34 -0.41 -17.14
C TYR B 829 48.54 -1.55 -17.80
N GLY B 830 47.23 -1.40 -17.98
CA GLY B 830 46.42 -2.37 -18.71
C GLY B 830 46.80 -3.83 -18.53
N LYS B 831 46.83 -4.57 -19.63
CA LYS B 831 47.35 -5.94 -19.65
C LYS B 831 48.85 -5.96 -19.87
N PHE B 832 49.36 -5.00 -20.63
CA PHE B 832 50.70 -5.07 -21.18
C PHE B 832 51.81 -4.85 -20.15
N VAL B 833 51.46 -4.76 -18.87
CA VAL B 833 52.50 -4.70 -17.84
C VAL B 833 53.49 -5.84 -18.03
N SER B 834 53.01 -7.07 -17.95
CA SER B 834 53.86 -8.23 -18.17
C SER B 834 54.52 -8.18 -19.55
N ALA B 835 53.91 -7.48 -20.50
CA ALA B 835 54.56 -7.18 -21.76
C ALA B 835 55.66 -6.14 -21.59
N VAL B 836 55.30 -4.94 -21.13
CA VAL B 836 56.22 -3.81 -21.18
C VAL B 836 57.49 -4.12 -20.41
N GLU B 837 57.35 -4.65 -19.19
CA GLU B 837 58.51 -4.96 -18.38
C GLU B 837 59.51 -5.81 -19.17
N VAL B 838 59.01 -6.84 -19.86
CA VAL B 838 59.93 -7.69 -20.61
C VAL B 838 60.61 -6.89 -21.71
N ILE B 839 59.85 -6.11 -22.47
CA ILE B 839 60.47 -5.35 -23.56
C ILE B 839 61.46 -4.33 -23.00
N ALA B 840 61.37 -4.08 -21.69
CA ALA B 840 62.44 -3.33 -21.03
C ALA B 840 63.62 -4.24 -20.70
N ILE B 841 63.37 -5.27 -19.88
CA ILE B 841 64.47 -6.07 -19.34
C ILE B 841 65.24 -6.75 -20.45
N LEU B 842 64.60 -6.99 -21.59
CA LEU B 842 65.33 -7.54 -22.73
C LEU B 842 66.15 -6.46 -23.40
N ALA B 843 65.52 -5.34 -23.73
CA ALA B 843 66.21 -4.29 -24.48
C ALA B 843 67.43 -3.78 -23.72
N ALA B 844 67.28 -3.53 -22.42
CA ALA B 844 68.44 -3.16 -21.62
C ALA B 844 69.52 -4.22 -21.72
N SER B 845 69.14 -5.48 -21.58
CA SER B 845 70.10 -6.56 -21.83
C SER B 845 70.66 -6.44 -23.24
N PHE B 846 69.77 -6.26 -24.22
CA PHE B 846 70.18 -6.11 -25.61
C PHE B 846 71.15 -4.95 -25.76
N GLY B 847 71.08 -3.99 -24.84
CA GLY B 847 72.09 -2.96 -24.80
C GLY B 847 73.42 -3.51 -24.36
N LEU B 848 73.49 -3.97 -23.11
CA LEU B 848 74.78 -4.27 -22.49
C LEU B 848 75.56 -5.28 -23.29
N LEU B 849 74.97 -6.46 -23.50
CA LEU B 849 75.67 -7.53 -24.20
C LEU B 849 76.15 -7.06 -25.56
N ALA B 850 75.41 -6.13 -26.17
CA ALA B 850 75.93 -5.53 -27.40
C ALA B 850 77.20 -4.76 -27.10
N CYS B 851 77.06 -3.66 -26.34
CA CYS B 851 78.12 -2.66 -26.27
C CYS B 851 79.43 -3.26 -25.78
N ILE B 852 79.44 -3.73 -24.53
CA ILE B 852 80.67 -4.19 -23.90
C ILE B 852 81.31 -5.31 -24.72
N PHE B 853 80.54 -5.91 -25.63
CA PHE B 853 81.13 -6.94 -26.46
C PHE B 853 81.32 -6.50 -27.90
N PHE B 854 80.42 -5.67 -28.42
CA PHE B 854 80.38 -5.41 -29.86
C PHE B 854 81.72 -4.92 -30.37
N ASN B 855 82.31 -3.94 -29.69
CA ASN B 855 83.61 -3.41 -30.08
C ASN B 855 84.63 -4.52 -30.25
N LYS B 856 84.72 -5.41 -29.26
CA LYS B 856 85.74 -6.46 -29.32
C LYS B 856 85.50 -7.39 -30.50
N ILE B 857 84.25 -7.60 -30.87
CA ILE B 857 83.96 -8.40 -32.06
C ILE B 857 84.45 -7.68 -33.31
N TYR B 858 84.21 -6.36 -33.38
CA TYR B 858 84.40 -5.61 -34.62
C TYR B 858 85.80 -5.77 -35.18
N ILE B 859 86.80 -5.95 -34.32
CA ILE B 859 88.18 -6.09 -34.77
C ILE B 859 88.59 -7.55 -34.88
N ILE B 860 88.00 -8.43 -34.08
CA ILE B 860 88.44 -9.82 -34.01
C ILE B 860 87.46 -10.77 -34.67
N LEU B 861 86.23 -10.35 -34.95
CA LEU B 861 85.22 -11.18 -35.60
C LEU B 861 85.00 -12.49 -34.86
C1 YP1 C . 55.73 25.25 -11.52
O2 YP1 C . 51.09 25.53 -9.53
C2 YP1 C . 55.33 25.55 -10.06
C14 YP1 C . 57.89 27.20 -7.72
C3 YP1 C . 55.62 24.38 -9.13
C4 YP1 C . 56.18 26.84 -9.65
C5 YP1 C . 57.57 26.68 -8.99
C6 YP1 C . 58.60 26.03 -9.66
C7 YP1 C . 59.91 25.85 -9.13
C8 YP1 C . 60.97 25.17 -9.81
C10 YP1 C . 62.48 25.56 -7.97
C13 YP1 C . 59.14 27.05 -7.17
C11 YP1 C . 61.49 26.21 -7.29
C12 YP1 C . 60.19 26.37 -7.85
C15 YP1 C . 53.03 24.46 -10.49
CL1 YP1 C . 48.63 17.71 -11.57
N1 YP1 C . 51.96 18.97 -11.08
O1 YP1 C . 50.83 22.39 -11.38
N2 YP1 C . 53.80 25.70 -10.03
C9 YP1 C . 62.21 25.03 -9.26
C16 YP1 C . 51.58 24.27 -9.83
C17 YP1 C . 50.54 23.70 -10.91
C18 YP1 C . 49.70 21.60 -11.54
C19 YP1 C . 49.76 20.19 -11.48
C20 YP1 C . 48.61 19.42 -11.64
C21 YP1 C . 47.37 20.00 -11.86
C22 YP1 C . 47.31 21.39 -11.91
C23 YP1 C . 48.45 22.19 -11.76
C24 YP1 C . 50.96 19.53 -11.27
C1 YP1 D . 61.18 -3.82 -10.59
O2 YP1 D . 56.56 -5.85 -11.01
C2 YP1 D . 60.49 -4.35 -11.85
C14 YP1 D . 62.59 -5.16 -14.98
C3 YP1 D . 60.04 -3.21 -12.78
C4 YP1 D . 61.56 -5.27 -12.59
C5 YP1 D . 62.53 -4.69 -13.64
C6 YP1 D . 63.41 -3.68 -13.30
C7 YP1 D . 64.33 -3.09 -14.22
C8 YP1 D . 65.24 -2.04 -13.87
C10 YP1 D . 66.14 -2.01 -16.11
C13 YP1 D . 63.46 -4.62 -15.88
C11 YP1 D . 65.29 -3.01 -16.47
C12 YP1 D . 64.37 -3.57 -15.53
C15 YP1 D . 58.21 -4.09 -10.68
CL1 YP1 D . 52.29 0.77 -7.92
N1 YP1 D . 55.52 0.71 -9.51
O1 YP1 D . 55.82 -2.85 -9.03
N2 YP1 D . 59.18 -5.01 -11.41
C9 YP1 D . 66.12 -1.52 -14.79
C16 YP1 D . 56.66 -4.47 -10.83
C17 YP1 D . 55.87 -4.22 -9.46
C18 YP1 D . 54.58 -2.50 -8.49
C19 YP1 D . 54.14 -1.18 -8.50
C20 YP1 D . 52.90 -0.84 -7.94
C21 YP1 D . 52.07 -1.79 -7.37
C22 YP1 D . 52.53 -3.11 -7.37
C23 YP1 D . 53.76 -3.47 -7.91
C24 YP1 D . 54.88 -0.15 -9.06
#